data_7NIR
#
_entry.id   7NIR
#
_cell.length_a   1.00
_cell.length_b   1.00
_cell.length_c   1.00
_cell.angle_alpha   90.00
_cell.angle_beta   90.00
_cell.angle_gamma   90.00
#
_symmetry.space_group_name_H-M   'P 1'
#
loop_
_entity.id
_entity.type
_entity.pdbx_description
1 polymer 'Polymerase acidic protein'
2 polymer 'RNA-directed RNA polymerase catalytic subunit'
3 polymer 'Polymerase basic protein 2,Immunoglobulin G-binding protein A'
4 polymer "RNA (5'-R(P*GP*GP*CP*CP*UP*GP*CP*U)-3')"
5 polymer "RNA (5'-R(P*AP*GP*UP*AP*GP*AP*AP*AP*CP*AP*AP*GP*GP*CP*C)-3')"
6 polymer 'Nanobody8191 core'
#
loop_
_entity_poly.entity_id
_entity_poly.type
_entity_poly.pdbx_seq_one_letter_code
_entity_poly.pdbx_strand_id
1 'polypeptide(L)'
;MEDFVRQCFNPMIVELAEKAMKEYGEDLKIETNKFAAICTHLEVCFMYSDFHFINERGESIIVESGDPNALLKHRFEIIE
GRDRTMAWTVVNSICNTTGAEKPKFLPDLYDYKENRFIEIGVTRREVHIYYLEKANKIKSEKTHIHIFSFTGEEMATKAD
YTLDEESRARIKTRLFTIRQEMASRGLWDSFRQSERGEETIEERFEITGTMRRLADQSLPPNFSSLENFRAYVDGFEPNG
YIEGKLSQMSKEVNARIEPFLKTTPRPLRLPDGPPCSQRSKFLLMDALKLSIEDPSHEGEGIPLYDAIKCMRTFFGWKEP
NVVKPHEKGINPNYLLAWKQVLAELQDIENEEKIPKTKNMKKTSQLKWALGENMAPEKVDFDDCKDVSDLKQYDSDEPEL
RSLASWIQSEFNKACELTDSSWIELDEIGEDVAPIEHIASMRRNYFTAEVSHCRATEYIMKGVYINTALLNASCAAMDDF
QLIPMISKCRTKEGRRKTNLYGFIIKGRSHLRNDTDVVNFVSMEFSLTDPRLEPHKWEKYCVLEIGDMLLRSAIGQVSRP
MFLYVRTNGTSKIKMKWGMEMRRCLLQSLQQIESMIEAESSVKEKDMTKEFFENKSETWPIGESPKGVEEGSIGKVCRTL
LAKSVFNSLYASPQLEGFSAESRKLLLIVQALRDNLEPGTFDLGGLYEAIEECLINDPWVLLNASWFNSFLTHALR
;
A
2 'polypeptide(L)'
;MDVNPTLLFLKVPAQNAISTTFPYTGDPPYSHGTGTGYTMDTVNRTHQYSEKGRWTTNTETGAPQLNPIDGPLPEDNEPS
GYAQTDCVLEAMAFLEESHPGIFENSCLETMEVVQQTRVDKLTQGRQTYDWTLNRNQPAATALANTIEVFRSNGLTANES
GRLIDFLKDVMESMDKEEMEITTHFQRKRRVRDNMTKKMVTQRTIGKKKQRLNKRSYLIRALTLNTMTKDAERGKLKRRA
IATPGMQIRGFVYFVETLARSICEKLEQSGLPVGGNEKKAKLANVVRKMMTNSQDTELSFTITGDNTKWNENQNPRMFLA
MITYITRNQPEWFRNVLSIAPIMFSNKMARLGKGYMFESKSMKLRTQIPAEMLASIDLKYFNDSTRKKIEKIRPLLIDGT
ASLSPGMMMGMFNMLSTVLGVSILNLGQKRYTKTTYWWDGLQSSDDFALIVNAPNHEGIQAGVDRFYRTCKLLGINMSKK
KSYINRTGTFEFTSFFYRYGFVANFSMELPSFGVSGINESADMSIGVTVIKNNMINNDLGPATAQMALQLFIKDYRYTYR
CHRGDTQIQTRRSFEIKKLWEQTRSKAGLLVSDGGPNLYNIRNLHIPEVCLKWELMDEDYQGRLCNPLNPFVSHKEIESV
NNAVMMPAHGPAKNMEYDAVATTHSWIPKRNRSILNTSQRGILEDEQMYQKCCNLFEKFFPSSSYRRPVGISSMVEAMVS
RARIDARIDFESGRIKKEEFAEIMKICSTIEELRRQK
;
B
3 'polypeptide(L)'
;MERIKELRDLMSQSRTREILTKTTVDHMAIIKKYTSGRQEKNPALRMKWMMAMKYPITADKRIMEMIPERNEQGQTLWSK
TNDAGSDRVMVSPLAVTWWNRNGPTTSAVHYPKIYKTYFEKVERLKHGTFGPVHFRNQVKIRRRVDINPGHADLSAKEAQ
DVIMEVVFPNEVGARILTSESQLTITKEKKEELQDCKISPLMVAYMLERELVRKTRFLPVAGGTSSVYIEVLHLTQGTCW
EQMYTPGGEVRNDDVDQSLIIAARNIVRRATVSADPLASLLEMCHSTQIGGIRMVDILRQNPTEEQAVDICKAAMGLRIS
SSFSFGGFTFKRTSGSSVKREEEVLTGNLQTLKIRVHEGYEEFTMVGRRATAILRKATRRLIQLIVSGRDEQSIAEAIIV
AMVFSQEDCMIKAVRGDLNFVNRANQRLNPMHQLLRHFQKDAKVLFQNWGIEPIDNVMGMIGILPDMTPSTEMSMRGVRV
SKMGVDEYSSTERVVVSIDRFLRVRDQRGNVLLSPEEVSETQGTEKLTITYSSSMMWEVNGPESVLVNTYQWIIRNWETV
KIQWSQNPTMLYNKMEFEPFQSLVPKAARGQYSGFVRTLFQQMRDVLGTFDTVQIIKLLPFAAAPPKQSRMQFSSLTVNV
RGSGMRILVRGNSPVFNYNKATKRLTVLGKDAGALTEDPDEGTAGVESAVLRGFLILGKEDRRYGPALSINELSNLAKGE
KANVLIGQGDVVLVMKRKRDSSILTDSQTATKRIRMAINENLYFQGELKTAALAQHDEAVDNKFNKEQQNAFYEILHLPN
LNEEQRNAFIQSLKDDPSQSANLLAEAKKLNDAQAPKVDNKFNKEQQNAFYEILHLPNLNEEQRNAFIQSLKADPSQSAN
LLAEAKKLNGAQAPKVDANSAGKST
;
C
4 'polyribonucleotide' GGCCUGCUUUUGCUAUU E
5 'polyribonucleotide' AGUAGAAACAAGGCC D
6 'polypeptide(L)'
;QVQLQESGGGLVQPGGSLRLSCTASESVASINIVGWYRQISGKERELVARISSGGTITDYSDSVKGRFTITRDNTKNTVY
LQMNSLKRGDTAVYYCNAEYQYGSDWFHIWGQGTQVTVSSHHHHHHEPEA
;
F
#
loop_
_chem_comp.id
_chem_comp.type
_chem_comp.name
_chem_comp.formula
A RNA linking ADENOSINE-5'-MONOPHOSPHATE 'C10 H14 N5 O7 P'
C RNA linking CYTIDINE-5'-MONOPHOSPHATE 'C9 H14 N3 O8 P'
G RNA linking GUANOSINE-5'-MONOPHOSPHATE 'C10 H14 N5 O8 P'
U RNA linking URIDINE-5'-MONOPHOSPHATE 'C9 H13 N2 O9 P'
#
# COMPACT_ATOMS: atom_id res chain seq x y z
N MET A 1 -14.69 56.11 -21.87
CA MET A 1 -15.87 56.06 -20.97
C MET A 1 -15.45 55.75 -19.53
N GLU A 2 -14.39 54.94 -19.40
CA GLU A 2 -13.87 54.58 -18.09
C GLU A 2 -13.41 55.79 -17.27
N ASP A 3 -13.12 56.91 -17.94
CA ASP A 3 -12.75 58.11 -17.20
C ASP A 3 -13.86 58.53 -16.24
N PHE A 4 -15.12 58.27 -16.60
CA PHE A 4 -16.23 58.60 -15.71
C PHE A 4 -16.15 57.85 -14.40
N VAL A 5 -15.85 56.55 -14.44
CA VAL A 5 -15.72 55.77 -13.21
C VAL A 5 -14.41 56.06 -12.50
N ARG A 6 -13.39 56.54 -13.22
CA ARG A 6 -12.23 57.12 -12.55
C ARG A 6 -12.64 58.33 -11.71
N GLN A 7 -13.48 59.20 -12.27
CA GLN A 7 -13.75 60.49 -11.65
C GLN A 7 -14.75 60.37 -10.50
N CYS A 8 -15.97 59.92 -10.80
CA CYS A 8 -17.08 60.15 -9.88
C CYS A 8 -17.08 59.18 -8.70
N PHE A 9 -17.23 57.89 -8.99
CA PHE A 9 -17.57 56.93 -7.94
C PHE A 9 -16.41 56.70 -6.99
N ASN A 10 -16.76 56.34 -5.75
CA ASN A 10 -15.79 56.14 -4.70
C ASN A 10 -14.98 54.87 -4.95
N PRO A 11 -13.82 54.74 -4.30
CA PRO A 11 -13.01 53.52 -4.50
C PRO A 11 -13.78 52.25 -4.19
N MET A 12 -14.34 52.15 -2.99
CA MET A 12 -15.04 50.94 -2.55
C MET A 12 -15.87 50.33 -3.69
N ILE A 13 -16.72 51.15 -4.32
CA ILE A 13 -17.58 50.59 -5.36
C ILE A 13 -16.79 50.18 -6.60
N VAL A 14 -15.74 50.95 -6.95
CA VAL A 14 -15.04 50.62 -8.19
C VAL A 14 -14.29 49.30 -8.05
N GLU A 15 -13.65 49.05 -6.90
CA GLU A 15 -13.02 47.74 -6.76
C GLU A 15 -14.03 46.63 -6.54
N LEU A 16 -15.18 46.90 -5.91
CA LEU A 16 -16.22 45.87 -5.86
C LEU A 16 -16.66 45.49 -7.27
N ALA A 17 -16.87 46.48 -8.13
CA ALA A 17 -17.26 46.21 -9.51
C ALA A 17 -16.13 45.55 -10.28
N GLU A 18 -14.87 45.86 -9.97
CA GLU A 18 -13.76 45.19 -10.64
C GLU A 18 -13.67 43.73 -10.27
N LYS A 19 -13.91 43.38 -9.00
CA LYS A 19 -13.96 41.98 -8.64
C LYS A 19 -15.17 41.27 -9.23
N ALA A 20 -16.32 41.95 -9.31
CA ALA A 20 -17.45 41.37 -10.03
C ALA A 20 -17.12 41.19 -11.50
N MET A 21 -16.28 42.05 -12.04
CA MET A 21 -15.82 41.93 -13.42
C MET A 21 -14.98 40.67 -13.59
N LYS A 22 -14.02 40.47 -12.68
CA LYS A 22 -13.22 39.25 -12.68
C LYS A 22 -14.06 38.00 -12.44
N GLU A 23 -15.19 38.12 -11.76
CA GLU A 23 -16.02 36.97 -11.41
C GLU A 23 -16.31 36.08 -12.61
N TYR A 24 -16.95 36.62 -13.64
CA TYR A 24 -17.37 35.83 -14.79
C TYR A 24 -16.33 35.79 -15.90
N GLY A 25 -15.16 36.38 -15.69
CA GLY A 25 -14.01 36.10 -16.54
C GLY A 25 -13.93 36.85 -17.85
N GLU A 26 -14.70 37.92 -18.03
CA GLU A 26 -14.57 38.73 -19.25
C GLU A 26 -13.73 39.96 -18.96
N ASP A 27 -13.10 40.49 -20.00
CA ASP A 27 -12.13 41.57 -19.87
C ASP A 27 -12.80 42.92 -20.00
N LEU A 28 -12.30 43.89 -19.23
CA LEU A 28 -12.93 45.20 -19.14
C LEU A 28 -12.58 46.12 -20.31
N LYS A 29 -11.51 45.82 -21.04
CA LYS A 29 -11.08 46.72 -22.12
C LYS A 29 -11.99 46.62 -23.34
N ILE A 30 -12.64 45.48 -23.54
CA ILE A 30 -13.47 45.30 -24.73
C ILE A 30 -14.83 45.98 -24.60
N GLU A 31 -15.48 45.86 -23.44
CA GLU A 31 -16.80 46.46 -23.25
C GLU A 31 -16.88 46.96 -21.81
N THR A 32 -16.89 48.29 -21.64
CA THR A 32 -16.89 48.91 -20.33
C THR A 32 -18.25 49.43 -19.90
N ASN A 33 -19.17 49.65 -20.84
CA ASN A 33 -20.50 50.18 -20.46
C ASN A 33 -21.18 49.26 -19.46
N LYS A 34 -20.95 47.95 -19.54
CA LYS A 34 -21.49 47.04 -18.55
C LYS A 34 -20.94 47.37 -17.17
N PHE A 35 -19.65 47.68 -17.10
CA PHE A 35 -19.04 48.04 -15.82
C PHE A 35 -19.75 49.24 -15.21
N ALA A 36 -19.95 50.29 -16.00
CA ALA A 36 -20.62 51.48 -15.49
C ALA A 36 -22.06 51.18 -15.08
N ALA A 37 -22.79 50.44 -15.91
CA ALA A 37 -24.19 50.17 -15.62
C ALA A 37 -24.34 49.38 -14.32
N ILE A 38 -23.57 48.30 -14.18
CA ILE A 38 -23.69 47.48 -12.98
C ILE A 38 -23.10 48.17 -11.76
N CYS A 39 -22.11 49.06 -11.93
CA CYS A 39 -21.61 49.80 -10.78
C CYS A 39 -22.63 50.82 -10.31
N THR A 40 -23.38 51.42 -11.25
CA THR A 40 -24.49 52.28 -10.85
C THR A 40 -25.60 51.48 -10.16
N HIS A 41 -25.87 50.27 -10.64
CA HIS A 41 -26.81 49.39 -9.95
C HIS A 41 -26.33 49.13 -8.52
N LEU A 42 -25.05 48.82 -8.37
CA LEU A 42 -24.49 48.57 -7.04
C LEU A 42 -24.55 49.82 -6.17
N GLU A 43 -24.31 50.99 -6.76
CA GLU A 43 -24.38 52.24 -6.02
C GLU A 43 -25.78 52.51 -5.51
N VAL A 44 -26.79 52.30 -6.37
CA VAL A 44 -28.16 52.50 -5.90
C VAL A 44 -28.48 51.48 -4.82
N CYS A 45 -27.95 50.27 -4.95
CA CYS A 45 -28.15 49.28 -3.89
C CYS A 45 -27.61 49.80 -2.56
N PHE A 46 -26.36 50.27 -2.53
CA PHE A 46 -25.85 50.85 -1.28
C PHE A 46 -26.72 51.99 -0.81
N MET A 47 -26.85 53.03 -1.64
CA MET A 47 -27.47 54.27 -1.21
C MET A 47 -28.92 54.03 -0.76
N TYR A 48 -29.54 52.96 -1.25
CA TYR A 48 -30.87 52.55 -0.85
C TYR A 48 -30.86 51.77 0.45
N SER A 49 -29.78 51.02 0.69
CA SER A 49 -29.69 50.20 1.90
C SER A 49 -29.16 51.01 3.09
N ASP A 50 -28.04 51.72 2.89
CA ASP A 50 -27.44 52.46 3.98
C ASP A 50 -28.35 53.60 4.43
N PHE A 51 -27.95 54.25 5.53
CA PHE A 51 -28.69 55.38 6.08
C PHE A 51 -30.08 54.94 6.54
N HIS A 52 -30.33 53.63 6.61
CA HIS A 52 -31.63 53.08 6.97
C HIS A 52 -31.43 52.03 8.05
N PHE A 53 -31.85 52.34 9.27
CA PHE A 53 -31.66 51.47 10.42
C PHE A 53 -33.02 51.15 11.04
N ILE A 54 -33.04 50.12 11.89
CA ILE A 54 -34.23 49.71 12.61
C ILE A 54 -33.88 49.47 14.07
N ASN A 55 -34.85 49.69 14.94
CA ASN A 55 -34.78 49.33 16.35
C ASN A 55 -35.81 48.23 16.63
N GLU A 56 -35.95 47.87 17.91
CA GLU A 56 -36.82 46.76 18.29
C GLU A 56 -38.22 46.88 17.70
N ARG A 57 -38.67 48.08 17.33
CA ARG A 57 -39.94 48.24 16.64
C ARG A 57 -39.77 47.91 15.16
N GLY A 58 -40.80 48.24 14.38
CA GLY A 58 -40.67 48.30 12.94
C GLY A 58 -40.16 49.67 12.54
N GLU A 59 -40.91 50.38 11.70
CA GLU A 59 -40.80 51.83 11.56
C GLU A 59 -39.34 52.29 11.62
N SER A 60 -38.58 51.84 10.63
CA SER A 60 -37.13 52.03 10.60
C SER A 60 -36.71 53.41 11.09
N ILE A 61 -35.68 53.44 11.92
CA ILE A 61 -35.04 54.68 12.34
C ILE A 61 -34.04 55.09 11.26
N ILE A 62 -34.19 56.31 10.75
CA ILE A 62 -33.35 56.82 9.68
C ILE A 62 -32.45 57.90 10.27
N VAL A 63 -31.14 57.67 10.21
CA VAL A 63 -30.14 58.61 10.73
C VAL A 63 -29.11 58.85 9.64
N GLU A 64 -28.76 60.12 9.43
CA GLU A 64 -27.75 60.46 8.43
C GLU A 64 -26.38 59.90 8.79
N SER A 65 -26.13 59.63 10.07
CA SER A 65 -24.85 59.06 10.50
C SER A 65 -25.10 58.20 11.72
N GLY A 66 -24.68 56.94 11.65
CA GLY A 66 -24.86 56.01 12.75
C GLY A 66 -24.10 56.44 13.99
N ASP A 67 -24.83 56.73 15.06
CA ASP A 67 -24.21 57.15 16.31
C ASP A 67 -23.64 55.95 17.06
N PRO A 68 -22.66 56.17 17.93
CA PRO A 68 -22.08 55.06 18.69
C PRO A 68 -23.10 54.43 19.62
N ASN A 69 -23.45 53.18 19.33
CA ASN A 69 -24.45 52.47 20.12
C ASN A 69 -24.59 51.03 19.65
N ALA A 70 -25.35 50.22 20.39
CA ALA A 70 -25.75 48.91 19.90
C ALA A 70 -26.84 49.00 18.85
N LEU A 71 -27.41 50.19 18.65
CA LEU A 71 -28.52 50.40 17.73
C LEU A 71 -28.01 50.80 16.34
N LEU A 72 -27.29 49.87 15.72
CA LEU A 72 -26.75 50.06 14.37
C LEU A 72 -27.32 49.07 13.37
N LYS A 73 -28.45 48.45 13.69
CA LYS A 73 -29.13 47.54 12.77
C LYS A 73 -29.41 48.25 11.45
N HIS A 74 -29.24 47.53 10.35
CA HIS A 74 -29.48 48.05 9.01
C HIS A 74 -30.86 47.60 8.53
N ARG A 75 -31.64 48.54 8.00
CA ARG A 75 -32.97 48.21 7.52
C ARG A 75 -32.92 47.18 6.40
N PHE A 76 -32.14 47.46 5.36
CA PHE A 76 -31.98 46.57 4.23
C PHE A 76 -30.56 46.02 4.22
N GLU A 77 -30.43 44.71 4.14
CA GLU A 77 -29.13 44.06 4.15
C GLU A 77 -28.83 43.52 2.75
N ILE A 78 -27.63 43.81 2.25
CA ILE A 78 -27.36 43.70 0.82
C ILE A 78 -27.05 42.26 0.45
N ILE A 79 -27.47 41.87 -0.75
CA ILE A 79 -27.20 40.54 -1.29
C ILE A 79 -26.00 40.64 -2.24
N GLU A 80 -26.11 41.49 -3.26
CA GLU A 80 -25.07 41.64 -4.25
C GLU A 80 -23.87 42.35 -3.61
N GLY A 81 -22.82 42.56 -4.39
CA GLY A 81 -21.55 42.99 -3.80
C GLY A 81 -20.78 41.85 -3.20
N ARG A 82 -21.16 40.62 -3.52
CA ARG A 82 -20.54 39.42 -2.97
C ARG A 82 -20.36 38.42 -4.10
N ASP A 83 -19.59 37.37 -3.83
CA ASP A 83 -19.40 36.33 -4.82
C ASP A 83 -20.66 35.47 -4.93
N ARG A 84 -20.77 34.74 -6.04
CA ARG A 84 -21.95 33.91 -6.25
C ARG A 84 -22.10 32.90 -5.13
N THR A 85 -21.00 32.29 -4.69
CA THR A 85 -21.06 31.32 -3.61
C THR A 85 -21.64 31.96 -2.35
N MET A 86 -21.16 33.14 -1.98
CA MET A 86 -21.69 33.79 -0.79
C MET A 86 -23.09 34.35 -1.02
N ALA A 87 -23.40 34.82 -2.23
CA ALA A 87 -24.75 35.30 -2.48
C ALA A 87 -25.76 34.17 -2.27
N TRP A 88 -25.42 32.97 -2.74
CA TRP A 88 -26.30 31.84 -2.52
C TRP A 88 -26.24 31.34 -1.09
N THR A 89 -25.10 31.54 -0.41
CA THR A 89 -25.04 31.27 1.02
C THR A 89 -26.03 32.12 1.79
N VAL A 90 -26.05 33.43 1.52
CA VAL A 90 -26.99 34.32 2.19
C VAL A 90 -28.43 33.97 1.80
N VAL A 91 -28.65 33.65 0.52
CA VAL A 91 -30.01 33.26 0.10
C VAL A 91 -30.49 32.08 0.91
N ASN A 92 -29.68 31.02 0.98
CA ASN A 92 -30.11 29.80 1.68
C ASN A 92 -30.26 30.07 3.18
N SER A 93 -29.34 30.84 3.76
CA SER A 93 -29.45 31.12 5.20
C SER A 93 -30.72 31.89 5.52
N ILE A 94 -31.05 32.89 4.69
CA ILE A 94 -32.27 33.66 4.92
C ILE A 94 -33.49 32.77 4.77
N CYS A 95 -33.50 31.91 3.75
CA CYS A 95 -34.63 31.02 3.56
C CYS A 95 -34.81 30.07 4.74
N ASN A 96 -33.70 29.53 5.26
CA ASN A 96 -33.79 28.59 6.36
C ASN A 96 -34.11 29.25 7.69
N THR A 97 -33.76 30.53 7.86
CA THR A 97 -34.07 31.22 9.12
C THR A 97 -35.39 31.97 9.04
N THR A 98 -35.70 32.58 7.89
CA THR A 98 -36.94 33.32 7.74
C THR A 98 -38.12 32.44 7.34
N GLY A 99 -37.88 31.19 6.97
CA GLY A 99 -38.95 30.32 6.54
C GLY A 99 -39.61 30.77 5.26
N ALA A 100 -38.92 31.61 4.50
CA ALA A 100 -39.44 32.13 3.25
C ALA A 100 -39.12 31.17 2.10
N GLU A 101 -39.50 31.57 0.89
CA GLU A 101 -39.26 30.76 -0.30
C GLU A 101 -37.94 31.16 -0.95
N LYS A 102 -37.27 30.18 -1.53
CA LYS A 102 -35.95 30.40 -2.12
C LYS A 102 -36.11 30.86 -3.57
N PRO A 103 -35.65 32.06 -3.92
CA PRO A 103 -35.68 32.46 -5.34
C PRO A 103 -34.63 31.73 -6.14
N LYS A 104 -34.86 31.66 -7.45
CA LYS A 104 -33.96 30.96 -8.36
C LYS A 104 -32.86 31.86 -8.91
N PHE A 105 -33.01 33.18 -8.81
CA PHE A 105 -32.03 34.14 -9.28
C PHE A 105 -31.54 34.98 -8.10
N LEU A 106 -30.62 35.89 -8.40
CA LEU A 106 -29.95 36.68 -7.36
C LEU A 106 -30.83 37.86 -6.95
N PRO A 107 -31.24 37.95 -5.68
CA PRO A 107 -31.86 39.20 -5.20
C PRO A 107 -30.80 40.25 -4.88
N ASP A 108 -31.22 41.40 -4.35
CA ASP A 108 -30.30 42.49 -4.04
C ASP A 108 -30.32 42.91 -2.58
N LEU A 109 -31.41 42.68 -1.85
CA LEU A 109 -31.54 43.20 -0.50
C LEU A 109 -32.55 42.34 0.25
N TYR A 110 -32.48 42.36 1.58
CA TYR A 110 -33.50 41.76 2.42
C TYR A 110 -33.97 42.75 3.47
N ASP A 111 -35.27 42.68 3.79
CA ASP A 111 -35.91 43.56 4.75
C ASP A 111 -36.72 42.76 5.76
N TYR A 112 -36.80 43.29 6.98
CA TYR A 112 -37.46 42.61 8.10
C TYR A 112 -38.95 42.89 8.14
N LYS A 113 -39.36 44.16 8.15
CA LYS A 113 -40.76 44.54 8.25
C LYS A 113 -41.63 43.60 7.45
N GLU A 114 -41.33 43.51 6.16
CA GLU A 114 -42.04 42.68 5.21
C GLU A 114 -41.35 41.32 4.99
N ASN A 115 -40.23 41.08 5.68
CA ASN A 115 -39.57 39.79 5.72
C ASN A 115 -39.40 39.21 4.32
N ARG A 116 -38.71 39.95 3.46
CA ARG A 116 -38.56 39.47 2.09
C ARG A 116 -37.49 40.24 1.33
N PHE A 117 -37.28 39.83 0.09
CA PHE A 117 -36.20 40.26 -0.77
C PHE A 117 -36.60 41.47 -1.62
N ILE A 118 -35.59 42.17 -2.11
CA ILE A 118 -35.74 43.28 -3.05
C ILE A 118 -34.71 43.06 -4.15
N GLU A 119 -35.15 43.09 -5.40
CA GLU A 119 -34.27 42.96 -6.56
C GLU A 119 -34.28 44.30 -7.29
N ILE A 120 -33.33 45.17 -6.93
CA ILE A 120 -33.29 46.50 -7.50
C ILE A 120 -32.59 46.45 -8.84
N GLY A 121 -33.22 47.02 -9.86
CA GLY A 121 -32.58 47.19 -11.15
C GLY A 121 -33.01 48.48 -11.81
N VAL A 122 -32.05 49.33 -12.13
CA VAL A 122 -32.31 50.61 -12.79
C VAL A 122 -31.74 50.49 -14.20
N THR A 123 -32.62 50.37 -15.18
CA THR A 123 -32.23 50.20 -16.56
C THR A 123 -32.44 51.49 -17.34
N ARG A 124 -31.78 51.57 -18.49
CA ARG A 124 -31.90 52.75 -19.34
C ARG A 124 -33.33 52.89 -19.86
N ARG A 125 -33.94 51.78 -20.27
CA ARG A 125 -35.31 51.82 -20.77
C ARG A 125 -36.28 52.17 -19.65
N GLU A 126 -37.49 52.55 -20.03
CA GLU A 126 -38.50 52.94 -19.06
C GLU A 126 -38.92 51.74 -18.22
N VAL A 127 -39.43 52.04 -17.03
CA VAL A 127 -39.66 51.00 -16.02
C VAL A 127 -40.76 50.03 -16.46
N HIS A 128 -41.86 50.56 -16.99
CA HIS A 128 -43.08 49.77 -17.14
C HIS A 128 -42.95 48.60 -18.12
N ILE A 129 -41.77 48.40 -18.69
CA ILE A 129 -41.48 47.21 -19.50
C ILE A 129 -40.43 46.33 -18.82
N TYR A 130 -39.35 46.94 -18.33
CA TYR A 130 -38.30 46.19 -17.66
C TYR A 130 -38.84 45.48 -16.43
N TYR A 131 -39.79 46.09 -15.73
CA TYR A 131 -40.37 45.50 -14.54
C TYR A 131 -40.96 44.13 -14.85
N LEU A 132 -41.97 44.09 -15.72
CA LEU A 132 -42.58 42.82 -16.08
C LEU A 132 -41.64 41.92 -16.84
N GLU A 133 -40.62 42.45 -17.51
CA GLU A 133 -39.61 41.59 -18.11
C GLU A 133 -38.92 40.75 -17.03
N LYS A 134 -38.26 41.42 -16.09
CA LYS A 134 -37.62 40.67 -15.02
C LYS A 134 -38.62 39.86 -14.21
N ALA A 135 -39.88 40.30 -14.16
CA ALA A 135 -40.90 39.53 -13.46
C ALA A 135 -41.16 38.19 -14.13
N ASN A 136 -41.24 38.18 -15.47
CA ASN A 136 -41.47 36.91 -16.16
C ASN A 136 -40.17 36.11 -16.25
N LYS A 137 -39.01 36.74 -16.02
CA LYS A 137 -37.80 35.97 -15.82
C LYS A 137 -37.83 35.18 -14.52
N ILE A 138 -38.48 35.72 -13.49
CA ILE A 138 -38.51 35.11 -12.16
C ILE A 138 -39.88 34.43 -11.99
N LYS A 139 -39.87 33.17 -11.58
CA LYS A 139 -41.08 32.35 -11.59
C LYS A 139 -41.83 32.49 -10.27
N SER A 140 -43.12 32.88 -10.36
CA SER A 140 -44.01 32.88 -9.21
C SER A 140 -43.34 33.48 -7.98
N GLU A 141 -42.98 34.76 -8.06
CA GLU A 141 -42.13 35.38 -7.06
C GLU A 141 -42.98 36.19 -6.08
N LYS A 142 -42.72 35.99 -4.79
CA LYS A 142 -43.27 36.83 -3.74
C LYS A 142 -42.34 37.95 -3.33
N THR A 143 -41.04 37.81 -3.58
CA THR A 143 -40.12 38.94 -3.44
C THR A 143 -40.62 40.13 -4.24
N HIS A 144 -40.82 41.24 -3.55
CA HIS A 144 -41.25 42.47 -4.20
C HIS A 144 -40.13 43.02 -5.06
N ILE A 145 -40.50 43.56 -6.22
CA ILE A 145 -39.55 44.09 -7.19
C ILE A 145 -39.82 45.59 -7.31
N HIS A 146 -38.74 46.38 -7.40
CA HIS A 146 -38.85 47.83 -7.54
C HIS A 146 -37.72 48.31 -8.43
N ILE A 147 -38.04 49.11 -9.45
CA ILE A 147 -37.08 49.58 -10.44
C ILE A 147 -37.30 51.06 -10.70
N PHE A 148 -36.20 51.77 -10.93
CA PHE A 148 -36.23 53.14 -11.43
C PHE A 148 -35.74 53.17 -12.88
N SER A 149 -35.92 54.32 -13.51
CA SER A 149 -35.37 54.57 -14.84
C SER A 149 -35.07 56.05 -14.98
N PHE A 150 -34.19 56.37 -15.93
CA PHE A 150 -33.54 57.69 -15.94
C PHE A 150 -34.53 58.83 -16.02
N THR A 151 -35.69 58.62 -16.63
CA THR A 151 -36.65 59.72 -16.78
C THR A 151 -37.13 60.22 -15.41
N GLY A 152 -36.99 59.40 -14.38
CA GLY A 152 -37.32 59.83 -13.03
C GLY A 152 -38.51 59.11 -12.44
N GLU A 153 -39.10 58.18 -13.20
CA GLU A 153 -40.31 57.51 -12.78
C GLU A 153 -40.00 56.30 -11.90
N GLU A 154 -40.93 55.99 -11.00
CA GLU A 154 -40.87 54.80 -10.16
C GLU A 154 -42.13 53.98 -10.33
N MET A 155 -42.03 52.69 -10.03
CA MET A 155 -43.20 51.82 -10.10
C MET A 155 -42.96 50.61 -9.22
N ALA A 156 -44.05 49.90 -8.92
CA ALA A 156 -43.95 48.64 -8.19
C ALA A 156 -45.31 47.97 -8.12
N THR A 157 -45.32 46.64 -8.00
CA THR A 157 -46.57 45.93 -7.78
C THR A 157 -47.06 46.18 -6.36
N LYS A 158 -48.35 45.89 -6.12
CA LYS A 158 -49.03 46.23 -4.88
C LYS A 158 -49.06 47.72 -4.62
N ALA A 159 -48.64 48.54 -5.58
CA ALA A 159 -48.42 49.97 -5.35
C ALA A 159 -47.53 50.20 -4.13
N ASP A 160 -46.66 49.24 -3.85
CA ASP A 160 -45.88 49.23 -2.61
C ASP A 160 -44.55 49.92 -2.81
N TYR A 161 -44.24 50.87 -1.93
CA TYR A 161 -42.93 51.51 -1.86
C TYR A 161 -42.49 51.46 -0.41
N THR A 162 -41.38 50.77 -0.15
CA THR A 162 -41.13 50.20 1.17
C THR A 162 -40.54 51.16 2.19
N LEU A 163 -40.11 52.36 1.81
CA LEU A 163 -39.52 53.27 2.79
C LEU A 163 -39.79 54.71 2.37
N ASP A 164 -39.11 55.65 3.04
CA ASP A 164 -39.34 57.07 2.90
C ASP A 164 -39.26 57.53 1.45
N GLU A 165 -40.01 58.57 1.11
CA GLU A 165 -39.99 59.14 -0.23
C GLU A 165 -38.83 60.10 -0.46
N GLU A 166 -38.32 60.73 0.60
CA GLU A 166 -37.14 61.57 0.42
C GLU A 166 -35.94 60.75 -0.03
N SER A 167 -35.86 59.50 0.40
CA SER A 167 -34.82 58.61 -0.10
C SER A 167 -34.98 58.38 -1.61
N ARG A 168 -36.21 58.23 -2.08
CA ARG A 168 -36.44 58.04 -3.51
C ARG A 168 -36.15 59.32 -4.30
N ALA A 169 -36.44 60.48 -3.72
CA ALA A 169 -36.01 61.73 -4.32
C ALA A 169 -34.50 61.75 -4.45
N ARG A 170 -33.82 61.29 -3.40
CA ARG A 170 -32.37 61.08 -3.44
C ARG A 170 -31.97 60.22 -4.63
N ILE A 171 -32.66 59.09 -4.79
CA ILE A 171 -32.34 58.14 -5.86
C ILE A 171 -32.45 58.81 -7.22
N LYS A 172 -33.56 59.49 -7.47
CA LYS A 172 -33.76 60.09 -8.79
C LYS A 172 -32.90 61.33 -9.01
N THR A 173 -32.53 62.05 -7.94
CA THR A 173 -31.55 63.12 -8.08
C THR A 173 -30.19 62.55 -8.50
N ARG A 174 -29.79 61.44 -7.87
CA ARG A 174 -28.58 60.73 -8.24
C ARG A 174 -28.67 60.31 -9.71
N LEU A 175 -29.87 59.84 -10.08
CA LEU A 175 -30.13 59.34 -11.41
C LEU A 175 -29.94 60.42 -12.47
N PHE A 176 -30.59 61.56 -12.30
CA PHE A 176 -30.43 62.65 -13.25
C PHE A 176 -29.05 63.30 -13.17
N THR A 177 -28.38 63.24 -12.02
CA THR A 177 -26.98 63.63 -11.98
C THR A 177 -26.18 62.78 -12.95
N ILE A 178 -26.39 61.46 -12.90
CA ILE A 178 -25.73 60.57 -13.84
C ILE A 178 -26.07 61.00 -15.27
N ARG A 179 -27.36 61.22 -15.53
CA ARG A 179 -27.82 61.50 -16.89
C ARG A 179 -27.20 62.78 -17.44
N GLN A 180 -27.49 63.92 -16.82
CA GLN A 180 -26.92 65.16 -17.33
C GLN A 180 -25.46 65.35 -16.92
N GLU A 181 -24.78 64.31 -16.45
CA GLU A 181 -23.32 64.36 -16.49
C GLU A 181 -22.80 63.64 -17.72
N MET A 182 -23.38 62.49 -18.09
CA MET A 182 -23.05 61.97 -19.41
C MET A 182 -23.38 63.00 -20.47
N ALA A 183 -24.36 63.86 -20.20
CA ALA A 183 -24.65 64.95 -21.13
C ALA A 183 -23.39 65.75 -21.44
N SER A 184 -22.61 66.08 -20.41
CA SER A 184 -21.30 66.66 -20.63
C SER A 184 -20.36 65.65 -21.29
N ARG A 185 -20.53 64.35 -21.03
CA ARG A 185 -19.65 63.36 -21.65
C ARG A 185 -20.13 62.99 -23.05
N GLY A 186 -21.36 62.52 -23.19
CA GLY A 186 -21.93 62.23 -24.50
C GLY A 186 -21.92 60.78 -24.94
N LEU A 187 -22.49 59.88 -24.11
CA LEU A 187 -22.34 58.44 -24.32
C LEU A 187 -23.57 57.74 -24.89
N TRP A 188 -24.71 58.42 -25.07
CA TRP A 188 -25.93 57.71 -25.42
C TRP A 188 -25.93 57.13 -26.83
N ASP A 189 -24.90 57.36 -27.63
CA ASP A 189 -24.82 56.66 -28.90
C ASP A 189 -24.79 55.14 -28.69
N SER A 190 -24.40 54.70 -27.49
CA SER A 190 -24.42 53.29 -27.14
C SER A 190 -24.94 53.01 -25.74
N PHE A 191 -25.17 54.03 -24.92
CA PHE A 191 -25.48 53.81 -23.51
C PHE A 191 -26.79 53.04 -23.35
N ARG A 192 -27.81 53.41 -24.12
CA ARG A 192 -29.09 52.70 -24.02
C ARG A 192 -28.94 51.23 -24.37
N GLN A 193 -28.20 50.93 -25.44
CA GLN A 193 -28.02 49.57 -25.92
C GLN A 193 -26.52 49.35 -26.15
N SER A 194 -25.86 48.78 -25.14
CA SER A 194 -24.44 48.45 -25.23
C SER A 194 -24.13 47.00 -24.88
N GLU A 195 -25.01 46.31 -24.16
CA GLU A 195 -24.84 44.91 -23.81
C GLU A 195 -25.97 44.10 -24.43
N ARG A 196 -25.61 42.98 -25.05
CA ARG A 196 -26.59 42.11 -25.71
C ARG A 196 -26.50 40.68 -25.23
N GLY A 197 -25.70 40.39 -24.21
CA GLY A 197 -25.59 39.06 -23.67
C GLY A 197 -24.68 38.16 -24.48
N GLU A 198 -23.41 38.55 -24.60
CA GLU A 198 -22.42 37.74 -25.30
C GLU A 198 -21.69 36.84 -24.32
N GLU A 199 -21.70 35.53 -24.58
CA GLU A 199 -20.94 34.57 -23.78
C GLU A 199 -20.31 33.56 -24.74
N THR A 200 -19.01 33.70 -24.97
CA THR A 200 -18.27 32.79 -25.84
C THR A 200 -16.79 32.96 -25.56
N ILE A 201 -16.06 31.85 -25.69
CA ILE A 201 -14.62 31.84 -25.46
C ILE A 201 -14.05 30.60 -26.11
N GLU A 202 -12.82 30.71 -26.59
CA GLU A 202 -12.10 29.59 -27.19
C GLU A 202 -10.87 29.29 -26.35
N GLU A 203 -10.69 28.02 -25.98
CA GLU A 203 -9.56 27.64 -25.16
C GLU A 203 -8.30 27.58 -26.02
N ARG A 204 -7.23 28.19 -25.54
CA ARG A 204 -5.99 28.35 -26.29
C ARG A 204 -4.85 27.74 -25.49
N PHE A 205 -4.25 26.69 -26.04
CA PHE A 205 -3.10 26.02 -25.43
C PHE A 205 -2.01 25.97 -26.50
N GLU A 206 -1.20 27.02 -26.54
CA GLU A 206 -0.23 27.23 -27.62
C GLU A 206 1.16 26.81 -27.18
N ILE A 207 1.80 25.98 -27.99
CA ILE A 207 3.20 25.61 -27.76
C ILE A 207 4.07 26.65 -28.44
N THR A 208 4.92 27.31 -27.66
CA THR A 208 5.78 28.36 -28.18
C THR A 208 6.99 28.51 -27.28
N GLY A 209 7.99 29.22 -27.80
CA GLY A 209 9.20 29.43 -27.02
C GLY A 209 10.01 28.14 -26.90
N THR A 210 10.71 28.03 -25.77
CA THR A 210 11.60 26.89 -25.55
C THR A 210 10.85 25.57 -25.73
N MET A 211 9.64 25.49 -25.16
CA MET A 211 8.91 24.23 -25.22
C MET A 211 8.60 23.82 -26.65
N ARG A 212 8.55 24.76 -27.59
CA ARG A 212 8.38 24.39 -28.99
C ARG A 212 9.65 23.73 -29.52
N ARG A 213 10.82 24.28 -29.20
CA ARG A 213 12.07 23.71 -29.69
C ARG A 213 12.23 22.27 -29.17
N LEU A 214 11.88 22.04 -27.91
CA LEU A 214 11.91 20.68 -27.39
C LEU A 214 11.02 19.76 -28.22
N ALA A 215 9.87 20.27 -28.66
CA ALA A 215 8.99 19.47 -29.51
C ALA A 215 9.66 19.16 -30.84
N ASP A 216 10.52 20.05 -31.33
CA ASP A 216 11.24 19.81 -32.57
C ASP A 216 12.37 18.80 -32.42
N GLN A 217 12.74 18.46 -31.19
CA GLN A 217 13.81 17.50 -30.93
C GLN A 217 13.28 16.19 -30.35
N SER A 218 11.98 15.94 -30.47
CA SER A 218 11.35 14.73 -29.97
C SER A 218 10.58 14.03 -31.08
N LEU A 219 11.13 14.06 -32.28
CA LEU A 219 10.53 13.47 -33.47
C LEU A 219 11.39 12.33 -33.99
N PRO A 220 10.87 11.55 -34.94
CA PRO A 220 11.70 10.52 -35.58
C PRO A 220 12.93 11.14 -36.21
N PRO A 221 13.92 10.32 -36.58
CA PRO A 221 15.22 10.89 -37.00
C PRO A 221 15.14 11.83 -38.17
N ASN A 222 14.26 11.57 -39.14
CA ASN A 222 14.21 12.33 -40.39
C ASN A 222 13.06 13.32 -40.43
N PHE A 223 12.74 13.96 -39.31
CA PHE A 223 11.74 15.01 -39.24
C PHE A 223 12.36 16.26 -38.64
N SER A 224 11.88 17.42 -39.08
CA SER A 224 12.47 18.69 -38.70
C SER A 224 11.59 19.54 -37.78
N SER A 225 10.28 19.35 -37.79
CA SER A 225 9.41 20.18 -36.97
C SER A 225 8.16 19.39 -36.61
N LEU A 226 7.56 19.75 -35.48
CA LEU A 226 6.32 19.10 -35.06
C LEU A 226 5.21 19.34 -36.06
N GLU A 227 5.18 20.51 -36.70
CA GLU A 227 4.20 20.77 -37.74
C GLU A 227 4.29 19.76 -38.85
N ASN A 228 5.51 19.52 -39.37
CA ASN A 228 5.69 18.60 -40.47
C ASN A 228 5.33 17.18 -40.05
N PHE A 229 5.73 16.77 -38.85
CA PHE A 229 5.42 15.42 -38.41
C PHE A 229 3.92 15.22 -38.24
N ARG A 230 3.22 16.20 -37.67
CA ARG A 230 1.77 16.07 -37.55
C ARG A 230 1.10 16.06 -38.91
N ALA A 231 1.58 16.86 -39.86
CA ALA A 231 1.03 16.81 -41.21
C ALA A 231 1.24 15.43 -41.82
N TYR A 232 2.42 14.86 -41.66
CA TYR A 232 2.69 13.52 -42.18
C TYR A 232 1.77 12.49 -41.53
N VAL A 233 1.57 12.58 -40.22
CA VAL A 233 0.71 11.63 -39.54
C VAL A 233 -0.72 11.75 -40.05
N ASP A 234 -1.22 12.99 -40.18
CA ASP A 234 -2.57 13.18 -40.70
C ASP A 234 -2.71 12.65 -42.12
N GLY A 235 -1.67 12.80 -42.94
CA GLY A 235 -1.68 12.28 -44.29
C GLY A 235 -1.31 10.82 -44.40
N PHE A 236 -0.93 10.17 -43.30
CA PHE A 236 -0.53 8.78 -43.34
C PHE A 236 -1.76 7.87 -43.42
N GLU A 237 -1.65 6.83 -44.24
CA GLU A 237 -2.67 5.80 -44.36
C GLU A 237 -1.96 4.45 -44.51
N PRO A 238 -2.57 3.37 -44.02
CA PRO A 238 -1.90 2.07 -44.10
C PRO A 238 -1.77 1.60 -45.54
N ASN A 239 -0.54 1.27 -45.94
CA ASN A 239 -0.25 0.78 -47.27
C ASN A 239 0.71 -0.40 -47.21
N GLY A 240 0.45 -1.32 -46.29
CA GLY A 240 1.25 -2.52 -46.17
C GLY A 240 2.73 -2.24 -45.90
N TYR A 241 3.01 -1.56 -44.80
CA TYR A 241 4.39 -1.28 -44.40
C TYR A 241 4.95 -2.30 -43.43
N ILE A 242 4.11 -2.91 -42.60
CA ILE A 242 4.59 -3.97 -41.72
C ILE A 242 5.07 -5.17 -42.52
N GLU A 243 4.34 -5.50 -43.60
CA GLU A 243 4.73 -6.64 -44.42
C GLU A 243 6.10 -6.42 -45.08
N GLY A 244 6.35 -5.21 -45.57
CA GLY A 244 7.62 -4.94 -46.22
C GLY A 244 8.80 -5.13 -45.28
N LYS A 245 8.71 -4.57 -44.08
CA LYS A 245 9.79 -4.71 -43.12
C LYS A 245 9.90 -6.13 -42.59
N LEU A 246 8.77 -6.83 -42.45
CA LEU A 246 8.82 -8.24 -42.05
C LEU A 246 9.57 -9.06 -43.10
N SER A 247 9.30 -8.80 -44.38
CA SER A 247 10.03 -9.50 -45.43
C SER A 247 11.50 -9.11 -45.44
N GLN A 248 11.81 -7.83 -45.23
CA GLN A 248 13.20 -7.38 -45.27
C GLN A 248 13.96 -7.76 -44.01
N MET A 249 13.27 -7.88 -42.87
CA MET A 249 13.95 -8.21 -41.63
C MET A 249 14.63 -9.56 -41.73
N SER A 250 15.80 -9.68 -41.09
CA SER A 250 16.55 -10.93 -41.14
C SER A 250 15.74 -12.06 -40.54
N LYS A 251 15.87 -13.25 -41.15
CA LYS A 251 15.13 -14.41 -40.69
C LYS A 251 15.68 -15.02 -39.42
N GLU A 252 16.88 -14.63 -39.00
CA GLU A 252 17.41 -15.10 -37.72
C GLU A 252 16.61 -14.58 -36.54
N VAL A 253 15.78 -13.57 -36.73
CA VAL A 253 14.89 -13.07 -35.70
C VAL A 253 13.66 -13.98 -35.68
N ASN A 254 13.69 -15.02 -34.84
CA ASN A 254 12.63 -16.00 -34.81
C ASN A 254 12.38 -16.41 -33.36
N ALA A 255 11.27 -17.11 -33.15
CA ALA A 255 10.86 -17.63 -31.85
C ALA A 255 10.60 -19.13 -31.95
N ARG A 256 11.56 -19.85 -32.54
CA ARG A 256 11.39 -21.27 -32.77
C ARG A 256 11.11 -22.00 -31.47
N ILE A 257 10.18 -22.95 -31.52
CA ILE A 257 9.74 -23.69 -30.36
C ILE A 257 10.57 -24.97 -30.25
N GLU A 258 11.26 -25.14 -29.12
CA GLU A 258 12.02 -26.35 -28.86
C GLU A 258 11.14 -27.34 -28.13
N PRO A 259 10.87 -28.52 -28.69
CA PRO A 259 10.01 -29.48 -27.98
C PRO A 259 10.59 -29.84 -26.63
N PHE A 260 9.69 -30.03 -25.66
CA PHE A 260 10.05 -30.41 -24.29
C PHE A 260 9.60 -31.85 -24.06
N LEU A 261 10.56 -32.76 -23.98
CA LEU A 261 10.31 -34.18 -23.83
C LEU A 261 10.81 -34.67 -22.47
N LYS A 262 10.61 -35.96 -22.23
CA LYS A 262 11.06 -36.55 -20.96
C LYS A 262 12.56 -36.46 -20.80
N THR A 263 13.31 -36.60 -21.89
CA THR A 263 14.77 -36.59 -21.86
C THR A 263 15.36 -35.19 -21.92
N THR A 264 14.53 -34.16 -22.06
CA THR A 264 15.03 -32.79 -22.20
C THR A 264 15.52 -32.22 -20.87
N PRO A 265 14.70 -32.21 -19.82
CA PRO A 265 15.11 -31.53 -18.58
C PRO A 265 16.27 -32.26 -17.91
N ARG A 266 17.27 -31.49 -17.50
CA ARG A 266 18.43 -32.00 -16.79
C ARG A 266 18.37 -31.58 -15.32
N PRO A 267 18.99 -32.35 -14.42
CA PRO A 267 18.96 -31.99 -13.00
C PRO A 267 19.63 -30.65 -12.75
N LEU A 268 19.07 -29.88 -11.82
CA LEU A 268 19.65 -28.60 -11.46
C LEU A 268 20.97 -28.81 -10.74
N ARG A 269 21.99 -28.07 -11.17
CA ARG A 269 23.31 -28.18 -10.56
C ARG A 269 23.36 -27.39 -9.25
N LEU A 270 23.93 -28.01 -8.23
CA LEU A 270 24.05 -27.33 -6.95
C LEU A 270 25.45 -26.77 -6.78
N PRO A 271 25.62 -25.63 -6.10
CA PRO A 271 26.96 -25.08 -5.91
C PRO A 271 27.82 -25.97 -5.03
N ASP A 272 29.13 -25.89 -5.26
CA ASP A 272 30.11 -26.67 -4.52
C ASP A 272 30.97 -25.74 -3.68
N GLY A 273 31.32 -26.21 -2.48
CA GLY A 273 32.12 -25.43 -1.56
C GLY A 273 32.05 -26.00 -0.16
N PRO A 274 32.45 -25.20 0.83
CA PRO A 274 32.37 -25.67 2.20
C PRO A 274 30.92 -25.96 2.59
N PRO A 275 30.70 -26.92 3.49
CA PRO A 275 29.32 -27.29 3.83
C PRO A 275 28.53 -26.09 4.35
N CYS A 276 27.22 -26.21 4.27
CA CYS A 276 26.32 -25.15 4.70
C CYS A 276 26.19 -25.14 6.22
N SER A 277 26.10 -23.95 6.80
CA SER A 277 26.04 -23.77 8.24
C SER A 277 24.62 -23.48 8.69
N GLN A 278 24.45 -23.37 10.01
CA GLN A 278 23.16 -23.08 10.59
C GLN A 278 22.93 -21.58 10.65
N ARG A 279 21.72 -21.15 10.29
CA ARG A 279 21.37 -19.74 10.26
C ARG A 279 20.22 -19.37 11.19
N SER A 280 19.53 -20.33 11.78
CA SER A 280 18.37 -20.04 12.61
C SER A 280 18.76 -19.18 13.81
N LYS A 281 17.78 -18.46 14.37
CA LYS A 281 18.00 -17.65 15.55
C LYS A 281 17.90 -18.44 16.85
N PHE A 282 17.57 -19.73 16.76
CA PHE A 282 17.50 -20.59 17.94
C PHE A 282 17.63 -22.03 17.49
N LEU A 283 17.99 -22.89 18.45
CA LEU A 283 18.08 -24.31 18.15
C LEU A 283 16.70 -24.89 17.88
N LEU A 284 16.61 -25.72 16.84
CA LEU A 284 15.35 -26.33 16.43
C LEU A 284 15.31 -27.82 16.76
N MET A 285 16.31 -28.58 16.31
CA MET A 285 16.34 -30.01 16.52
C MET A 285 17.07 -30.42 17.80
N ASP A 286 17.93 -29.55 18.34
CA ASP A 286 18.78 -29.88 19.47
C ASP A 286 18.39 -29.11 20.73
N ALA A 287 17.15 -28.67 20.82
CA ALA A 287 16.70 -27.91 21.98
C ALA A 287 16.46 -28.84 23.16
N LEU A 288 16.60 -28.27 24.36
CA LEU A 288 16.31 -28.98 25.60
C LEU A 288 15.41 -28.10 26.46
N LYS A 289 14.56 -28.75 27.26
CA LYS A 289 13.50 -28.08 27.99
C LYS A 289 13.62 -28.38 29.47
N LEU A 290 13.70 -27.32 30.28
CA LEU A 290 13.60 -27.42 31.73
C LEU A 290 12.22 -26.92 32.14
N SER A 291 11.53 -27.71 32.96
CA SER A 291 10.10 -27.51 33.18
C SER A 291 9.77 -27.44 34.66
N ILE A 292 8.57 -26.91 34.94
CA ILE A 292 8.10 -26.76 36.31
C ILE A 292 6.73 -27.38 36.53
N GLU A 293 5.92 -27.59 35.48
CA GLU A 293 4.59 -28.17 35.62
C GLU A 293 3.64 -27.22 36.35
N ASP A 294 3.71 -25.94 36.01
CA ASP A 294 2.84 -24.93 36.61
C ASP A 294 1.52 -24.86 35.86
N PRO A 295 0.49 -24.27 36.47
CA PRO A 295 -0.81 -24.14 35.81
C PRO A 295 -1.01 -22.87 35.00
N SER A 296 0.02 -22.05 34.83
CA SER A 296 -0.13 -20.78 34.14
C SER A 296 -0.25 -20.98 32.63
N HIS A 297 -0.88 -20.01 31.97
CA HIS A 297 -1.08 -20.04 30.53
C HIS A 297 0.10 -19.36 29.82
N GLU A 298 0.05 -19.36 28.49
CA GLU A 298 1.18 -18.90 27.69
C GLU A 298 1.66 -17.51 28.13
N GLY A 299 0.81 -16.50 28.00
CA GLY A 299 1.21 -15.16 28.39
C GLY A 299 1.17 -14.93 29.88
N GLU A 300 0.41 -15.74 30.60
CA GLU A 300 0.29 -15.57 32.05
C GLU A 300 1.62 -15.89 32.73
N GLY A 301 2.00 -15.04 33.67
CA GLY A 301 3.19 -15.24 34.48
C GLY A 301 4.21 -14.14 34.28
N ILE A 302 5.30 -14.28 35.00
CA ILE A 302 6.43 -13.33 34.95
C ILE A 302 7.64 -14.10 34.43
N PRO A 303 8.37 -13.57 33.44
CA PRO A 303 9.42 -14.41 32.80
C PRO A 303 10.54 -14.81 33.74
N LEU A 304 11.15 -13.87 34.44
CA LEU A 304 12.38 -14.16 35.18
C LEU A 304 12.14 -15.21 36.26
N TYR A 305 11.04 -15.07 37.02
CA TYR A 305 10.78 -16.02 38.09
C TYR A 305 10.55 -17.42 37.52
N ASP A 306 9.80 -17.51 36.42
CA ASP A 306 9.56 -18.80 35.80
C ASP A 306 10.87 -19.43 35.34
N ALA A 307 11.74 -18.62 34.72
CA ALA A 307 13.02 -19.15 34.25
C ALA A 307 13.87 -19.65 35.41
N ILE A 308 13.94 -18.88 36.50
CA ILE A 308 14.74 -19.29 37.65
C ILE A 308 14.17 -20.56 38.26
N LYS A 309 12.84 -20.64 38.39
CA LYS A 309 12.22 -21.82 38.96
C LYS A 309 12.48 -23.05 38.10
N CYS A 310 12.40 -22.89 36.77
CA CYS A 310 12.70 -24.00 35.89
C CYS A 310 14.14 -24.44 36.01
N MET A 311 15.07 -23.48 36.11
CA MET A 311 16.48 -23.83 36.17
C MET A 311 16.84 -24.49 37.49
N ARG A 312 16.19 -24.09 38.59
CA ARG A 312 16.41 -24.75 39.87
C ARG A 312 15.90 -26.18 39.88
N THR A 313 15.05 -26.56 38.94
CA THR A 313 14.55 -27.93 38.85
C THR A 313 15.62 -28.91 38.39
N PHE A 314 16.74 -28.44 37.87
CA PHE A 314 17.81 -29.28 37.38
C PHE A 314 18.99 -29.23 38.34
N PHE A 315 19.54 -30.40 38.65
CA PHE A 315 20.70 -30.54 39.52
C PHE A 315 21.81 -31.26 38.78
N GLY A 316 23.05 -30.83 39.02
CA GLY A 316 24.20 -31.41 38.34
C GLY A 316 25.05 -30.37 37.66
N TRP A 317 24.89 -29.11 38.06
CA TRP A 317 25.67 -28.03 37.46
C TRP A 317 27.16 -28.26 37.69
N LYS A 318 27.95 -27.99 36.65
CA LYS A 318 29.40 -28.06 36.72
C LYS A 318 29.99 -26.73 36.27
N GLU A 319 31.22 -26.48 36.68
CA GLU A 319 31.91 -25.28 36.24
C GLU A 319 32.05 -25.34 34.72
N PRO A 320 31.58 -24.33 33.99
CA PRO A 320 31.58 -24.43 32.52
C PRO A 320 32.99 -24.36 31.97
N ASN A 321 33.19 -25.07 30.85
CA ASN A 321 34.47 -25.09 30.16
C ASN A 321 34.23 -25.18 28.66
N VAL A 322 35.23 -24.77 27.90
CA VAL A 322 35.10 -24.75 26.44
C VAL A 322 35.13 -26.16 25.89
N VAL A 323 34.20 -26.45 24.98
CA VAL A 323 34.16 -27.74 24.30
C VAL A 323 34.47 -27.51 22.82
N LYS A 324 33.66 -26.67 22.17
CA LYS A 324 33.89 -26.34 20.76
C LYS A 324 33.97 -24.82 20.62
N PRO A 325 35.11 -24.26 20.20
CA PRO A 325 35.24 -22.81 20.12
C PRO A 325 34.48 -22.23 18.93
N HIS A 326 34.27 -20.90 19.00
CA HIS A 326 33.60 -20.20 17.90
C HIS A 326 34.43 -20.26 16.63
N GLU A 327 35.75 -20.40 16.73
CA GLU A 327 36.72 -20.45 15.66
C GLU A 327 36.98 -19.08 15.06
N LYS A 328 36.22 -18.04 15.44
CA LYS A 328 36.49 -16.68 14.98
C LYS A 328 36.37 -15.63 16.07
N GLY A 329 35.79 -15.95 17.23
CA GLY A 329 35.61 -15.01 18.30
C GLY A 329 36.49 -15.31 19.48
N ILE A 330 36.10 -14.78 20.63
CA ILE A 330 36.83 -14.95 21.89
C ILE A 330 35.91 -15.76 22.81
N ASN A 331 36.11 -17.09 22.82
CA ASN A 331 35.26 -17.95 23.62
C ASN A 331 35.28 -17.61 25.10
N PRO A 332 36.41 -17.23 25.71
CA PRO A 332 36.37 -16.84 27.13
C PRO A 332 35.33 -15.77 27.41
N ASN A 333 35.08 -14.87 26.45
CA ASN A 333 34.00 -13.90 26.63
C ASN A 333 32.65 -14.59 26.78
N TYR A 334 32.39 -15.62 25.95
CA TYR A 334 31.14 -16.35 26.08
C TYR A 334 31.05 -17.05 27.43
N LEU A 335 32.15 -17.66 27.86
CA LEU A 335 32.17 -18.33 29.17
C LEU A 335 31.84 -17.34 30.29
N LEU A 336 32.51 -16.18 30.27
CA LEU A 336 32.28 -15.18 31.30
C LEU A 336 30.86 -14.64 31.24
N ALA A 337 30.32 -14.50 30.03
CA ALA A 337 28.94 -14.05 29.89
C ALA A 337 27.97 -15.05 30.51
N TRP A 338 28.20 -16.34 30.29
CA TRP A 338 27.33 -17.36 30.89
C TRP A 338 27.40 -17.29 32.41
N LYS A 339 28.61 -17.22 32.96
CA LYS A 339 28.73 -17.14 34.41
C LYS A 339 28.11 -15.86 34.95
N GLN A 340 28.23 -14.74 34.22
CA GLN A 340 27.60 -13.49 34.62
C GLN A 340 26.08 -13.64 34.64
N VAL A 341 25.52 -14.28 33.62
CA VAL A 341 24.07 -14.49 33.58
C VAL A 341 23.63 -15.30 34.79
N LEU A 342 24.36 -16.36 35.11
CA LEU A 342 24.00 -17.17 36.29
C LEU A 342 24.08 -16.34 37.56
N ALA A 343 25.15 -15.57 37.72
CA ALA A 343 25.32 -14.77 38.93
C ALA A 343 24.19 -13.76 39.09
N GLU A 344 23.83 -13.07 38.01
CA GLU A 344 22.77 -12.07 38.12
C GLU A 344 21.40 -12.72 38.29
N LEU A 345 21.22 -13.91 37.75
CA LEU A 345 19.98 -14.65 38.03
C LEU A 345 19.86 -14.94 39.52
N GLN A 346 20.96 -15.37 40.14
CA GLN A 346 20.93 -15.56 41.59
C GLN A 346 20.66 -14.25 42.31
N ASP A 347 21.29 -13.16 41.83
CA ASP A 347 21.08 -11.85 42.44
C ASP A 347 19.60 -11.47 42.44
N ILE A 348 18.90 -11.76 41.35
CA ILE A 348 17.46 -11.54 41.34
C ILE A 348 16.76 -12.48 42.31
N GLU A 349 17.18 -13.74 42.35
CA GLU A 349 16.53 -14.68 43.24
C GLU A 349 16.58 -14.20 44.69
N ASN A 350 17.65 -13.50 45.07
CA ASN A 350 17.79 -13.11 46.48
C ASN A 350 16.78 -12.03 46.87
N GLU A 351 16.59 -11.03 46.03
CA GLU A 351 15.87 -9.82 46.43
C GLU A 351 14.37 -10.10 46.56
N GLU A 352 13.62 -9.05 46.91
CA GLU A 352 12.24 -9.17 47.37
C GLU A 352 11.30 -9.75 46.32
N LYS A 353 11.08 -9.03 45.22
CA LYS A 353 10.17 -9.47 44.16
C LYS A 353 10.90 -9.46 42.82
N ILE A 354 10.75 -10.55 42.08
CA ILE A 354 11.46 -10.74 40.81
C ILE A 354 11.03 -9.60 39.89
N PRO A 355 11.94 -8.80 39.34
CA PRO A 355 11.52 -7.75 38.40
C PRO A 355 10.92 -8.35 37.14
N LYS A 356 9.96 -7.62 36.56
CA LYS A 356 9.33 -8.09 35.33
C LYS A 356 10.36 -8.16 34.19
N THR A 357 11.25 -7.17 34.12
CA THR A 357 12.30 -7.15 33.12
C THR A 357 13.59 -6.69 33.79
N LYS A 358 14.70 -7.37 33.50
CA LYS A 358 15.97 -7.05 34.10
C LYS A 358 16.95 -6.49 33.07
N ASN A 359 17.74 -5.52 33.51
CA ASN A 359 18.85 -5.00 32.75
C ASN A 359 20.17 -5.53 33.29
N MET A 360 21.09 -5.85 32.40
CA MET A 360 22.39 -6.39 32.77
C MET A 360 23.46 -5.32 32.69
N LYS A 361 24.58 -5.59 33.35
CA LYS A 361 25.72 -4.69 33.32
C LYS A 361 26.42 -4.75 31.97
N LYS A 362 26.97 -3.61 31.55
CA LYS A 362 27.65 -3.51 30.26
C LYS A 362 29.15 -3.73 30.45
N THR A 363 29.51 -4.99 30.66
CA THR A 363 30.91 -5.36 30.80
C THR A 363 31.56 -5.50 29.42
N SER A 364 32.89 -5.47 29.39
CA SER A 364 33.61 -5.64 28.14
C SER A 364 33.22 -6.94 27.44
N GLN A 365 32.88 -7.97 28.22
CA GLN A 365 32.50 -9.26 27.65
C GLN A 365 31.35 -9.10 26.67
N LEU A 366 30.23 -8.58 27.14
CA LEU A 366 29.07 -8.38 26.28
C LEU A 366 29.23 -7.18 25.36
N LYS A 367 30.13 -6.26 25.69
CA LYS A 367 30.46 -5.19 24.75
C LYS A 367 31.04 -5.77 23.47
N TRP A 368 31.93 -6.76 23.60
CA TRP A 368 32.44 -7.45 22.43
C TRP A 368 31.40 -8.38 21.82
N ALA A 369 30.70 -9.15 22.66
CA ALA A 369 29.74 -10.12 22.16
C ALA A 369 28.57 -9.46 21.43
N LEU A 370 28.18 -8.25 21.85
CA LEU A 370 27.06 -7.54 21.24
C LEU A 370 27.52 -6.53 20.19
N GLY A 371 28.81 -6.46 19.90
CA GLY A 371 29.30 -5.54 18.89
C GLY A 371 28.97 -4.10 19.20
N GLU A 372 29.58 -3.56 20.25
CA GLU A 372 29.33 -2.19 20.70
C GLU A 372 30.52 -1.30 20.35
N ASN A 373 30.23 -0.10 19.87
CA ASN A 373 31.25 0.87 19.49
C ASN A 373 32.15 0.32 18.39
N MET A 374 31.58 -0.47 17.48
CA MET A 374 32.33 -1.01 16.36
C MET A 374 31.93 -0.39 15.03
N ALA A 375 30.79 0.28 14.96
CA ALA A 375 30.42 0.98 13.74
C ALA A 375 31.42 2.11 13.47
N PRO A 376 32.00 2.20 12.27
CA PRO A 376 32.93 3.30 12.01
C PRO A 376 32.25 4.64 12.17
N GLU A 377 32.98 5.59 12.74
CA GLU A 377 32.44 6.93 12.95
C GLU A 377 32.21 7.62 11.61
N LYS A 378 31.07 8.28 11.49
CA LYS A 378 30.71 8.94 10.24
C LYS A 378 31.40 10.30 10.15
N VAL A 379 32.07 10.54 9.02
CA VAL A 379 32.80 11.77 8.78
C VAL A 379 32.47 12.29 7.39
N ASP A 380 33.11 13.38 7.00
CA ASP A 380 32.88 14.03 5.72
C ASP A 380 33.96 13.63 4.72
N PHE A 381 33.58 13.57 3.45
CA PHE A 381 34.51 13.14 2.41
C PHE A 381 35.68 14.11 2.27
N ASP A 382 35.41 15.40 2.41
CA ASP A 382 36.46 16.40 2.24
C ASP A 382 37.58 16.24 3.26
N ASP A 383 37.34 15.52 4.36
CA ASP A 383 38.36 15.29 5.38
C ASP A 383 39.05 13.95 5.27
N CYS A 384 38.51 13.01 4.47
CA CYS A 384 39.09 11.68 4.28
C CYS A 384 39.07 11.37 2.79
N LYS A 385 40.12 11.78 2.09
CA LYS A 385 40.24 11.50 0.65
C LYS A 385 41.59 10.88 0.34
N ASP A 386 42.61 11.19 1.14
CA ASP A 386 43.96 10.68 0.91
C ASP A 386 44.19 9.31 1.55
N VAL A 387 43.19 8.74 2.22
CA VAL A 387 43.33 7.44 2.86
C VAL A 387 43.25 6.37 1.77
N SER A 388 44.35 5.63 1.58
CA SER A 388 44.39 4.63 0.52
C SER A 388 43.36 3.54 0.74
N ASP A 389 43.17 3.11 1.98
CA ASP A 389 42.24 2.03 2.30
C ASP A 389 40.79 2.43 2.07
N LEU A 390 40.50 3.71 1.85
CA LEU A 390 39.12 4.16 1.70
C LEU A 390 38.54 3.67 0.38
N LYS A 391 37.47 2.89 0.45
CA LYS A 391 36.85 2.31 -0.73
C LYS A 391 35.39 2.02 -0.43
N GLN A 392 34.70 1.43 -1.40
CA GLN A 392 33.29 1.09 -1.22
C GLN A 392 33.12 -0.03 -0.20
N TYR A 393 31.89 -0.19 0.26
CA TYR A 393 31.52 -1.37 1.03
C TYR A 393 31.63 -2.62 0.16
N ASP A 394 32.02 -3.72 0.79
CA ASP A 394 32.18 -4.98 0.07
C ASP A 394 30.84 -5.40 -0.53
N SER A 395 30.75 -5.39 -1.86
CA SER A 395 29.52 -5.70 -2.59
C SER A 395 29.87 -6.75 -3.65
N ASP A 396 29.67 -8.02 -3.31
CA ASP A 396 29.95 -9.11 -4.23
C ASP A 396 28.99 -10.26 -3.93
N GLU A 397 29.00 -11.26 -4.82
CA GLU A 397 28.14 -12.41 -4.63
C GLU A 397 28.53 -13.12 -3.33
N PRO A 398 27.57 -13.59 -2.54
CA PRO A 398 27.92 -14.29 -1.29
C PRO A 398 28.81 -15.48 -1.54
N GLU A 399 29.43 -15.95 -0.46
CA GLU A 399 30.28 -17.13 -0.54
C GLU A 399 29.46 -18.34 -0.96
N LEU A 400 30.07 -19.20 -1.77
CA LEU A 400 29.41 -20.42 -2.22
C LEU A 400 29.59 -21.53 -1.19
N ARG A 401 28.50 -22.25 -0.91
CA ARG A 401 28.53 -23.34 0.05
C ARG A 401 27.67 -24.49 -0.47
N SER A 402 28.15 -25.71 -0.29
CA SER A 402 27.45 -26.90 -0.74
C SER A 402 26.49 -27.38 0.34
N LEU A 403 25.45 -28.08 -0.09
CA LEU A 403 24.45 -28.59 0.83
C LEU A 403 25.04 -29.69 1.71
N ALA A 404 24.52 -29.78 2.94
CA ALA A 404 24.89 -30.81 3.89
C ALA A 404 23.64 -31.60 4.27
N SER A 405 23.86 -32.77 4.88
CA SER A 405 22.77 -33.67 5.20
C SER A 405 22.04 -33.30 6.48
N TRP A 406 22.52 -32.30 7.23
CA TRP A 406 21.89 -31.99 8.51
C TRP A 406 20.55 -31.30 8.34
N ILE A 407 20.40 -30.46 7.30
CA ILE A 407 19.13 -29.77 7.09
C ILE A 407 18.03 -30.76 6.76
N GLN A 408 18.37 -31.82 6.01
CA GLN A 408 17.38 -32.84 5.67
C GLN A 408 16.86 -33.52 6.93
N SER A 409 17.76 -33.92 7.83
CA SER A 409 17.33 -34.56 9.08
C SER A 409 16.58 -33.58 9.96
N GLU A 410 16.98 -32.31 9.97
CA GLU A 410 16.28 -31.31 10.77
C GLU A 410 14.84 -31.16 10.28
N PHE A 411 14.64 -31.10 8.97
CA PHE A 411 13.27 -31.05 8.45
C PHE A 411 12.52 -32.34 8.74
N ASN A 412 13.21 -33.48 8.66
CA ASN A 412 12.57 -34.76 8.95
C ASN A 412 12.01 -34.77 10.36
N LYS A 413 12.80 -34.35 11.33
CA LYS A 413 12.36 -34.34 12.72
C LYS A 413 11.51 -33.12 13.06
N ALA A 414 11.42 -32.14 12.16
CA ALA A 414 10.50 -31.03 12.34
C ALA A 414 9.06 -31.39 11.99
N CYS A 415 8.85 -32.54 11.33
CA CYS A 415 7.52 -33.01 10.96
C CYS A 415 7.05 -34.14 11.85
N GLU A 416 7.77 -34.45 12.92
CA GLU A 416 7.46 -35.58 13.78
C GLU A 416 6.54 -35.14 14.92
N LEU A 417 5.74 -36.09 15.41
CA LEU A 417 4.83 -35.80 16.51
C LEU A 417 5.62 -35.61 17.80
N THR A 418 4.90 -35.13 18.83
CA THR A 418 5.50 -34.84 20.13
C THR A 418 4.55 -35.30 21.22
N ASP A 419 5.02 -35.20 22.47
CA ASP A 419 4.23 -35.59 23.64
C ASP A 419 3.59 -34.38 24.32
N SER A 420 3.25 -33.36 23.55
CA SER A 420 2.67 -32.14 24.12
C SER A 420 1.83 -31.44 23.07
N SER A 421 0.98 -30.52 23.52
CA SER A 421 0.16 -29.69 22.66
C SER A 421 0.72 -28.28 22.72
N TRP A 422 1.23 -27.79 21.60
CA TRP A 422 1.94 -26.52 21.55
C TRP A 422 1.09 -25.37 21.01
N ILE A 423 -0.21 -25.58 20.86
CA ILE A 423 -1.12 -24.52 20.41
C ILE A 423 -2.32 -24.52 21.36
N GLU A 424 -2.60 -23.37 21.96
CA GLU A 424 -3.79 -23.15 22.77
C GLU A 424 -4.58 -22.03 22.10
N LEU A 425 -5.55 -22.40 21.28
CA LEU A 425 -6.23 -21.43 20.44
C LEU A 425 -7.19 -20.58 21.26
N ASP A 426 -7.58 -19.44 20.67
CA ASP A 426 -8.44 -18.48 21.34
C ASP A 426 -9.90 -18.92 21.20
N GLU A 427 -10.81 -18.01 21.55
CA GLU A 427 -12.25 -18.29 21.52
C GLU A 427 -12.87 -17.71 20.26
N ILE A 428 -13.97 -18.32 19.83
CA ILE A 428 -14.74 -17.85 18.69
C ILE A 428 -16.21 -17.85 19.08
N GLY A 429 -17.01 -17.07 18.33
CA GLY A 429 -18.44 -17.06 18.56
C GLY A 429 -19.03 -18.45 18.43
N GLU A 430 -19.94 -18.79 19.33
CA GLU A 430 -20.53 -20.12 19.31
C GLU A 430 -21.16 -20.41 17.95
N ASP A 431 -20.85 -21.57 17.40
CA ASP A 431 -21.31 -21.92 16.06
C ASP A 431 -22.83 -22.02 16.04
N VAL A 432 -23.44 -21.37 15.04
CA VAL A 432 -24.88 -21.36 14.91
C VAL A 432 -25.35 -22.04 13.63
N ALA A 433 -24.56 -22.04 12.56
CA ALA A 433 -24.97 -22.64 11.31
C ALA A 433 -24.33 -24.01 11.14
N PRO A 434 -25.00 -24.93 10.45
CA PRO A 434 -24.39 -26.25 10.22
C PRO A 434 -23.04 -26.17 9.54
N ILE A 435 -22.87 -25.24 8.58
CA ILE A 435 -21.57 -25.07 7.95
C ILE A 435 -20.53 -24.67 8.99
N GLU A 436 -20.93 -23.85 9.98
CA GLU A 436 -20.00 -23.51 11.05
C GLU A 436 -19.62 -24.74 11.87
N HIS A 437 -20.57 -25.65 12.09
CA HIS A 437 -20.25 -26.89 12.79
C HIS A 437 -19.26 -27.73 11.99
N ILE A 438 -19.46 -27.82 10.67
CA ILE A 438 -18.53 -28.57 9.84
C ILE A 438 -17.15 -27.93 9.90
N ALA A 439 -17.09 -26.61 9.83
CA ALA A 439 -15.81 -25.91 9.90
C ALA A 439 -15.13 -26.17 11.25
N SER A 440 -15.89 -26.13 12.34
CA SER A 440 -15.33 -26.36 13.66
C SER A 440 -14.80 -27.78 13.79
N MET A 441 -15.53 -28.76 13.27
CA MET A 441 -15.06 -30.14 13.32
C MET A 441 -13.78 -30.31 12.52
N ARG A 442 -13.74 -29.74 11.32
CA ARG A 442 -12.51 -29.79 10.52
C ARG A 442 -11.35 -29.15 11.29
N ARG A 443 -11.60 -27.98 11.87
CA ARG A 443 -10.55 -27.26 12.58
C ARG A 443 -10.07 -28.06 13.79
N ASN A 444 -10.98 -28.71 14.50
CA ASN A 444 -10.57 -29.55 15.62
C ASN A 444 -9.72 -30.71 15.15
N TYR A 445 -10.08 -31.33 14.01
CA TYR A 445 -9.25 -32.41 13.48
C TYR A 445 -7.85 -31.91 13.15
N PHE A 446 -7.74 -30.77 12.46
CA PHE A 446 -6.40 -30.28 12.12
C PHE A 446 -5.62 -29.89 13.36
N THR A 447 -6.28 -29.29 14.36
CA THR A 447 -5.57 -28.93 15.57
C THR A 447 -5.06 -30.17 16.29
N ALA A 448 -5.88 -31.22 16.35
CA ALA A 448 -5.40 -32.48 16.93
C ALA A 448 -4.22 -33.03 16.15
N GLU A 449 -4.20 -32.84 14.83
CA GLU A 449 -3.10 -33.38 14.03
C GLU A 449 -1.81 -32.56 14.19
N VAL A 450 -1.92 -31.23 14.25
CA VAL A 450 -0.73 -30.39 14.14
C VAL A 450 -0.23 -29.88 15.49
N SER A 451 -1.08 -29.86 16.52
CA SER A 451 -0.65 -29.35 17.82
C SER A 451 0.55 -30.14 18.34
N HIS A 452 0.50 -31.46 18.25
CA HIS A 452 1.62 -32.31 18.63
C HIS A 452 2.58 -32.43 17.44
N CYS A 453 3.26 -31.32 17.16
CA CYS A 453 4.21 -31.27 16.06
C CYS A 453 5.32 -30.30 16.41
N ARG A 454 6.56 -30.66 16.07
CA ARG A 454 7.69 -29.80 16.36
C ARG A 454 7.58 -28.48 15.61
N ALA A 455 6.87 -28.46 14.49
CA ALA A 455 6.69 -27.22 13.75
C ALA A 455 5.91 -26.20 14.59
N THR A 456 4.88 -26.64 15.30
CA THR A 456 4.13 -25.72 16.15
C THR A 456 4.99 -25.22 17.30
N GLU A 457 5.83 -26.09 17.87
CA GLU A 457 6.73 -25.65 18.92
C GLU A 457 7.70 -24.60 18.40
N TYR A 458 8.24 -24.81 17.21
CA TYR A 458 9.12 -23.80 16.62
C TYR A 458 8.36 -22.50 16.36
N ILE A 459 7.12 -22.60 15.92
CA ILE A 459 6.31 -21.41 15.69
C ILE A 459 6.18 -20.60 16.98
N MET A 460 5.79 -21.28 18.06
CA MET A 460 5.63 -20.59 19.34
C MET A 460 6.95 -20.01 19.83
N LYS A 461 8.04 -20.80 19.72
CA LYS A 461 9.34 -20.29 20.14
C LYS A 461 9.70 -19.02 19.40
N GLY A 462 9.59 -19.04 18.07
CA GLY A 462 9.95 -17.87 17.28
C GLY A 462 9.06 -16.68 17.60
N VAL A 463 7.75 -16.91 17.69
CA VAL A 463 6.83 -15.81 17.97
C VAL A 463 7.17 -15.16 19.29
N TYR A 464 7.32 -15.98 20.35
CA TYR A 464 7.61 -15.42 21.67
C TYR A 464 8.94 -14.69 21.68
N ILE A 465 9.98 -15.32 21.11
CA ILE A 465 11.32 -14.73 21.16
C ILE A 465 11.34 -13.41 20.41
N ASN A 466 10.76 -13.37 19.22
CA ASN A 466 10.76 -12.14 18.44
C ASN A 466 9.89 -11.06 19.07
N THR A 467 8.76 -11.43 19.65
CA THR A 467 7.93 -10.44 20.34
C THR A 467 8.68 -9.82 21.50
N ALA A 468 9.29 -10.65 22.35
CA ALA A 468 10.04 -10.13 23.47
C ALA A 468 11.21 -9.27 23.01
N LEU A 469 11.92 -9.71 21.98
CA LEU A 469 13.07 -8.95 21.49
C LEU A 469 12.64 -7.60 20.94
N LEU A 470 11.57 -7.56 20.15
CA LEU A 470 11.09 -6.30 19.61
C LEU A 470 10.63 -5.36 20.71
N ASN A 471 9.86 -5.88 21.68
CA ASN A 471 9.38 -5.03 22.76
C ASN A 471 10.54 -4.48 23.59
N ALA A 472 11.52 -5.32 23.90
CA ALA A 472 12.68 -4.85 24.65
C ALA A 472 13.47 -3.82 23.85
N SER A 473 13.65 -4.04 22.54
CA SER A 473 14.37 -3.09 21.72
C SER A 473 13.66 -1.74 21.69
N CYS A 474 12.34 -1.76 21.58
CA CYS A 474 11.59 -0.51 21.53
C CYS A 474 11.54 0.19 22.88
N ALA A 475 11.60 -0.57 23.97
CA ALA A 475 11.51 0.01 25.31
C ALA A 475 12.89 0.36 25.86
N ALA A 476 13.76 -0.65 26.00
CA ALA A 476 15.11 -0.44 26.54
C ALA A 476 16.09 -0.36 25.37
N MET A 477 16.09 0.79 24.71
CA MET A 477 16.94 0.96 23.53
C MET A 477 18.42 0.94 23.88
N ASP A 478 18.78 1.52 25.02
CA ASP A 478 20.17 1.74 25.36
C ASP A 478 20.82 0.56 26.08
N ASP A 479 20.10 -0.07 27.01
CA ASP A 479 20.73 -0.91 28.01
C ASP A 479 20.46 -2.38 27.70
N PHE A 480 21.48 -3.20 27.90
CA PHE A 480 21.39 -4.63 27.58
C PHE A 480 20.35 -5.30 28.48
N GLN A 481 19.53 -6.17 27.89
CA GLN A 481 18.40 -6.76 28.61
C GLN A 481 18.43 -8.28 28.52
N LEU A 482 18.03 -8.91 29.62
CA LEU A 482 17.95 -10.37 29.74
C LEU A 482 16.52 -10.83 29.48
N ILE A 483 16.38 -11.85 28.64
CA ILE A 483 15.06 -12.40 28.32
C ILE A 483 15.16 -13.92 28.28
N PRO A 484 14.52 -14.65 29.20
CA PRO A 484 14.59 -16.12 29.14
C PRO A 484 13.64 -16.67 28.08
N MET A 485 14.14 -17.61 27.28
CA MET A 485 13.32 -18.28 26.27
C MET A 485 12.30 -19.17 26.98
N ILE A 486 11.02 -18.81 26.88
CA ILE A 486 9.95 -19.50 27.58
C ILE A 486 8.93 -19.97 26.57
N SER A 487 8.44 -21.20 26.76
CA SER A 487 7.34 -21.72 25.96
C SER A 487 6.51 -22.64 26.84
N LYS A 488 5.20 -22.45 26.83
CA LYS A 488 4.31 -23.21 27.70
C LYS A 488 3.46 -24.17 26.88
N CYS A 489 3.45 -25.43 27.29
CA CYS A 489 2.75 -26.52 26.62
C CYS A 489 1.80 -27.20 27.60
N ARG A 490 1.13 -28.24 27.11
CA ARG A 490 0.22 -29.03 27.92
C ARG A 490 0.49 -30.50 27.67
N THR A 491 0.66 -31.26 28.75
CA THR A 491 1.02 -32.67 28.63
C THR A 491 -0.18 -33.50 28.20
N LYS A 492 0.09 -34.78 27.90
CA LYS A 492 -0.98 -35.71 27.58
C LYS A 492 -1.94 -35.86 28.75
N GLU A 493 -1.41 -35.90 29.97
CA GLU A 493 -2.26 -35.99 31.16
C GLU A 493 -3.15 -34.76 31.32
N GLY A 494 -2.82 -33.66 30.64
CA GLY A 494 -3.59 -32.43 30.73
C GLY A 494 -2.97 -31.36 31.60
N ARG A 495 -1.93 -31.70 32.37
CA ARG A 495 -1.29 -30.72 33.23
C ARG A 495 -0.50 -29.72 32.39
N ARG A 496 -0.69 -28.44 32.66
CA ARG A 496 0.07 -27.41 31.96
C ARG A 496 1.52 -27.41 32.44
N LYS A 497 2.41 -26.92 31.58
CA LYS A 497 3.84 -26.99 31.85
C LYS A 497 4.53 -25.83 31.16
N THR A 498 5.61 -25.36 31.78
CA THR A 498 6.48 -24.34 31.20
C THR A 498 7.80 -24.98 30.80
N ASN A 499 8.49 -24.36 29.84
CA ASN A 499 9.74 -24.87 29.32
C ASN A 499 10.69 -23.71 29.08
N LEU A 500 11.92 -23.87 29.55
CA LEU A 500 12.96 -22.84 29.45
C LEU A 500 14.09 -23.38 28.60
N TYR A 501 14.18 -22.92 27.35
CA TYR A 501 15.27 -23.35 26.48
C TYR A 501 16.58 -22.68 26.83
N GLY A 502 16.56 -21.41 27.21
CA GLY A 502 17.77 -20.69 27.53
C GLY A 502 17.55 -19.21 27.77
N PHE A 503 18.47 -18.39 27.28
CA PHE A 503 18.41 -16.95 27.52
C PHE A 503 18.86 -16.20 26.27
N ILE A 504 18.38 -14.96 26.16
CA ILE A 504 18.78 -14.04 25.11
C ILE A 504 19.16 -12.72 25.77
N ILE A 505 20.32 -12.20 25.41
CA ILE A 505 20.75 -10.88 25.86
C ILE A 505 20.67 -9.95 24.67
N LYS A 506 19.73 -9.01 24.74
CA LYS A 506 19.57 -8.00 23.71
C LYS A 506 20.48 -6.80 24.00
N GLY A 507 21.12 -6.29 22.95
CA GLY A 507 22.00 -5.16 23.06
C GLY A 507 21.37 -3.87 22.55
N ARG A 508 22.23 -2.88 22.33
CA ARG A 508 21.75 -1.59 21.85
C ARG A 508 20.95 -1.77 20.58
N SER A 509 19.75 -1.18 20.55
CA SER A 509 18.78 -1.40 19.49
C SER A 509 18.18 -0.09 19.01
N HIS A 510 19.04 0.90 18.76
CA HIS A 510 18.60 2.18 18.21
C HIS A 510 18.35 1.99 16.70
N LEU A 511 17.23 1.34 16.41
CA LEU A 511 16.89 0.93 15.05
C LEU A 511 16.07 2.03 14.39
N ARG A 512 16.63 2.67 13.37
CA ARG A 512 15.92 3.70 12.62
C ARG A 512 15.28 3.12 11.36
N ASN A 513 16.10 2.56 10.48
CA ASN A 513 15.58 1.95 9.26
C ASN A 513 15.09 0.53 9.53
N ASP A 514 14.23 0.05 8.64
CA ASP A 514 13.73 -1.32 8.76
C ASP A 514 14.83 -2.36 8.58
N THR A 515 15.98 -1.97 8.03
CA THR A 515 17.09 -2.89 7.83
C THR A 515 18.16 -2.78 8.91
N ASP A 516 18.10 -1.77 9.77
CA ASP A 516 19.07 -1.64 10.85
C ASP A 516 19.06 -2.89 11.72
N VAL A 517 20.22 -3.27 12.20
CA VAL A 517 20.42 -4.56 12.87
C VAL A 517 20.57 -4.34 14.36
N VAL A 518 19.81 -5.11 15.13
CA VAL A 518 19.98 -5.23 16.58
C VAL A 518 20.69 -6.54 16.84
N ASN A 519 21.81 -6.48 17.55
CA ASN A 519 22.61 -7.65 17.88
C ASN A 519 22.24 -8.15 19.27
N PHE A 520 22.17 -9.47 19.42
CA PHE A 520 21.97 -10.10 20.70
C PHE A 520 22.85 -11.34 20.77
N VAL A 521 22.95 -11.91 21.97
CA VAL A 521 23.67 -13.15 22.18
C VAL A 521 22.70 -14.16 22.78
N SER A 522 22.63 -15.35 22.16
CA SER A 522 21.70 -16.38 22.53
C SER A 522 22.44 -17.57 23.15
N MET A 523 21.89 -18.07 24.25
CA MET A 523 22.42 -19.22 24.97
C MET A 523 21.30 -20.24 25.09
N GLU A 524 21.57 -21.49 24.73
CA GLU A 524 20.54 -22.53 24.77
C GLU A 524 21.13 -23.83 25.26
N PHE A 525 20.43 -24.49 26.18
CA PHE A 525 20.84 -25.80 26.65
C PHE A 525 20.57 -26.86 25.57
N SER A 526 21.37 -27.91 25.59
CA SER A 526 21.17 -29.01 24.66
C SER A 526 21.94 -30.23 25.16
N LEU A 527 21.66 -31.38 24.56
CA LEU A 527 22.41 -32.60 24.82
C LEU A 527 23.16 -33.11 23.60
N THR A 528 22.94 -32.51 22.43
CA THR A 528 23.59 -32.98 21.21
C THR A 528 25.05 -32.57 21.22
N ASP A 529 25.94 -33.55 21.16
CA ASP A 529 27.37 -33.25 21.15
C ASP A 529 27.74 -32.56 19.84
N PRO A 530 28.41 -31.42 19.88
CA PRO A 530 28.79 -30.72 18.64
C PRO A 530 30.04 -31.28 17.97
N ARG A 531 30.59 -32.39 18.45
CA ARG A 531 31.79 -32.98 17.88
C ARG A 531 31.47 -33.93 16.73
N LEU A 532 30.19 -34.13 16.39
CA LEU A 532 29.80 -35.03 15.33
C LEU A 532 29.44 -34.33 14.03
N GLU A 533 28.91 -33.11 14.08
CA GLU A 533 28.59 -32.32 12.89
C GLU A 533 29.12 -30.91 13.07
N PRO A 534 30.45 -30.76 13.19
CA PRO A 534 31.01 -29.43 13.48
C PRO A 534 30.68 -28.39 12.44
N HIS A 535 30.62 -28.78 11.16
CA HIS A 535 30.39 -27.80 10.10
C HIS A 535 29.03 -27.13 10.22
N LYS A 536 28.08 -27.73 10.94
CA LYS A 536 26.77 -27.12 11.12
C LYS A 536 26.80 -26.01 12.17
N TRP A 537 27.85 -25.94 12.98
CA TRP A 537 27.96 -24.98 14.08
C TRP A 537 29.14 -24.04 13.89
N GLU A 538 29.30 -23.52 12.68
CA GLU A 538 30.47 -22.69 12.39
C GLU A 538 30.48 -21.43 13.23
N LYS A 539 29.31 -20.85 13.49
CA LYS A 539 29.20 -19.56 14.17
C LYS A 539 28.82 -19.69 15.64
N TYR A 540 28.82 -20.90 16.18
CA TYR A 540 28.44 -21.14 17.57
C TYR A 540 29.68 -21.40 18.42
N CYS A 541 29.58 -21.04 19.70
CA CYS A 541 30.53 -21.46 20.72
C CYS A 541 29.80 -22.35 21.71
N VAL A 542 30.28 -23.57 21.91
CA VAL A 542 29.59 -24.56 22.70
C VAL A 542 30.43 -24.93 23.91
N LEU A 543 29.86 -24.79 25.10
CA LEU A 543 30.51 -25.12 26.35
C LEU A 543 29.89 -26.39 26.94
N GLU A 544 30.52 -26.92 27.98
CA GLU A 544 29.99 -28.01 28.79
C GLU A 544 29.56 -27.43 30.13
N ILE A 545 28.27 -27.51 30.45
CA ILE A 545 27.75 -26.86 31.63
C ILE A 545 27.18 -27.84 32.66
N GLY A 546 26.84 -29.07 32.28
CA GLY A 546 26.35 -29.99 33.30
C GLY A 546 26.16 -31.40 32.79
N ASP A 547 25.45 -32.17 33.59
CA ASP A 547 25.10 -33.55 33.25
C ASP A 547 23.63 -33.77 33.58
N MET A 548 22.94 -34.52 32.72
CA MET A 548 21.51 -34.79 32.87
C MET A 548 21.28 -36.29 32.99
N LEU A 549 20.28 -36.65 33.79
CA LEU A 549 19.92 -38.06 34.01
C LEU A 549 18.46 -38.24 33.64
N LEU A 550 18.21 -38.85 32.48
CA LEU A 550 16.86 -39.17 32.02
C LEU A 550 16.64 -40.66 32.17
N ARG A 551 15.48 -41.02 32.73
CA ARG A 551 15.18 -42.41 33.05
C ARG A 551 15.17 -43.26 31.78
N SER A 552 16.07 -44.25 31.74
CA SER A 552 16.14 -45.20 30.63
C SER A 552 16.41 -46.58 31.18
N ALA A 553 16.00 -47.61 30.42
CA ALA A 553 16.21 -48.98 30.85
C ALA A 553 17.67 -49.36 30.94
N ILE A 554 18.57 -48.62 30.29
CA ILE A 554 20.01 -48.90 30.36
C ILE A 554 20.53 -48.14 31.57
N GLY A 555 20.38 -48.74 32.74
CA GLY A 555 20.71 -48.07 33.98
C GLY A 555 20.13 -46.67 33.98
N GLN A 556 20.98 -45.66 33.95
CA GLN A 556 20.55 -44.30 33.63
C GLN A 556 21.69 -43.62 32.89
N VAL A 557 21.35 -42.91 31.82
CA VAL A 557 22.34 -42.52 30.82
C VAL A 557 23.40 -41.60 31.45
N SER A 558 22.97 -40.59 32.21
CA SER A 558 23.87 -39.58 32.73
C SER A 558 24.65 -38.91 31.59
N ARG A 559 23.89 -38.39 30.63
CA ARG A 559 24.44 -37.76 29.45
C ARG A 559 25.08 -36.41 29.81
N PRO A 560 26.04 -35.93 29.01
CA PRO A 560 26.49 -34.56 29.15
C PRO A 560 25.40 -33.58 28.72
N MET A 561 25.56 -32.32 29.13
CA MET A 561 24.56 -31.31 28.85
C MET A 561 25.31 -30.01 28.57
N PHE A 562 25.29 -29.60 27.30
CA PHE A 562 26.10 -28.52 26.77
C PHE A 562 25.28 -27.26 26.60
N LEU A 563 25.98 -26.14 26.39
CA LEU A 563 25.38 -24.84 26.18
C LEU A 563 25.85 -24.29 24.85
N TYR A 564 24.93 -24.13 23.90
CA TYR A 564 25.23 -23.50 22.63
C TYR A 564 25.07 -21.99 22.80
N VAL A 565 26.18 -21.26 22.64
CA VAL A 565 26.22 -19.81 22.81
C VAL A 565 26.68 -19.19 21.50
N ARG A 566 25.96 -18.17 21.04
CA ARG A 566 26.35 -17.52 19.80
C ARG A 566 25.90 -16.07 19.81
N THR A 567 26.52 -15.28 18.93
CA THR A 567 26.12 -13.91 18.67
C THR A 567 25.30 -13.88 17.38
N ASN A 568 24.06 -13.41 17.48
CA ASN A 568 23.16 -13.34 16.35
C ASN A 568 22.61 -11.93 16.25
N GLY A 569 21.85 -11.67 15.19
CA GLY A 569 21.27 -10.36 14.99
C GLY A 569 19.99 -10.45 14.19
N THR A 570 19.16 -9.43 14.33
CA THR A 570 17.91 -9.36 13.59
C THR A 570 17.64 -7.90 13.24
N SER A 571 16.46 -7.64 12.67
CA SER A 571 16.06 -6.29 12.31
C SER A 571 14.57 -6.15 12.53
N LYS A 572 14.09 -4.91 12.49
CA LYS A 572 12.68 -4.65 12.72
C LYS A 572 11.80 -5.47 11.80
N ILE A 573 12.15 -5.52 10.51
CA ILE A 573 11.37 -6.31 9.56
C ILE A 573 11.43 -7.79 9.91
N LYS A 574 12.62 -8.29 10.22
CA LYS A 574 12.76 -9.70 10.57
C LYS A 574 12.00 -10.03 11.84
N MET A 575 12.06 -9.16 12.86
CA MET A 575 11.31 -9.41 14.08
C MET A 575 9.81 -9.42 13.81
N LYS A 576 9.33 -8.44 13.02
CA LYS A 576 7.91 -8.37 12.73
C LYS A 576 7.44 -9.61 11.98
N TRP A 577 8.22 -10.07 10.99
CA TRP A 577 7.80 -11.22 10.21
C TRP A 577 7.95 -12.53 10.98
N GLY A 578 8.93 -12.62 11.89
CA GLY A 578 9.04 -13.79 12.73
C GLY A 578 7.99 -13.86 13.82
N MET A 579 7.42 -12.72 14.21
CA MET A 579 6.33 -12.73 15.16
C MET A 579 4.98 -12.99 14.51
N GLU A 580 4.94 -13.16 13.18
CA GLU A 580 3.75 -13.58 12.47
C GLU A 580 3.94 -14.96 11.87
N MET A 581 4.62 -15.85 12.59
CA MET A 581 4.85 -17.20 12.11
C MET A 581 3.61 -18.07 12.18
N ARG A 582 2.55 -17.62 12.86
CA ARG A 582 1.35 -18.44 13.00
C ARG A 582 0.59 -18.59 11.69
N ARG A 583 0.87 -17.75 10.70
CA ARG A 583 0.23 -17.89 9.40
C ARG A 583 0.77 -19.07 8.60
N CYS A 584 1.85 -19.70 9.06
CA CYS A 584 2.27 -20.97 8.47
C CYS A 584 1.19 -22.03 8.70
N LEU A 585 0.61 -22.04 9.90
CA LEU A 585 -0.55 -22.91 10.15
C LEU A 585 -1.63 -22.66 9.11
N LEU A 586 -1.93 -21.39 8.85
CA LEU A 586 -2.93 -21.07 7.84
C LEU A 586 -2.51 -21.70 6.52
N GLN A 587 -1.40 -21.21 5.93
CA GLN A 587 -0.95 -21.74 4.64
C GLN A 587 -1.14 -23.25 4.55
N SER A 588 -0.55 -23.99 5.48
CA SER A 588 -0.59 -25.44 5.42
C SER A 588 -2.02 -25.95 5.42
N LEU A 589 -2.82 -25.49 6.38
CA LEU A 589 -4.12 -26.10 6.56
C LEU A 589 -5.12 -25.64 5.50
N GLN A 590 -4.90 -24.45 4.94
CA GLN A 590 -5.64 -24.03 3.76
C GLN A 590 -5.35 -24.96 2.60
N GLN A 591 -4.08 -25.34 2.41
CA GLN A 591 -3.77 -26.30 1.35
C GLN A 591 -4.48 -27.63 1.59
N ILE A 592 -4.45 -28.13 2.82
CA ILE A 592 -5.09 -29.42 3.10
C ILE A 592 -6.60 -29.31 2.93
N GLU A 593 -7.20 -28.20 3.37
CA GLU A 593 -8.64 -28.04 3.24
C GLU A 593 -9.05 -27.88 1.79
N SER A 594 -8.20 -27.25 0.98
CA SER A 594 -8.44 -27.21 -0.46
C SER A 594 -8.42 -28.61 -1.05
N MET A 595 -7.47 -29.44 -0.64
CA MET A 595 -7.47 -30.83 -1.08
C MET A 595 -8.77 -31.52 -0.71
N ILE A 596 -9.19 -31.36 0.55
CA ILE A 596 -10.39 -32.05 1.03
C ILE A 596 -11.62 -31.57 0.27
N GLU A 597 -11.74 -30.26 0.05
CA GLU A 597 -12.89 -29.73 -0.67
C GLU A 597 -12.90 -30.20 -2.12
N ALA A 598 -11.73 -30.19 -2.76
CA ALA A 598 -11.65 -30.65 -4.15
C ALA A 598 -12.07 -32.10 -4.26
N GLU A 599 -11.62 -32.94 -3.34
CA GLU A 599 -12.02 -34.35 -3.39
C GLU A 599 -13.50 -34.51 -3.07
N SER A 600 -14.03 -33.70 -2.15
CA SER A 600 -15.43 -33.80 -1.76
C SER A 600 -16.37 -33.23 -2.81
N SER A 601 -15.87 -32.38 -3.71
CA SER A 601 -16.69 -31.95 -4.84
C SER A 601 -16.99 -33.12 -5.78
N VAL A 602 -16.18 -34.17 -5.74
CA VAL A 602 -16.42 -35.35 -6.56
C VAL A 602 -17.54 -36.19 -5.96
N LYS A 603 -17.35 -36.65 -4.73
CA LYS A 603 -18.39 -37.38 -4.01
C LYS A 603 -19.21 -36.38 -3.21
N GLU A 604 -20.52 -36.33 -3.47
CA GLU A 604 -21.35 -35.28 -2.90
C GLU A 604 -21.54 -35.51 -1.41
N LYS A 605 -20.49 -35.29 -0.64
CA LYS A 605 -20.51 -35.50 0.81
C LYS A 605 -19.19 -35.00 1.41
N ASP A 606 -19.22 -34.53 2.65
CA ASP A 606 -18.00 -34.12 3.33
C ASP A 606 -17.14 -35.34 3.60
N MET A 607 -15.85 -35.24 3.29
CA MET A 607 -14.95 -36.39 3.27
C MET A 607 -13.85 -36.26 4.31
N THR A 608 -14.01 -35.35 5.27
CA THR A 608 -12.95 -35.09 6.23
C THR A 608 -12.76 -36.26 7.20
N LYS A 609 -13.86 -36.78 7.75
CA LYS A 609 -13.75 -37.77 8.82
C LYS A 609 -13.03 -39.03 8.35
N GLU A 610 -13.41 -39.54 7.18
CA GLU A 610 -12.78 -40.76 6.68
C GLU A 610 -11.33 -40.50 6.28
N PHE A 611 -11.04 -39.32 5.73
CA PHE A 611 -9.65 -38.97 5.46
C PHE A 611 -8.81 -39.04 6.72
N PHE A 612 -9.31 -38.48 7.82
CA PHE A 612 -8.49 -38.39 9.03
C PHE A 612 -8.48 -39.67 9.86
N GLU A 613 -9.52 -40.52 9.75
CA GLU A 613 -9.57 -41.75 10.53
C GLU A 613 -9.17 -42.99 9.73
N ASN A 614 -9.82 -43.24 8.59
CA ASN A 614 -9.52 -44.44 7.83
C ASN A 614 -8.08 -44.43 7.32
N LYS A 615 -7.58 -43.27 6.89
CA LYS A 615 -6.20 -43.15 6.42
C LYS A 615 -5.91 -44.06 5.24
N SER A 616 -6.96 -44.36 4.45
CA SER A 616 -6.77 -45.22 3.29
C SER A 616 -5.96 -44.49 2.20
N GLU A 617 -6.39 -43.28 1.84
CA GLU A 617 -5.69 -42.51 0.83
C GLU A 617 -4.40 -41.93 1.39
N THR A 618 -3.35 -41.91 0.58
CA THR A 618 -2.06 -41.38 0.99
C THR A 618 -1.44 -40.62 -0.17
N TRP A 619 -0.58 -39.65 0.16
CA TRP A 619 0.09 -38.83 -0.82
C TRP A 619 1.60 -39.04 -0.75
N PRO A 620 2.32 -38.96 -1.88
CA PRO A 620 3.79 -39.04 -1.81
C PRO A 620 4.37 -37.87 -1.04
N ILE A 621 4.97 -38.15 0.11
CA ILE A 621 5.44 -37.08 0.99
C ILE A 621 6.91 -37.32 1.38
N GLY A 622 7.61 -38.09 0.59
CA GLY A 622 9.01 -38.38 0.85
C GLY A 622 9.45 -39.64 0.15
N GLU A 623 10.77 -39.80 0.05
CA GLU A 623 11.38 -40.94 -0.63
C GLU A 623 12.36 -41.64 0.30
N SER A 624 12.26 -42.95 0.38
CA SER A 624 13.18 -43.80 1.09
C SER A 624 14.05 -44.58 0.11
N PRO A 625 15.21 -45.07 0.53
CA PRO A 625 16.04 -45.85 -0.39
C PRO A 625 15.28 -46.96 -1.10
N LYS A 626 14.26 -47.53 -0.45
CA LYS A 626 13.41 -48.50 -1.12
C LYS A 626 12.62 -47.84 -2.26
N GLY A 627 12.14 -46.62 -2.04
CA GLY A 627 11.37 -45.93 -3.06
C GLY A 627 10.60 -44.78 -2.44
N VAL A 628 9.59 -44.31 -3.18
CA VAL A 628 8.76 -43.20 -2.72
C VAL A 628 7.82 -43.71 -1.64
N GLU A 629 7.73 -42.95 -0.55
CA GLU A 629 6.90 -43.30 0.59
C GLU A 629 5.71 -42.35 0.67
N GLU A 630 4.52 -42.92 0.91
CA GLU A 630 3.30 -42.15 1.03
C GLU A 630 2.79 -42.19 2.46
N GLY A 631 2.20 -41.07 2.89
CA GLY A 631 1.69 -40.95 4.24
C GLY A 631 0.26 -40.44 4.25
N SER A 632 -0.40 -40.60 5.39
CA SER A 632 -1.77 -40.20 5.54
C SER A 632 -1.90 -38.67 5.43
N ILE A 633 -3.13 -38.18 5.48
CA ILE A 633 -3.37 -36.76 5.31
C ILE A 633 -2.75 -35.96 6.45
N GLY A 634 -2.75 -36.52 7.66
CA GLY A 634 -2.15 -35.83 8.79
C GLY A 634 -0.66 -35.60 8.59
N LYS A 635 0.04 -36.59 8.05
CA LYS A 635 1.46 -36.42 7.77
C LYS A 635 1.69 -35.36 6.70
N VAL A 636 0.79 -35.27 5.71
CA VAL A 636 0.88 -34.20 4.73
C VAL A 636 0.68 -32.85 5.41
N CYS A 637 -0.28 -32.75 6.33
CA CYS A 637 -0.49 -31.53 7.09
C CYS A 637 0.80 -31.11 7.78
N ARG A 638 1.41 -32.05 8.51
CA ARG A 638 2.61 -31.73 9.26
C ARG A 638 3.76 -31.36 8.33
N THR A 639 3.88 -32.05 7.19
CA THR A 639 4.96 -31.75 6.25
C THR A 639 4.81 -30.35 5.68
N LEU A 640 3.59 -29.98 5.27
CA LEU A 640 3.38 -28.64 4.74
C LEU A 640 3.60 -27.57 5.82
N LEU A 641 3.17 -27.86 7.05
CA LEU A 641 3.39 -26.91 8.14
C LEU A 641 4.88 -26.71 8.37
N ALA A 642 5.65 -27.80 8.36
CA ALA A 642 7.10 -27.69 8.54
C ALA A 642 7.73 -26.91 7.39
N LYS A 643 7.26 -27.14 6.16
CA LYS A 643 7.79 -26.41 5.02
C LYS A 643 7.55 -24.91 5.18
N SER A 644 6.33 -24.54 5.59
CA SER A 644 6.03 -23.12 5.78
C SER A 644 6.86 -22.54 6.92
N VAL A 645 7.03 -23.30 8.00
CA VAL A 645 7.82 -22.80 9.13
C VAL A 645 9.26 -22.57 8.71
N PHE A 646 9.84 -23.50 7.94
CA PHE A 646 11.21 -23.32 7.49
C PHE A 646 11.31 -22.20 6.47
N ASN A 647 10.28 -21.98 5.66
CA ASN A 647 10.26 -20.83 4.79
C ASN A 647 10.32 -19.54 5.59
N SER A 648 9.57 -19.48 6.69
CA SER A 648 9.57 -18.29 7.54
C SER A 648 10.86 -18.15 8.32
N LEU A 649 11.56 -19.26 8.60
CA LEU A 649 12.78 -19.20 9.40
C LEU A 649 13.99 -18.88 8.54
N TYR A 650 14.15 -19.56 7.39
CA TYR A 650 15.28 -19.36 6.51
C TYR A 650 14.95 -18.47 5.32
N ALA A 651 14.07 -17.49 5.53
CA ALA A 651 13.68 -16.60 4.43
C ALA A 651 14.88 -15.82 3.93
N SER A 652 14.93 -15.61 2.61
CA SER A 652 16.01 -14.87 1.99
C SER A 652 15.68 -14.59 0.53
N PRO A 653 16.35 -13.62 -0.11
CA PRO A 653 16.09 -13.37 -1.53
C PRO A 653 16.34 -14.58 -2.40
N GLN A 654 17.33 -15.40 -2.06
CA GLN A 654 17.57 -16.64 -2.79
C GLN A 654 16.33 -17.50 -2.82
N LEU A 655 15.63 -17.61 -1.68
CA LEU A 655 14.43 -18.43 -1.63
C LEU A 655 13.37 -17.91 -2.59
N GLU A 656 13.15 -16.59 -2.61
CA GLU A 656 12.13 -16.03 -3.50
C GLU A 656 12.49 -16.28 -4.96
N GLY A 657 13.74 -15.97 -5.34
CA GLY A 657 14.13 -16.16 -6.72
C GLY A 657 14.03 -17.61 -7.17
N PHE A 658 14.55 -18.52 -6.35
CA PHE A 658 14.47 -19.93 -6.69
C PHE A 658 13.01 -20.38 -6.76
N SER A 659 12.17 -19.93 -5.82
CA SER A 659 10.78 -20.34 -5.82
C SER A 659 10.11 -19.94 -7.14
N ALA A 660 10.30 -18.69 -7.56
CA ALA A 660 9.67 -18.25 -8.81
C ALA A 660 10.21 -19.02 -10.01
N GLU A 661 11.53 -19.05 -10.17
CA GLU A 661 12.13 -19.64 -11.36
C GLU A 661 12.01 -21.16 -11.38
N SER A 662 11.70 -21.79 -10.25
CA SER A 662 11.44 -23.21 -10.20
C SER A 662 9.96 -23.53 -10.31
N ARG A 663 9.09 -22.62 -9.90
CA ARG A 663 7.67 -22.78 -10.18
C ARG A 663 7.42 -22.74 -11.68
N LYS A 664 8.16 -21.89 -12.39
CA LYS A 664 8.05 -21.88 -13.85
C LYS A 664 8.35 -23.27 -14.43
N LEU A 665 9.49 -23.85 -14.04
CA LEU A 665 9.86 -25.16 -14.56
C LEU A 665 8.92 -26.25 -14.08
N LEU A 666 8.39 -26.12 -12.86
CA LEU A 666 7.41 -27.07 -12.37
C LEU A 666 6.15 -27.04 -13.21
N LEU A 667 5.70 -25.85 -13.59
CA LEU A 667 4.53 -25.74 -14.47
C LEU A 667 4.83 -26.37 -15.82
N ILE A 668 6.02 -26.13 -16.36
CA ILE A 668 6.37 -26.75 -17.64
C ILE A 668 6.35 -28.27 -17.52
N VAL A 669 6.92 -28.81 -16.44
CA VAL A 669 6.97 -30.26 -16.26
C VAL A 669 5.56 -30.81 -16.09
N GLN A 670 4.70 -30.09 -15.37
CA GLN A 670 3.32 -30.52 -15.20
C GLN A 670 2.60 -30.55 -16.54
N ALA A 671 2.83 -29.55 -17.38
CA ALA A 671 2.26 -29.56 -18.73
C ALA A 671 2.75 -30.77 -19.51
N LEU A 672 4.04 -31.10 -19.37
CA LEU A 672 4.57 -32.29 -20.03
C LEU A 672 3.84 -33.54 -19.56
N ARG A 673 3.69 -33.68 -18.24
CA ARG A 673 3.05 -34.87 -17.68
C ARG A 673 1.57 -34.95 -18.03
N ASP A 674 0.96 -33.81 -18.40
CA ASP A 674 -0.45 -33.79 -18.77
C ASP A 674 -0.67 -34.03 -20.26
N ASN A 675 0.39 -34.29 -21.02
CA ASN A 675 0.29 -34.55 -22.45
C ASN A 675 -0.26 -33.31 -23.18
N LEU A 676 0.36 -32.16 -22.94
CA LEU A 676 -0.06 -30.90 -23.52
C LEU A 676 0.99 -30.32 -24.47
N GLU A 677 1.90 -31.15 -24.96
CA GLU A 677 2.93 -30.77 -25.94
C GLU A 677 3.59 -29.45 -25.53
N PRO A 678 4.19 -29.39 -24.35
CA PRO A 678 4.84 -28.16 -23.93
C PRO A 678 6.04 -27.83 -24.80
N GLY A 679 6.33 -26.54 -24.89
CA GLY A 679 7.47 -26.08 -25.68
C GLY A 679 8.12 -24.89 -24.99
N THR A 680 9.40 -24.69 -25.31
CA THR A 680 10.17 -23.61 -24.71
C THR A 680 10.94 -22.89 -25.80
N PHE A 681 11.19 -21.61 -25.57
CA PHE A 681 11.99 -20.79 -26.48
C PHE A 681 13.46 -20.75 -26.10
N ASP A 682 13.76 -20.69 -24.80
CA ASP A 682 15.13 -20.77 -24.33
C ASP A 682 15.11 -21.43 -22.96
N LEU A 683 15.28 -22.76 -22.93
CA LEU A 683 15.27 -23.47 -21.66
C LEU A 683 16.58 -23.28 -20.91
N GLY A 684 17.70 -23.15 -21.62
CA GLY A 684 18.96 -22.89 -20.97
C GLY A 684 18.94 -21.60 -20.18
N GLY A 685 18.26 -20.57 -20.72
CA GLY A 685 18.13 -19.33 -19.98
C GLY A 685 17.38 -19.51 -18.68
N LEU A 686 16.28 -20.27 -18.72
CA LEU A 686 15.53 -20.55 -17.50
C LEU A 686 16.38 -21.32 -16.49
N TYR A 687 17.14 -22.31 -16.97
CA TYR A 687 18.00 -23.06 -16.07
C TYR A 687 19.04 -22.16 -15.41
N GLU A 688 19.66 -21.29 -16.21
CA GLU A 688 20.64 -20.36 -15.64
C GLU A 688 19.98 -19.40 -14.66
N ALA A 689 18.73 -19.00 -14.92
CA ALA A 689 18.03 -18.15 -13.97
C ALA A 689 17.76 -18.88 -12.65
N ILE A 690 17.44 -20.17 -12.71
CA ILE A 690 17.21 -20.93 -11.48
C ILE A 690 18.52 -21.12 -10.73
N GLU A 691 19.59 -21.48 -11.45
CA GLU A 691 20.84 -21.86 -10.80
C GLU A 691 21.56 -20.69 -10.16
N GLU A 692 21.24 -19.44 -10.54
CA GLU A 692 21.90 -18.30 -9.94
C GLU A 692 21.34 -17.94 -8.58
N CYS A 693 20.20 -18.50 -8.19
CA CYS A 693 19.63 -18.25 -6.87
C CYS A 693 20.23 -19.14 -5.79
N LEU A 694 20.88 -20.23 -6.17
CA LEU A 694 21.44 -21.18 -5.21
C LEU A 694 22.86 -20.77 -4.90
N ILE A 695 23.08 -20.16 -3.73
CA ILE A 695 24.42 -19.68 -3.39
C ILE A 695 24.91 -20.32 -2.09
N ASN A 696 24.27 -20.00 -0.96
CA ASN A 696 24.71 -20.54 0.32
C ASN A 696 23.59 -20.84 1.30
N ASP A 697 22.33 -20.64 0.95
CA ASP A 697 21.28 -20.83 1.95
C ASP A 697 20.95 -22.31 2.07
N PRO A 698 21.02 -22.91 3.26
CA PRO A 698 20.69 -24.34 3.36
C PRO A 698 19.30 -24.67 2.87
N TRP A 699 18.32 -23.81 3.16
CA TRP A 699 16.93 -24.12 2.82
C TRP A 699 16.73 -24.16 1.31
N VAL A 700 17.26 -23.16 0.60
CA VAL A 700 17.06 -23.14 -0.85
C VAL A 700 17.81 -24.29 -1.51
N LEU A 701 19.00 -24.63 -1.01
CA LEU A 701 19.72 -25.77 -1.56
C LEU A 701 18.96 -27.07 -1.32
N LEU A 702 18.37 -27.23 -0.14
CA LEU A 702 17.54 -28.41 0.12
C LEU A 702 16.33 -28.44 -0.81
N ASN A 703 15.73 -27.28 -1.06
CA ASN A 703 14.61 -27.22 -2.00
C ASN A 703 15.05 -27.61 -3.40
N ALA A 704 16.24 -27.18 -3.81
CA ALA A 704 16.75 -27.55 -5.13
C ALA A 704 17.01 -29.05 -5.21
N SER A 705 17.56 -29.63 -4.15
CA SER A 705 17.76 -31.08 -4.13
C SER A 705 16.43 -31.81 -4.21
N TRP A 706 15.41 -31.31 -3.49
CA TRP A 706 14.08 -31.89 -3.58
C TRP A 706 13.53 -31.79 -4.99
N PHE A 707 13.76 -30.65 -5.66
CA PHE A 707 13.30 -30.48 -7.03
C PHE A 707 13.98 -31.46 -7.97
N ASN A 708 15.28 -31.67 -7.79
CA ASN A 708 15.99 -32.64 -8.61
C ASN A 708 15.44 -34.04 -8.38
N SER A 709 15.17 -34.40 -7.12
CA SER A 709 14.59 -35.71 -6.83
C SER A 709 13.22 -35.85 -7.46
N PHE A 710 12.41 -34.78 -7.42
CA PHE A 710 11.08 -34.82 -8.02
C PHE A 710 11.17 -35.00 -9.53
N LEU A 711 12.11 -34.32 -10.18
CA LEU A 711 12.33 -34.53 -11.61
C LEU A 711 12.73 -35.97 -11.89
N THR A 712 13.64 -36.51 -11.08
CA THR A 712 14.08 -37.89 -11.31
C THR A 712 12.91 -38.86 -11.16
N HIS A 713 12.08 -38.68 -10.14
CA HIS A 713 10.94 -39.56 -9.94
C HIS A 713 9.85 -39.29 -10.98
N ALA A 714 9.66 -38.03 -11.34
CA ALA A 714 8.75 -37.69 -12.42
C ALA A 714 9.43 -38.01 -13.75
N LEU A 715 8.79 -37.65 -14.86
CA LEU A 715 9.35 -37.90 -16.19
C LEU A 715 9.54 -39.40 -16.42
N ARG A 716 8.45 -40.14 -16.22
CA ARG A 716 8.48 -41.59 -16.39
C ARG A 716 7.17 -42.09 -16.99
N MET B 1 13.37 -42.76 6.33
CA MET B 1 12.60 -42.04 5.28
C MET B 1 12.85 -40.53 5.38
N ASP B 2 13.11 -39.91 4.23
CA ASP B 2 13.34 -38.47 4.15
C ASP B 2 12.11 -37.79 3.60
N VAL B 3 11.62 -36.79 4.32
CA VAL B 3 10.42 -36.07 3.92
C VAL B 3 10.76 -35.08 2.82
N ASN B 4 9.89 -35.01 1.81
CA ASN B 4 10.10 -34.11 0.68
C ASN B 4 8.76 -33.60 0.18
N PRO B 5 8.37 -32.36 0.53
CA PRO B 5 7.06 -31.87 0.09
C PRO B 5 6.90 -31.81 -1.42
N THR B 6 7.97 -31.54 -2.17
CA THR B 6 7.83 -31.39 -3.62
C THR B 6 7.26 -32.64 -4.27
N LEU B 7 7.59 -33.82 -3.72
CA LEU B 7 7.05 -35.06 -4.28
C LEU B 7 5.54 -35.09 -4.24
N LEU B 8 4.91 -34.25 -3.42
CA LEU B 8 3.45 -34.15 -3.41
C LEU B 8 2.90 -33.81 -4.78
N PHE B 9 3.69 -33.15 -5.63
CA PHE B 9 3.22 -32.81 -6.97
C PHE B 9 3.09 -34.03 -7.88
N LEU B 10 3.61 -35.18 -7.47
CA LEU B 10 3.46 -36.39 -8.28
C LEU B 10 2.04 -36.93 -8.25
N LYS B 11 1.24 -36.52 -7.26
CA LYS B 11 -0.15 -36.94 -7.16
C LYS B 11 -1.12 -35.77 -7.32
N VAL B 12 -0.80 -34.61 -6.76
CA VAL B 12 -1.61 -33.41 -6.90
C VAL B 12 -1.04 -32.58 -8.04
N PRO B 13 -1.82 -32.23 -9.07
CA PRO B 13 -1.28 -31.39 -10.15
C PRO B 13 -0.61 -30.13 -9.62
N ALA B 14 0.27 -29.54 -10.42
CA ALA B 14 1.06 -28.40 -9.94
C ALA B 14 0.18 -27.24 -9.56
N GLN B 15 -0.83 -26.93 -10.38
CA GLN B 15 -1.68 -25.77 -10.12
C GLN B 15 -2.61 -26.00 -8.94
N ASN B 16 -3.04 -27.23 -8.71
CA ASN B 16 -3.92 -27.52 -7.58
C ASN B 16 -3.21 -27.39 -6.23
N ALA B 17 -1.87 -27.33 -6.23
CA ALA B 17 -1.11 -27.13 -5.00
C ALA B 17 -0.03 -26.07 -5.19
N ILE B 18 -0.28 -25.10 -6.08
CA ILE B 18 0.70 -24.07 -6.36
C ILE B 18 0.95 -23.19 -5.15
N SER B 19 0.01 -23.12 -4.22
CA SER B 19 0.20 -22.29 -3.04
C SER B 19 1.44 -22.71 -2.26
N THR B 20 1.81 -23.98 -2.32
CA THR B 20 3.00 -24.47 -1.62
C THR B 20 4.28 -23.86 -2.17
N THR B 21 4.26 -23.36 -3.41
CA THR B 21 5.45 -22.82 -4.06
C THR B 21 5.59 -21.31 -3.88
N PHE B 22 4.91 -20.74 -2.89
CA PHE B 22 4.94 -19.30 -2.63
C PHE B 22 5.42 -19.07 -1.20
N PRO B 23 6.72 -18.84 -1.01
CA PRO B 23 7.24 -18.62 0.36
C PRO B 23 6.94 -17.22 0.88
N TYR B 24 5.65 -16.93 1.04
CA TYR B 24 5.20 -15.61 1.49
C TYR B 24 4.92 -15.58 2.99
N THR B 25 5.60 -16.43 3.76
CA THR B 25 5.51 -16.43 5.21
C THR B 25 6.74 -15.85 5.87
N GLY B 26 7.75 -15.42 5.10
CA GLY B 26 8.97 -14.86 5.63
C GLY B 26 9.14 -13.42 5.20
N ASP B 27 10.18 -12.80 5.74
CA ASP B 27 10.44 -11.39 5.43
C ASP B 27 10.81 -11.25 3.95
N PRO B 28 10.15 -10.36 3.22
CA PRO B 28 10.52 -10.16 1.81
C PRO B 28 11.84 -9.42 1.71
N PRO B 29 12.55 -9.56 0.58
CA PRO B 29 13.84 -8.88 0.44
C PRO B 29 13.68 -7.37 0.47
N TYR B 30 14.66 -6.71 1.09
CA TYR B 30 14.73 -5.25 1.16
C TYR B 30 16.10 -4.78 0.70
N SER B 31 16.11 -3.58 0.11
CA SER B 31 17.36 -2.90 -0.16
C SER B 31 17.83 -2.17 1.10
N HIS B 32 19.15 -2.08 1.25
CA HIS B 32 19.76 -1.52 2.45
C HIS B 32 20.33 -0.13 2.25
N GLY B 33 21.00 0.12 1.13
CA GLY B 33 21.68 1.39 0.94
C GLY B 33 21.24 2.15 -0.30
N THR B 34 22.21 2.73 -1.00
CA THR B 34 21.91 3.59 -2.14
C THR B 34 21.35 2.78 -3.30
N GLY B 35 20.55 3.45 -4.12
CA GLY B 35 20.06 2.87 -5.36
C GLY B 35 20.76 3.46 -6.57
N THR B 36 21.87 4.17 -6.33
CA THR B 36 22.59 4.80 -7.43
C THR B 36 23.13 3.78 -8.41
N GLY B 37 23.67 2.67 -7.90
CA GLY B 37 24.19 1.64 -8.80
C GLY B 37 23.13 1.12 -9.74
N TYR B 38 21.94 0.83 -9.21
CA TYR B 38 20.85 0.34 -10.05
C TYR B 38 20.42 1.40 -11.06
N THR B 39 20.36 2.67 -10.65
CA THR B 39 19.98 3.71 -11.58
C THR B 39 20.97 3.82 -12.73
N MET B 40 22.27 3.81 -12.42
CA MET B 40 23.28 3.88 -13.45
C MET B 40 23.21 2.66 -14.37
N ASP B 41 23.02 1.47 -13.79
CA ASP B 41 22.92 0.27 -14.60
C ASP B 41 21.72 0.35 -15.54
N THR B 42 20.58 0.82 -15.03
CA THR B 42 19.40 0.93 -15.88
C THR B 42 19.61 1.94 -17.00
N VAL B 43 20.24 3.08 -16.69
CA VAL B 43 20.48 4.08 -17.73
C VAL B 43 21.39 3.50 -18.81
N ASN B 44 22.48 2.86 -18.40
CA ASN B 44 23.41 2.29 -19.39
C ASN B 44 22.73 1.20 -20.21
N ARG B 45 21.93 0.35 -19.56
CA ARG B 45 21.25 -0.72 -20.28
C ARG B 45 20.24 -0.16 -21.28
N THR B 46 19.49 0.86 -20.88
CA THR B 46 18.54 1.48 -21.80
C THR B 46 19.27 2.13 -22.97
N HIS B 47 20.44 2.72 -22.74
CA HIS B 47 21.17 3.38 -23.81
C HIS B 47 21.87 2.40 -24.74
N GLN B 48 22.24 1.21 -24.25
CA GLN B 48 22.96 0.26 -25.08
C GLN B 48 22.04 -0.69 -25.83
N TYR B 49 20.78 -0.82 -25.42
CA TYR B 49 19.79 -1.52 -26.23
C TYR B 49 19.41 -0.72 -27.46
N SER B 50 19.79 0.55 -27.55
CA SER B 50 19.49 1.42 -28.67
C SER B 50 20.76 2.05 -29.22
N GLU B 51 21.89 1.36 -29.08
CA GLU B 51 23.18 1.94 -29.43
C GLU B 51 23.24 2.35 -30.90
N LYS B 52 22.57 1.61 -31.78
CA LYS B 52 22.66 1.84 -33.21
C LYS B 52 21.80 3.01 -33.68
N GLY B 53 21.18 3.76 -32.77
CA GLY B 53 20.42 4.92 -33.15
C GLY B 53 21.33 6.05 -33.59
N ARG B 54 20.84 7.29 -33.52
CA ARG B 54 21.63 8.46 -33.88
C ARG B 54 21.68 9.42 -32.70
N TRP B 55 22.84 10.04 -32.51
CA TRP B 55 23.09 10.92 -31.38
C TRP B 55 22.85 12.37 -31.77
N THR B 56 22.34 13.14 -30.81
CA THR B 56 22.15 14.58 -30.98
C THR B 56 22.38 15.25 -29.64
N THR B 57 22.48 16.58 -29.67
CA THR B 57 22.62 17.37 -28.45
C THR B 57 21.52 18.41 -28.42
N ASN B 58 20.68 18.33 -27.40
CA ASN B 58 19.57 19.27 -27.27
C ASN B 58 20.10 20.69 -27.13
N THR B 59 19.53 21.62 -27.89
CA THR B 59 19.96 23.00 -27.85
C THR B 59 19.50 23.73 -26.59
N GLU B 60 18.47 23.21 -25.92
CA GLU B 60 17.97 23.84 -24.71
C GLU B 60 18.66 23.29 -23.46
N THR B 61 18.60 21.98 -23.25
CA THR B 61 19.21 21.35 -22.09
C THR B 61 20.68 21.01 -22.29
N GLY B 62 21.16 21.02 -23.53
CA GLY B 62 22.56 20.72 -23.78
C GLY B 62 22.95 19.29 -23.45
N ALA B 63 21.97 18.39 -23.32
CA ALA B 63 22.27 17.01 -22.96
C ALA B 63 22.30 16.12 -24.20
N PRO B 64 23.12 15.07 -24.21
CA PRO B 64 23.14 14.15 -25.36
C PRO B 64 21.92 13.23 -25.32
N GLN B 65 21.26 13.11 -26.47
CA GLN B 65 20.07 12.28 -26.61
C GLN B 65 20.25 11.31 -27.76
N LEU B 66 19.71 10.11 -27.61
CA LEU B 66 19.86 9.03 -28.58
C LEU B 66 18.49 8.70 -29.15
N ASN B 67 18.36 8.82 -30.47
CA ASN B 67 17.10 8.52 -31.16
C ASN B 67 17.27 7.25 -31.97
N PRO B 68 16.65 6.13 -31.57
CA PRO B 68 16.78 4.90 -32.35
C PRO B 68 15.64 4.67 -33.32
N ILE B 69 14.60 5.51 -33.24
CA ILE B 69 13.42 5.30 -34.07
C ILE B 69 13.83 5.26 -35.53
N ASP B 70 13.19 4.37 -36.29
CA ASP B 70 13.50 4.15 -37.70
C ASP B 70 14.96 3.73 -37.90
N GLY B 71 15.59 3.17 -36.86
CA GLY B 71 16.93 2.71 -36.97
C GLY B 71 17.02 1.37 -37.69
N PRO B 72 18.22 0.83 -37.81
CA PRO B 72 18.38 -0.44 -38.50
C PRO B 72 17.58 -1.55 -37.84
N LEU B 73 17.00 -2.41 -38.68
CA LEU B 73 16.20 -3.50 -38.16
C LEU B 73 17.08 -4.49 -37.40
N PRO B 74 16.58 -5.06 -36.30
CA PRO B 74 17.39 -5.99 -35.52
C PRO B 74 17.73 -7.24 -36.33
N GLU B 75 18.94 -7.76 -36.10
CA GLU B 75 19.41 -8.98 -36.73
C GLU B 75 19.66 -10.09 -35.72
N ASP B 76 19.25 -9.91 -34.47
CA ASP B 76 19.40 -10.91 -33.43
C ASP B 76 18.21 -10.83 -32.50
N ASN B 77 18.08 -11.85 -31.65
CA ASN B 77 16.95 -11.95 -30.73
C ASN B 77 17.17 -11.18 -29.44
N GLU B 78 18.26 -10.42 -29.33
CA GLU B 78 18.50 -9.61 -28.14
C GLU B 78 17.51 -8.44 -28.10
N PRO B 79 17.28 -7.88 -26.91
CA PRO B 79 16.35 -6.75 -26.81
C PRO B 79 16.79 -5.59 -27.70
N SER B 80 15.80 -4.94 -28.31
CA SER B 80 16.07 -3.84 -29.23
C SER B 80 14.98 -2.79 -29.10
N GLY B 81 15.36 -1.52 -29.09
CA GLY B 81 14.42 -0.43 -29.00
C GLY B 81 14.25 0.32 -30.30
N TYR B 82 14.58 -0.33 -31.43
CA TYR B 82 14.52 0.31 -32.74
C TYR B 82 13.11 0.14 -33.32
N ALA B 83 12.18 0.87 -32.74
CA ALA B 83 10.80 0.88 -33.23
C ALA B 83 10.71 1.69 -34.52
N GLN B 84 9.83 1.26 -35.42
CA GLN B 84 9.66 1.90 -36.72
C GLN B 84 8.38 2.73 -36.70
N THR B 85 8.50 4.01 -37.06
CA THR B 85 7.35 4.90 -36.97
C THR B 85 6.21 4.44 -37.85
N ASP B 86 6.52 4.07 -39.09
CA ASP B 86 5.46 3.69 -40.03
C ASP B 86 4.74 2.43 -39.55
N CYS B 87 5.48 1.45 -39.03
CA CYS B 87 4.85 0.23 -38.56
C CYS B 87 3.86 0.50 -37.42
N VAL B 88 4.26 1.33 -36.47
CA VAL B 88 3.40 1.61 -35.32
C VAL B 88 2.20 2.45 -35.75
N LEU B 89 2.42 3.39 -36.65
CA LEU B 89 1.28 4.15 -37.17
C LEU B 89 0.29 3.24 -37.88
N GLU B 90 0.80 2.28 -38.66
CA GLU B 90 -0.07 1.32 -39.32
C GLU B 90 -0.81 0.45 -38.31
N ALA B 91 -0.12 0.04 -37.24
CA ALA B 91 -0.78 -0.76 -36.20
C ALA B 91 -1.91 0.02 -35.56
N MET B 92 -1.67 1.30 -35.25
CA MET B 92 -2.72 2.13 -34.68
C MET B 92 -3.86 2.32 -35.67
N ALA B 93 -3.54 2.47 -36.95
CA ALA B 93 -4.59 2.61 -37.96
C ALA B 93 -5.46 1.36 -38.03
N PHE B 94 -4.84 0.18 -37.99
CA PHE B 94 -5.62 -1.05 -37.98
C PHE B 94 -6.43 -1.17 -36.70
N LEU B 95 -5.88 -0.75 -35.57
CA LEU B 95 -6.65 -0.74 -34.33
C LEU B 95 -7.88 0.13 -34.47
N GLU B 96 -7.73 1.30 -35.08
CA GLU B 96 -8.88 2.18 -35.32
C GLU B 96 -9.88 1.53 -36.25
N GLU B 97 -9.39 0.90 -37.33
CA GLU B 97 -10.30 0.28 -38.30
C GLU B 97 -11.12 -0.83 -37.67
N SER B 98 -10.47 -1.67 -36.84
CA SER B 98 -11.20 -2.73 -36.17
C SER B 98 -12.15 -2.21 -35.11
N HIS B 99 -11.91 -1.00 -34.59
CA HIS B 99 -12.76 -0.37 -33.59
C HIS B 99 -13.05 1.06 -34.01
N PRO B 100 -13.90 1.25 -35.02
CA PRO B 100 -14.17 2.61 -35.51
C PRO B 100 -14.77 3.48 -34.41
N GLY B 101 -14.38 4.75 -34.43
CA GLY B 101 -14.88 5.73 -33.48
C GLY B 101 -14.24 5.68 -32.11
N ILE B 102 -13.24 4.82 -31.89
CA ILE B 102 -12.61 4.71 -30.59
C ILE B 102 -11.85 5.99 -30.25
N PHE B 103 -10.97 6.42 -31.15
CA PHE B 103 -10.12 7.57 -30.85
C PHE B 103 -10.94 8.85 -30.73
N GLU B 104 -11.88 9.07 -31.64
CA GLU B 104 -12.66 10.30 -31.60
C GLU B 104 -13.45 10.41 -30.31
N ASN B 105 -14.15 9.34 -29.94
CA ASN B 105 -14.90 9.37 -28.69
C ASN B 105 -13.97 9.61 -27.51
N SER B 106 -12.94 8.76 -27.37
CA SER B 106 -12.06 8.90 -26.22
C SER B 106 -11.49 10.30 -26.12
N CYS B 107 -11.14 10.90 -27.26
CA CYS B 107 -10.66 12.28 -27.25
C CYS B 107 -11.75 13.24 -26.80
N LEU B 108 -13.01 12.97 -27.16
CA LEU B 108 -14.09 13.86 -26.71
C LEU B 108 -14.22 13.85 -25.19
N GLU B 109 -14.31 12.66 -24.59
CA GLU B 109 -14.41 12.63 -23.13
C GLU B 109 -13.14 13.20 -22.47
N THR B 110 -11.97 12.92 -23.04
CA THR B 110 -10.74 13.47 -22.48
C THR B 110 -10.74 14.99 -22.55
N MET B 111 -11.25 15.55 -23.66
CA MET B 111 -11.33 17.00 -23.79
C MET B 111 -12.27 17.59 -22.74
N GLU B 112 -13.42 16.94 -22.52
CA GLU B 112 -14.31 17.37 -21.47
C GLU B 112 -13.60 17.41 -20.12
N VAL B 113 -12.92 16.30 -19.78
CA VAL B 113 -12.27 16.20 -18.48
C VAL B 113 -11.17 17.25 -18.35
N VAL B 114 -10.35 17.41 -19.39
CA VAL B 114 -9.24 18.36 -19.31
C VAL B 114 -9.75 19.78 -19.13
N GLN B 115 -10.82 20.14 -19.83
CA GLN B 115 -11.30 21.52 -19.72
C GLN B 115 -12.17 21.73 -18.49
N GLN B 116 -12.56 20.67 -17.77
CA GLN B 116 -13.26 20.85 -16.50
C GLN B 116 -12.46 20.36 -15.30
N THR B 117 -11.25 19.86 -15.51
CA THR B 117 -10.44 19.39 -14.38
C THR B 117 -9.93 20.58 -13.56
N ARG B 118 -9.68 20.32 -12.28
CA ARG B 118 -9.21 21.32 -11.33
C ARG B 118 -7.78 21.02 -10.92
N VAL B 119 -7.15 22.00 -10.27
CA VAL B 119 -5.77 21.84 -9.82
C VAL B 119 -5.68 20.84 -8.67
N ASP B 120 -6.67 20.85 -7.78
CA ASP B 120 -6.59 20.02 -6.58
C ASP B 120 -6.47 18.54 -6.90
N LYS B 121 -6.85 18.13 -8.11
CA LYS B 121 -6.71 16.72 -8.49
C LYS B 121 -5.27 16.25 -8.42
N LEU B 122 -4.30 17.17 -8.50
CA LEU B 122 -2.89 16.78 -8.40
C LEU B 122 -2.50 16.44 -6.97
N THR B 123 -3.26 16.88 -5.97
CA THR B 123 -2.93 16.55 -4.59
C THR B 123 -3.21 15.08 -4.28
N GLN B 124 -4.08 14.44 -5.04
CA GLN B 124 -4.43 13.04 -4.82
C GLN B 124 -3.38 12.12 -5.46
N GLY B 125 -2.17 12.23 -4.95
CA GLY B 125 -1.06 11.42 -5.43
C GLY B 125 -0.04 11.19 -4.34
N ARG B 126 0.74 10.12 -4.52
CA ARG B 126 1.76 9.77 -3.56
C ARG B 126 3.03 10.59 -3.82
N GLN B 127 4.14 10.20 -3.19
CA GLN B 127 5.36 11.00 -3.23
C GLN B 127 5.66 11.50 -4.63
N THR B 128 6.06 12.76 -4.72
CA THR B 128 6.48 13.38 -5.96
C THR B 128 7.76 14.16 -5.72
N TYR B 129 8.57 14.29 -6.77
CA TYR B 129 9.88 14.94 -6.65
C TYR B 129 9.70 16.45 -6.70
N ASP B 130 9.75 17.10 -5.54
CA ASP B 130 9.75 18.55 -5.49
C ASP B 130 11.13 19.07 -5.90
N TRP B 131 11.14 19.92 -6.93
CA TRP B 131 12.36 20.55 -7.39
C TRP B 131 12.74 21.78 -6.59
N THR B 132 11.82 22.36 -5.84
CA THR B 132 12.15 23.49 -4.99
C THR B 132 13.17 23.09 -3.93
N LEU B 133 13.12 21.84 -3.48
CA LEU B 133 14.05 21.32 -2.48
C LEU B 133 14.88 20.17 -3.01
N ASN B 134 14.66 19.73 -4.25
CA ASN B 134 15.39 18.61 -4.83
C ASN B 134 15.23 17.35 -3.99
N ARG B 135 13.97 17.00 -3.68
CA ARG B 135 13.74 15.81 -2.87
C ARG B 135 12.29 15.38 -3.01
N ASN B 136 12.03 14.13 -2.64
CA ASN B 136 10.67 13.61 -2.69
C ASN B 136 9.86 14.12 -1.51
N GLN B 137 8.66 14.60 -1.79
CA GLN B 137 7.77 15.11 -0.78
C GLN B 137 6.34 14.75 -1.18
N PRO B 138 5.40 14.81 -0.23
CA PRO B 138 4.01 14.49 -0.58
C PRO B 138 3.49 15.40 -1.70
N ALA B 139 2.60 14.85 -2.52
CA ALA B 139 2.13 15.57 -3.70
C ALA B 139 1.61 16.95 -3.34
N ALA B 140 0.80 17.03 -2.29
CA ALA B 140 0.23 18.33 -1.90
C ALA B 140 1.32 19.33 -1.54
N THR B 141 2.32 18.89 -0.78
CA THR B 141 3.40 19.80 -0.37
C THR B 141 4.17 20.31 -1.58
N ALA B 142 4.52 19.41 -2.51
CA ALA B 142 5.26 19.83 -3.69
C ALA B 142 4.43 20.78 -4.53
N LEU B 143 3.14 20.48 -4.70
CA LEU B 143 2.27 21.36 -5.48
C LEU B 143 2.21 22.75 -4.84
N ALA B 144 2.06 22.80 -3.51
CA ALA B 144 1.99 24.09 -2.84
C ALA B 144 3.29 24.87 -3.00
N ASN B 145 4.43 24.20 -2.86
CA ASN B 145 5.70 24.88 -3.00
C ASN B 145 5.88 25.42 -4.42
N THR B 146 5.54 24.62 -5.43
CA THR B 146 5.67 25.08 -6.80
C THR B 146 4.73 26.25 -7.09
N ILE B 147 3.51 26.20 -6.57
CA ILE B 147 2.57 27.30 -6.77
C ILE B 147 3.10 28.57 -6.10
N GLU B 148 3.66 28.43 -4.89
CA GLU B 148 4.22 29.59 -4.21
C GLU B 148 5.37 30.19 -5.02
N VAL B 149 6.25 29.35 -5.53
CA VAL B 149 7.38 29.85 -6.32
C VAL B 149 6.90 30.54 -7.57
N PHE B 150 5.91 29.94 -8.27
CA PHE B 150 5.37 30.55 -9.47
C PHE B 150 4.77 31.91 -9.16
N ARG B 151 3.96 32.00 -8.11
CA ARG B 151 3.35 33.27 -7.74
C ARG B 151 4.41 34.30 -7.38
N SER B 152 5.48 33.89 -6.70
CA SER B 152 6.56 34.81 -6.39
C SER B 152 7.30 35.26 -7.64
N ASN B 153 7.33 34.44 -8.68
CA ASN B 153 8.02 34.79 -9.91
C ASN B 153 7.14 35.56 -10.89
N GLY B 154 5.83 35.61 -10.67
CA GLY B 154 4.92 36.35 -11.52
C GLY B 154 3.98 35.49 -12.33
N LEU B 155 3.97 34.17 -12.17
CA LEU B 155 3.07 33.29 -12.90
C LEU B 155 1.88 32.97 -12.00
N THR B 156 0.79 33.70 -12.19
CA THR B 156 -0.37 33.63 -11.32
C THR B 156 -1.63 33.23 -12.08
N ALA B 157 -1.48 32.62 -13.26
CA ALA B 157 -2.65 32.14 -13.99
C ALA B 157 -3.30 30.97 -13.25
N ASN B 158 -2.52 30.21 -12.48
CA ASN B 158 -3.08 29.09 -11.74
C ASN B 158 -4.10 29.55 -10.70
N GLU B 159 -4.13 30.85 -10.40
CA GLU B 159 -5.16 31.37 -9.51
C GLU B 159 -6.56 31.19 -10.09
N SER B 160 -6.66 30.92 -11.40
CA SER B 160 -7.95 30.59 -11.98
C SER B 160 -8.50 29.27 -11.45
N GLY B 161 -7.67 28.47 -10.78
CA GLY B 161 -8.14 27.23 -10.20
C GLY B 161 -8.32 26.11 -11.20
N ARG B 162 -7.73 26.22 -12.38
CA ARG B 162 -7.88 25.23 -13.44
C ARG B 162 -6.53 24.56 -13.70
N LEU B 163 -6.55 23.23 -13.84
CA LEU B 163 -5.32 22.52 -14.12
C LEU B 163 -4.73 22.92 -15.47
N ILE B 164 -5.59 23.22 -16.45
CA ILE B 164 -5.09 23.67 -17.75
C ILE B 164 -4.33 24.99 -17.60
N ASP B 165 -4.85 25.89 -16.77
CA ASP B 165 -4.15 27.15 -16.51
C ASP B 165 -2.85 26.91 -15.77
N PHE B 166 -2.82 25.95 -14.85
CA PHE B 166 -1.57 25.61 -14.17
C PHE B 166 -0.53 25.12 -15.16
N LEU B 167 -0.95 24.29 -16.12
CA LEU B 167 -0.02 23.82 -17.15
C LEU B 167 0.42 24.96 -18.06
N LYS B 168 -0.48 25.90 -18.36
CA LYS B 168 -0.10 27.08 -19.13
C LYS B 168 1.00 27.85 -18.40
N ASP B 169 0.83 28.06 -17.10
CA ASP B 169 1.87 28.73 -16.31
C ASP B 169 3.16 27.92 -16.31
N VAL B 170 3.04 26.59 -16.21
CA VAL B 170 4.23 25.74 -16.20
C VAL B 170 5.02 25.93 -17.48
N MET B 171 4.34 25.89 -18.63
CA MET B 171 5.02 26.08 -19.90
C MET B 171 5.59 27.49 -20.01
N GLU B 172 4.84 28.50 -19.57
CA GLU B 172 5.37 29.85 -19.62
C GLU B 172 6.62 30.00 -18.77
N SER B 173 6.73 29.24 -17.69
CA SER B 173 7.93 29.27 -16.86
C SER B 173 9.16 28.81 -17.63
N MET B 174 8.96 27.98 -18.66
CA MET B 174 10.09 27.47 -19.43
C MET B 174 10.81 28.56 -20.20
N ASP B 175 10.14 29.68 -20.48
CA ASP B 175 10.71 30.75 -21.29
C ASP B 175 11.17 31.93 -20.45
N LYS B 176 11.41 31.73 -19.16
CA LYS B 176 11.83 32.80 -18.26
C LYS B 176 13.35 32.81 -18.14
N GLU B 177 13.91 34.02 -18.04
CA GLU B 177 15.36 34.16 -17.98
C GLU B 177 15.92 33.75 -16.62
N GLU B 178 15.19 34.01 -15.55
CA GLU B 178 15.73 33.82 -14.21
C GLU B 178 14.58 33.63 -13.23
N MET B 179 14.49 32.45 -12.62
CA MET B 179 13.53 32.20 -11.55
C MET B 179 14.25 32.25 -10.20
N GLU B 180 13.45 32.28 -9.13
CA GLU B 180 13.99 32.36 -7.78
C GLU B 180 13.36 31.28 -6.90
N ILE B 181 14.20 30.64 -6.09
CA ILE B 181 13.77 29.59 -5.18
C ILE B 181 14.26 29.94 -3.77
N THR B 182 13.71 29.24 -2.78
CA THR B 182 14.02 29.46 -1.38
C THR B 182 14.70 28.22 -0.81
N THR B 183 15.73 28.43 0.01
CA THR B 183 16.42 27.32 0.67
C THR B 183 16.69 27.67 2.12
N HIS B 184 16.54 26.69 3.00
CA HIS B 184 16.80 26.86 4.41
C HIS B 184 18.03 26.06 4.83
N PHE B 185 18.83 26.64 5.71
CA PHE B 185 20.04 26.00 6.20
C PHE B 185 20.34 26.43 7.63
N LYS B 207 16.46 32.17 5.76
CA LYS B 207 16.25 31.58 4.43
C LYS B 207 17.04 32.36 3.37
N LYS B 208 17.48 31.64 2.34
CA LYS B 208 18.30 32.22 1.27
C LYS B 208 17.52 32.12 -0.04
N LYS B 209 17.50 33.23 -0.77
CA LYS B 209 16.90 33.28 -2.10
C LYS B 209 17.97 33.01 -3.14
N GLN B 210 17.78 31.97 -3.94
CA GLN B 210 18.74 31.58 -4.97
C GLN B 210 18.10 31.75 -6.35
N ARG B 211 18.92 32.11 -7.32
CA ARG B 211 18.45 32.36 -8.68
C ARG B 211 18.85 31.20 -9.59
N LEU B 212 17.86 30.70 -10.34
CA LEU B 212 18.06 29.62 -11.30
C LEU B 212 17.90 30.18 -12.70
N ASN B 213 18.92 29.94 -13.53
CA ASN B 213 18.88 30.39 -14.92
C ASN B 213 17.94 29.50 -15.72
N LYS B 214 17.86 29.75 -17.03
CA LYS B 214 16.94 29.02 -17.87
C LYS B 214 17.28 27.55 -17.92
N ARG B 215 18.53 27.21 -18.24
CA ARG B 215 18.90 25.82 -18.44
C ARG B 215 18.78 25.02 -17.14
N SER B 216 19.19 25.60 -16.02
CA SER B 216 19.10 24.89 -14.75
C SER B 216 17.66 24.57 -14.40
N TYR B 217 16.76 25.54 -14.61
CA TYR B 217 15.36 25.28 -14.33
C TYR B 217 14.78 24.26 -15.30
N LEU B 218 15.19 24.31 -16.56
CA LEU B 218 14.73 23.30 -17.52
C LEU B 218 15.10 21.91 -17.05
N ILE B 219 16.36 21.72 -16.65
CA ILE B 219 16.80 20.41 -16.18
C ILE B 219 16.11 20.02 -14.88
N ARG B 220 15.85 20.98 -14.00
CA ARG B 220 15.14 20.67 -12.75
C ARG B 220 13.69 20.29 -13.00
N ALA B 221 13.09 20.81 -14.07
CA ALA B 221 11.71 20.46 -14.40
C ALA B 221 11.62 19.18 -15.23
N LEU B 222 12.69 18.80 -15.91
CA LEU B 222 12.70 17.61 -16.74
C LEU B 222 13.32 16.40 -16.04
N THR B 223 13.67 16.51 -14.77
CA THR B 223 14.41 15.46 -14.08
C THR B 223 13.47 14.55 -13.29
N LEU B 224 13.98 13.35 -13.00
CA LEU B 224 13.26 12.35 -12.23
C LEU B 224 14.11 11.93 -11.03
N ASN B 225 13.46 11.55 -9.94
CA ASN B 225 14.14 11.08 -8.75
C ASN B 225 14.10 9.56 -8.70
N THR B 226 15.26 8.94 -8.47
CA THR B 226 15.38 7.49 -8.52
C THR B 226 15.55 6.93 -7.11
N MET B 227 14.81 5.85 -6.83
CA MET B 227 14.89 5.16 -5.55
C MET B 227 14.94 3.66 -5.81
N THR B 228 15.14 2.89 -4.74
CA THR B 228 15.19 1.44 -4.82
C THR B 228 13.87 0.87 -4.30
N LYS B 229 13.32 -0.07 -5.04
CA LYS B 229 12.03 -0.67 -4.68
C LYS B 229 12.25 -1.77 -3.66
N ASP B 230 11.58 -1.65 -2.52
CA ASP B 230 11.66 -2.64 -1.45
C ASP B 230 10.36 -3.44 -1.38
N ALA B 231 10.41 -4.53 -0.62
CA ALA B 231 9.26 -5.42 -0.46
C ALA B 231 8.80 -5.99 -1.80
N GLU B 232 9.77 -6.34 -2.65
CA GLU B 232 9.51 -6.89 -3.97
C GLU B 232 9.84 -8.38 -3.94
N ARG B 233 8.80 -9.21 -3.98
CA ARG B 233 8.95 -10.66 -3.86
C ARG B 233 8.94 -11.28 -5.25
N GLY B 234 9.89 -12.18 -5.50
CA GLY B 234 9.89 -12.95 -6.73
C GLY B 234 11.12 -12.78 -7.59
N LYS B 235 12.20 -12.23 -7.03
CA LYS B 235 13.43 -12.07 -7.79
C LYS B 235 14.59 -11.87 -6.83
N LEU B 236 15.77 -12.34 -7.26
CA LEU B 236 16.96 -12.28 -6.43
C LEU B 236 17.57 -10.88 -6.39
N LYS B 237 17.49 -10.14 -7.48
CA LYS B 237 18.13 -8.85 -7.61
C LYS B 237 17.14 -7.71 -7.38
N ARG B 238 17.63 -6.61 -6.85
CA ARG B 238 16.83 -5.42 -6.62
C ARG B 238 16.77 -4.58 -7.89
N ARG B 239 15.72 -3.76 -7.99
CA ARG B 239 15.49 -2.89 -9.12
C ARG B 239 15.38 -1.45 -8.65
N ALA B 240 15.35 -0.53 -9.61
CA ALA B 240 15.20 0.89 -9.36
C ALA B 240 13.90 1.39 -9.95
N ILE B 241 13.29 2.37 -9.27
CA ILE B 241 12.05 2.99 -9.73
C ILE B 241 12.24 4.50 -9.70
N ALA B 242 11.36 5.20 -10.41
CA ALA B 242 11.49 6.63 -10.61
C ALA B 242 10.21 7.34 -10.22
N THR B 243 10.37 8.61 -9.83
CA THR B 243 9.28 9.49 -9.47
C THR B 243 9.46 10.82 -10.18
N PRO B 244 8.48 11.30 -10.95
CA PRO B 244 8.65 12.56 -11.67
C PRO B 244 8.29 13.76 -10.80
N GLY B 245 8.48 14.94 -11.38
CA GLY B 245 8.20 16.18 -10.70
C GLY B 245 6.74 16.56 -10.77
N MET B 246 6.45 17.81 -10.46
CA MET B 246 5.09 18.31 -10.46
C MET B 246 4.73 19.08 -11.73
N GLN B 247 5.71 19.58 -12.48
CA GLN B 247 5.41 20.28 -13.72
C GLN B 247 4.84 19.34 -14.76
N ILE B 248 5.25 18.07 -14.74
CA ILE B 248 4.90 17.12 -15.78
C ILE B 248 3.77 16.19 -15.39
N ARG B 249 3.31 16.24 -14.14
CA ARG B 249 2.28 15.30 -13.69
C ARG B 249 0.89 15.63 -14.24
N GLY B 250 0.60 16.90 -14.53
CA GLY B 250 -0.70 17.21 -15.12
C GLY B 250 -0.85 16.65 -16.52
N PHE B 251 0.19 16.82 -17.35
CA PHE B 251 0.16 16.25 -18.69
C PHE B 251 0.06 14.73 -18.62
N VAL B 252 0.78 14.13 -17.69
CA VAL B 252 0.70 12.67 -17.51
C VAL B 252 -0.71 12.27 -17.11
N TYR B 253 -1.33 13.05 -16.23
CA TYR B 253 -2.70 12.75 -15.82
C TYR B 253 -3.64 12.78 -17.00
N PHE B 254 -3.54 13.81 -17.85
CA PHE B 254 -4.43 13.90 -19.01
C PHE B 254 -4.17 12.77 -19.99
N VAL B 255 -2.89 12.45 -20.24
CA VAL B 255 -2.56 11.38 -21.18
C VAL B 255 -3.08 10.04 -20.67
N GLU B 256 -2.92 9.78 -19.37
CA GLU B 256 -3.41 8.54 -18.80
C GLU B 256 -4.93 8.50 -18.78
N THR B 257 -5.59 9.64 -18.61
CA THR B 257 -7.04 9.66 -18.72
C THR B 257 -7.47 9.25 -20.13
N LEU B 258 -6.80 9.79 -21.15
CA LEU B 258 -7.14 9.40 -22.52
C LEU B 258 -6.87 7.90 -22.73
N ALA B 259 -5.73 7.42 -22.25
CA ALA B 259 -5.39 6.02 -22.45
C ALA B 259 -6.36 5.09 -21.72
N ARG B 260 -6.80 5.47 -20.52
CA ARG B 260 -7.79 4.68 -19.80
C ARG B 260 -9.12 4.68 -20.53
N SER B 261 -9.55 5.83 -21.02
CA SER B 261 -10.79 5.88 -21.78
C SER B 261 -10.71 5.01 -23.03
N ILE B 262 -9.52 4.94 -23.65
CA ILE B 262 -9.35 4.10 -24.83
C ILE B 262 -9.40 2.63 -24.44
N CYS B 263 -8.61 2.23 -23.45
CA CYS B 263 -8.52 0.83 -23.07
C CYS B 263 -9.85 0.30 -22.55
N GLU B 264 -10.65 1.15 -21.91
CA GLU B 264 -11.97 0.71 -21.46
C GLU B 264 -12.84 0.25 -22.62
N LYS B 265 -12.54 0.68 -23.84
CA LYS B 265 -13.26 0.25 -25.03
C LYS B 265 -12.62 -0.95 -25.70
N LEU B 266 -11.52 -1.47 -25.16
CA LEU B 266 -10.82 -2.62 -25.72
C LEU B 266 -10.97 -3.79 -24.76
N GLU B 267 -11.54 -4.89 -25.25
CA GLU B 267 -11.69 -6.08 -24.44
C GLU B 267 -10.41 -6.88 -24.30
N GLN B 268 -9.42 -6.62 -25.16
CA GLN B 268 -8.14 -7.34 -25.09
C GLN B 268 -7.22 -6.76 -24.02
N SER B 269 -7.54 -5.58 -23.48
CA SER B 269 -6.75 -4.99 -22.42
C SER B 269 -7.25 -5.45 -21.06
N GLY B 270 -6.34 -5.50 -20.09
CA GLY B 270 -6.68 -5.95 -18.75
C GLY B 270 -6.05 -5.13 -17.66
N LEU B 271 -5.49 -3.97 -18.03
CA LEU B 271 -4.80 -3.11 -17.09
C LEU B 271 -5.77 -2.25 -16.27
N PRO B 272 -6.77 -1.62 -16.88
CA PRO B 272 -7.69 -0.77 -16.11
C PRO B 272 -8.76 -1.50 -15.34
N VAL B 273 -8.68 -2.82 -15.21
CA VAL B 273 -9.69 -3.59 -14.49
C VAL B 273 -9.05 -4.24 -13.26
N GLY B 274 -9.85 -4.94 -12.48
CA GLY B 274 -9.37 -5.64 -11.31
C GLY B 274 -8.90 -7.05 -11.65
N GLY B 275 -8.76 -7.86 -10.59
CA GLY B 275 -8.29 -9.23 -10.79
C GLY B 275 -9.39 -10.14 -11.31
N ASN B 276 -10.58 -10.07 -10.69
CA ASN B 276 -11.66 -10.97 -11.11
C ASN B 276 -12.09 -10.68 -12.54
N GLU B 277 -12.13 -9.41 -12.92
CA GLU B 277 -12.41 -9.07 -14.31
C GLU B 277 -11.35 -9.64 -15.24
N LYS B 278 -10.08 -9.57 -14.80
CA LYS B 278 -8.99 -10.16 -15.58
C LYS B 278 -9.23 -11.64 -15.80
N LYS B 279 -9.61 -12.36 -14.74
CA LYS B 279 -9.86 -13.79 -14.86
C LYS B 279 -11.04 -14.06 -15.80
N ALA B 280 -12.10 -13.27 -15.67
CA ALA B 280 -13.26 -13.46 -16.52
C ALA B 280 -12.91 -13.26 -17.99
N LYS B 281 -12.14 -12.21 -18.30
CA LYS B 281 -11.76 -11.96 -19.67
C LYS B 281 -10.83 -13.05 -20.20
N LEU B 282 -9.92 -13.53 -19.35
CA LEU B 282 -9.04 -14.63 -19.77
C LEU B 282 -9.84 -15.87 -20.11
N ALA B 283 -10.81 -16.22 -19.25
CA ALA B 283 -11.65 -17.38 -19.52
C ALA B 283 -12.44 -17.18 -20.82
N ASN B 284 -13.00 -15.99 -21.01
CA ASN B 284 -13.77 -15.72 -22.23
C ASN B 284 -12.91 -15.87 -23.47
N VAL B 285 -11.69 -15.32 -23.44
CA VAL B 285 -10.85 -15.37 -24.64
C VAL B 285 -10.39 -16.79 -24.92
N VAL B 286 -10.03 -17.55 -23.88
CA VAL B 286 -9.60 -18.93 -24.13
C VAL B 286 -10.76 -19.75 -24.69
N ARG B 287 -11.96 -19.58 -24.13
CA ARG B 287 -13.11 -20.31 -24.65
C ARG B 287 -13.42 -19.92 -26.08
N LYS B 288 -13.34 -18.62 -26.39
CA LYS B 288 -13.60 -18.15 -27.74
C LYS B 288 -12.60 -18.75 -28.72
N MET B 289 -11.32 -18.75 -28.36
CA MET B 289 -10.29 -19.22 -29.28
C MET B 289 -10.39 -20.73 -29.48
N MET B 290 -10.52 -21.49 -28.40
CA MET B 290 -10.53 -22.95 -28.52
C MET B 290 -11.86 -23.44 -29.10
N THR B 291 -12.98 -22.88 -28.63
CA THR B 291 -14.28 -23.38 -29.06
C THR B 291 -14.49 -23.15 -30.55
N ASN B 292 -14.17 -21.95 -31.04
CA ASN B 292 -14.33 -21.67 -32.46
C ASN B 292 -13.41 -22.54 -33.30
N SER B 293 -12.26 -22.95 -32.75
CA SER B 293 -11.35 -23.83 -33.47
C SER B 293 -12.00 -25.19 -33.65
N GLN B 294 -11.99 -25.69 -34.89
CA GLN B 294 -12.57 -26.99 -35.19
C GLN B 294 -11.54 -28.09 -34.89
N ASP B 295 -11.92 -29.33 -35.19
CA ASP B 295 -11.03 -30.46 -34.92
C ASP B 295 -9.72 -30.34 -35.70
N THR B 296 -9.76 -29.71 -36.87
CA THR B 296 -8.56 -29.67 -37.71
C THR B 296 -7.54 -28.64 -37.18
N GLU B 297 -8.01 -27.56 -36.59
CA GLU B 297 -7.11 -26.51 -36.09
C GLU B 297 -6.59 -26.88 -34.72
N LEU B 298 -5.27 -26.78 -34.56
CA LEU B 298 -4.61 -26.91 -33.27
C LEU B 298 -4.50 -25.55 -32.59
N SER B 299 -4.47 -25.59 -31.26
CA SER B 299 -4.45 -24.38 -30.43
C SER B 299 -3.30 -24.48 -29.45
N PHE B 300 -2.59 -23.36 -29.27
CA PHE B 300 -1.47 -23.32 -28.34
C PHE B 300 -1.49 -22.00 -27.57
N THR B 301 -1.22 -22.09 -26.27
CA THR B 301 -1.15 -20.93 -25.40
C THR B 301 0.30 -20.64 -25.04
N ILE B 302 0.71 -19.39 -25.21
CA ILE B 302 2.02 -18.90 -24.83
C ILE B 302 1.84 -18.02 -23.59
N THR B 303 2.57 -18.35 -22.53
CA THR B 303 2.54 -17.59 -21.28
C THR B 303 3.74 -16.66 -21.27
N GLY B 304 3.60 -15.53 -21.94
CA GLY B 304 4.74 -14.69 -22.28
C GLY B 304 4.97 -13.55 -21.30
N ASP B 305 6.24 -13.31 -21.01
CA ASP B 305 6.69 -12.14 -20.27
C ASP B 305 7.65 -11.37 -21.15
N ASN B 306 7.60 -10.05 -21.06
CA ASN B 306 8.42 -9.17 -21.89
C ASN B 306 9.64 -8.72 -21.10
N THR B 307 10.83 -9.00 -21.64
CA THR B 307 12.07 -8.61 -20.99
C THR B 307 12.36 -7.14 -21.28
N LYS B 308 12.69 -6.38 -20.23
CA LYS B 308 13.04 -4.98 -20.34
C LYS B 308 11.93 -4.21 -21.04
N TRP B 309 10.72 -4.34 -20.50
CA TRP B 309 9.54 -3.73 -21.11
C TRP B 309 9.66 -2.21 -21.14
N ASN B 310 9.98 -1.60 -19.99
CA ASN B 310 9.98 -0.15 -19.90
C ASN B 310 11.21 0.45 -20.58
N GLU B 311 12.33 -0.25 -20.57
CA GLU B 311 13.57 0.31 -21.11
C GLU B 311 13.56 0.41 -22.63
N ASN B 312 12.64 -0.30 -23.30
CA ASN B 312 12.62 -0.36 -24.76
C ASN B 312 11.45 0.40 -25.36
N GLN B 313 10.71 1.18 -24.56
CA GLN B 313 9.57 1.94 -25.04
C GLN B 313 9.99 3.40 -25.16
N ASN B 314 10.13 3.88 -26.39
CA ASN B 314 10.63 5.23 -26.63
C ASN B 314 9.49 6.24 -26.52
N PRO B 315 9.66 7.32 -25.74
CA PRO B 315 8.58 8.31 -25.64
C PRO B 315 8.19 8.94 -26.96
N ARG B 316 9.12 9.06 -27.91
CA ARG B 316 8.77 9.61 -29.21
C ARG B 316 7.68 8.77 -29.88
N MET B 317 7.71 7.45 -29.67
CA MET B 317 6.69 6.61 -30.26
C MET B 317 5.34 6.83 -29.60
N PHE B 318 5.32 7.07 -28.29
CA PHE B 318 4.08 7.46 -27.64
C PHE B 318 3.57 8.79 -28.17
N LEU B 319 4.47 9.73 -28.46
CA LEU B 319 4.06 10.98 -29.10
C LEU B 319 3.39 10.70 -30.44
N ALA B 320 3.99 9.82 -31.24
CA ALA B 320 3.40 9.46 -32.53
C ALA B 320 2.01 8.84 -32.35
N MET B 321 1.88 7.91 -31.39
CA MET B 321 0.59 7.27 -31.17
C MET B 321 -0.46 8.29 -30.75
N ILE B 322 -0.12 9.22 -29.86
CA ILE B 322 -1.13 10.17 -29.40
C ILE B 322 -1.48 11.16 -30.51
N THR B 323 -0.50 11.61 -31.30
CA THR B 323 -0.83 12.53 -32.37
C THR B 323 -1.64 11.86 -33.47
N TYR B 324 -1.48 10.55 -33.66
CA TYR B 324 -2.39 9.83 -34.54
C TYR B 324 -3.78 9.69 -33.91
N ILE B 325 -3.82 9.48 -32.60
CA ILE B 325 -5.10 9.34 -31.90
C ILE B 325 -5.88 10.65 -31.97
N THR B 326 -5.20 11.78 -31.78
CA THR B 326 -5.83 13.09 -31.70
C THR B 326 -5.93 13.78 -33.05
N ARG B 327 -5.96 13.03 -34.15
CA ARG B 327 -6.16 13.63 -35.45
C ARG B 327 -7.58 14.18 -35.57
N ASN B 328 -7.72 15.27 -36.32
CA ASN B 328 -9.02 15.92 -36.54
C ASN B 328 -9.65 16.32 -35.21
N GLN B 329 -8.86 16.94 -34.36
CA GLN B 329 -9.27 17.44 -33.06
C GLN B 329 -8.75 18.85 -32.88
N PRO B 330 -9.33 19.61 -31.94
CA PRO B 330 -8.84 20.98 -31.73
C PRO B 330 -7.35 20.98 -31.44
N GLU B 331 -6.64 21.97 -32.02
CA GLU B 331 -5.19 21.99 -31.93
C GLU B 331 -4.72 22.14 -30.49
N TRP B 332 -5.48 22.85 -29.66
CA TRP B 332 -5.08 23.01 -28.26
C TRP B 332 -5.10 21.67 -27.53
N PHE B 333 -6.09 20.83 -27.81
CA PHE B 333 -6.14 19.50 -27.22
C PHE B 333 -4.93 18.69 -27.64
N ARG B 334 -4.58 18.73 -28.93
CA ARG B 334 -3.42 18.01 -29.41
C ARG B 334 -2.15 18.50 -28.72
N ASN B 335 -2.01 19.81 -28.58
CA ASN B 335 -0.81 20.36 -27.95
C ASN B 335 -0.70 19.92 -26.49
N VAL B 336 -1.81 20.04 -25.74
CA VAL B 336 -1.76 19.71 -24.32
C VAL B 336 -1.50 18.23 -24.11
N LEU B 337 -2.05 17.37 -24.98
CA LEU B 337 -1.75 15.95 -24.87
C LEU B 337 -0.37 15.59 -25.39
N SER B 338 0.22 16.41 -26.25
CA SER B 338 1.54 16.12 -26.79
C SER B 338 2.67 16.64 -25.90
N ILE B 339 2.37 17.58 -25.00
CA ILE B 339 3.43 18.15 -24.16
C ILE B 339 4.10 17.06 -23.35
N ALA B 340 3.33 16.08 -22.85
CA ALA B 340 3.91 15.07 -21.95
C ALA B 340 5.00 14.25 -22.64
N PRO B 341 4.73 13.53 -23.73
CA PRO B 341 5.81 12.77 -24.37
C PRO B 341 6.97 13.65 -24.83
N ILE B 342 6.70 14.91 -25.14
CA ILE B 342 7.79 15.81 -25.51
C ILE B 342 8.75 15.98 -24.35
N MET B 343 8.23 16.08 -23.13
CA MET B 343 9.09 16.20 -21.95
C MET B 343 9.73 14.87 -21.58
N PHE B 344 9.02 13.75 -21.74
CA PHE B 344 9.64 12.45 -21.48
C PHE B 344 10.78 12.18 -22.46
N SER B 345 10.66 12.60 -23.71
CA SER B 345 11.74 12.37 -24.67
C SER B 345 13.02 13.08 -24.24
N ASN B 346 12.90 14.16 -23.48
CA ASN B 346 14.04 14.89 -22.95
C ASN B 346 14.23 14.68 -21.46
N LYS B 347 13.60 13.65 -20.90
CA LYS B 347 13.62 13.45 -19.45
C LYS B 347 15.04 13.18 -18.96
N MET B 348 15.34 13.67 -17.77
CA MET B 348 16.58 13.40 -17.07
C MET B 348 16.26 12.62 -15.80
N ALA B 349 17.25 11.85 -15.33
CA ALA B 349 17.09 11.04 -14.13
C ALA B 349 18.19 11.40 -13.15
N ARG B 350 17.80 11.66 -11.90
CA ARG B 350 18.78 11.85 -10.84
C ARG B 350 19.39 10.51 -10.48
N LEU B 351 20.72 10.49 -10.34
CA LEU B 351 21.42 9.23 -10.14
C LEU B 351 20.95 8.54 -8.87
N GLY B 352 20.79 9.28 -7.78
CA GLY B 352 20.27 8.72 -6.56
C GLY B 352 20.85 9.31 -5.30
N LYS B 353 20.78 8.54 -4.20
CA LYS B 353 21.26 9.04 -2.91
C LYS B 353 22.76 9.28 -2.95
N GLY B 354 23.52 8.36 -3.54
CA GLY B 354 24.96 8.49 -3.62
C GLY B 354 25.67 7.19 -3.34
N TYR B 355 26.86 7.24 -2.75
CA TYR B 355 27.62 6.04 -2.43
C TYR B 355 28.30 6.22 -1.08
N MET B 356 28.29 5.16 -0.27
CA MET B 356 28.92 5.18 1.04
C MET B 356 30.18 4.33 1.00
N PHE B 357 31.28 4.91 1.48
CA PHE B 357 32.57 4.27 1.53
C PHE B 357 32.95 3.97 2.98
N GLU B 358 33.75 2.92 3.18
CA GLU B 358 34.27 2.57 4.50
C GLU B 358 35.77 2.38 4.42
N SER B 359 36.47 2.85 5.44
CA SER B 359 37.90 2.67 5.60
C SER B 359 38.14 1.91 6.90
N LYS B 360 38.52 0.64 6.78
CA LYS B 360 38.76 -0.17 7.96
C LYS B 360 40.10 0.13 8.62
N SER B 361 41.09 0.54 7.84
CA SER B 361 42.39 0.90 8.43
C SER B 361 42.24 2.07 9.40
N MET B 362 41.52 3.11 8.98
CA MET B 362 41.24 4.24 9.86
C MET B 362 39.89 4.12 10.56
N LYS B 363 39.11 3.09 10.24
CA LYS B 363 37.86 2.80 10.96
C LYS B 363 36.91 4.00 10.90
N LEU B 364 36.46 4.30 9.68
CA LEU B 364 35.53 5.41 9.47
C LEU B 364 34.66 5.10 8.27
N ARG B 365 33.60 5.90 8.10
CA ARG B 365 32.72 5.78 6.96
C ARG B 365 32.40 7.17 6.44
N THR B 366 32.00 7.22 5.16
CA THR B 366 31.75 8.46 4.47
C THR B 366 30.59 8.26 3.50
N GLN B 367 29.87 9.34 3.20
CA GLN B 367 28.74 9.30 2.28
C GLN B 367 28.91 10.42 1.27
N ILE B 368 29.20 10.05 0.02
CA ILE B 368 29.37 11.02 -1.07
C ILE B 368 28.06 11.09 -1.85
N PRO B 369 27.54 12.29 -2.12
CA PRO B 369 26.32 12.38 -2.94
C PRO B 369 26.58 11.95 -4.37
N ALA B 370 25.50 11.55 -5.04
CA ALA B 370 25.62 11.07 -6.40
C ALA B 370 26.08 12.17 -7.35
N GLU B 371 25.81 13.44 -7.02
CA GLU B 371 26.16 14.52 -7.94
C GLU B 371 27.66 14.63 -8.15
N MET B 372 28.47 14.02 -7.28
CA MET B 372 29.91 14.04 -7.44
C MET B 372 30.41 12.98 -8.41
N LEU B 373 29.55 12.08 -8.87
CA LEU B 373 29.99 11.02 -9.76
C LEU B 373 30.59 11.56 -11.06
N ALA B 374 30.22 12.77 -11.46
CA ALA B 374 30.73 13.32 -12.70
C ALA B 374 32.22 13.64 -12.60
N SER B 375 32.66 14.13 -11.43
CA SER B 375 34.03 14.59 -11.26
C SER B 375 34.85 13.73 -10.31
N ILE B 376 34.22 12.99 -9.40
CA ILE B 376 34.96 12.20 -8.42
C ILE B 376 35.84 11.19 -9.14
N ASP B 377 37.06 11.03 -8.63
CA ASP B 377 37.96 10.01 -9.18
C ASP B 377 37.35 8.63 -9.00
N LEU B 378 37.87 7.67 -9.79
CA LEU B 378 37.34 6.32 -9.83
C LEU B 378 38.16 5.34 -9.01
N LYS B 379 39.05 5.82 -8.15
CA LYS B 379 39.86 4.92 -7.35
C LYS B 379 39.06 4.24 -6.24
N TYR B 380 37.96 4.83 -5.80
CA TYR B 380 37.17 4.29 -4.71
C TYR B 380 36.18 3.22 -5.14
N PHE B 381 35.90 3.12 -6.44
CA PHE B 381 34.84 2.26 -6.95
C PHE B 381 35.42 0.93 -7.42
N ASN B 382 34.63 -0.13 -7.26
CA ASN B 382 35.03 -1.45 -7.73
C ASN B 382 34.98 -1.48 -9.25
N ASP B 383 35.37 -2.62 -9.83
CA ASP B 383 35.47 -2.73 -11.28
C ASP B 383 34.10 -2.52 -11.93
N SER B 384 33.06 -3.18 -11.41
CA SER B 384 31.74 -3.05 -12.00
C SER B 384 31.23 -1.62 -11.93
N THR B 385 31.25 -1.03 -10.73
CA THR B 385 30.80 0.35 -10.59
C THR B 385 31.71 1.31 -11.34
N ARG B 386 33.01 1.04 -11.37
CA ARG B 386 33.92 1.88 -12.14
C ARG B 386 33.51 1.92 -13.61
N LYS B 387 33.25 0.75 -14.19
CA LYS B 387 32.86 0.70 -15.60
C LYS B 387 31.50 1.34 -15.81
N LYS B 388 30.56 1.13 -14.89
CA LYS B 388 29.24 1.77 -15.03
C LYS B 388 29.38 3.29 -15.05
N ILE B 389 30.16 3.83 -14.13
CA ILE B 389 30.36 5.28 -14.08
C ILE B 389 31.05 5.77 -15.34
N GLU B 390 32.08 5.03 -15.79
CA GLU B 390 32.78 5.45 -17.00
C GLU B 390 31.84 5.48 -18.20
N LYS B 391 30.91 4.52 -18.27
CA LYS B 391 29.98 4.48 -19.39
C LYS B 391 28.89 5.54 -19.28
N ILE B 392 28.46 5.88 -18.07
CA ILE B 392 27.36 6.83 -17.90
C ILE B 392 27.83 8.29 -17.81
N ARG B 393 29.12 8.53 -17.59
CA ARG B 393 29.60 9.91 -17.44
C ARG B 393 29.26 10.80 -18.63
N PRO B 394 29.41 10.35 -19.88
CA PRO B 394 29.14 11.25 -21.01
C PRO B 394 27.74 11.82 -20.98
N LEU B 395 26.79 11.12 -20.37
CA LEU B 395 25.41 11.55 -20.29
C LEU B 395 25.11 12.40 -19.06
N LEU B 396 26.10 12.65 -18.21
CA LEU B 396 25.86 13.41 -16.98
C LEU B 396 25.83 14.90 -17.29
N ILE B 397 24.73 15.55 -16.94
CA ILE B 397 24.56 16.99 -17.11
C ILE B 397 23.99 17.53 -15.80
N ASP B 398 24.81 18.26 -15.05
CA ASP B 398 24.38 18.90 -13.81
C ASP B 398 23.89 17.87 -12.80
N GLY B 399 24.67 16.80 -12.63
CA GLY B 399 24.36 15.80 -11.62
C GLY B 399 23.23 14.87 -11.97
N THR B 400 22.72 14.91 -13.20
CA THR B 400 21.65 14.02 -13.64
C THR B 400 21.95 13.53 -15.04
N ALA B 401 21.49 12.32 -15.33
CA ALA B 401 21.80 11.64 -16.58
C ALA B 401 20.61 11.70 -17.52
N SER B 402 20.86 12.04 -18.79
CA SER B 402 19.80 12.06 -19.78
C SER B 402 19.35 10.64 -20.10
N LEU B 403 18.03 10.43 -20.10
CA LEU B 403 17.44 9.12 -20.32
C LEU B 403 16.38 9.19 -21.42
N SER B 404 16.76 9.82 -22.53
CA SER B 404 15.83 9.95 -23.65
C SER B 404 15.36 8.62 -24.23
N PRO B 405 16.21 7.60 -24.40
CA PRO B 405 15.82 6.46 -25.25
C PRO B 405 14.52 5.78 -24.86
N GLY B 406 14.23 5.64 -23.56
CA GLY B 406 13.05 4.88 -23.17
C GLY B 406 12.56 5.24 -21.80
N MET B 407 11.35 4.76 -21.50
CA MET B 407 10.73 5.02 -20.20
C MET B 407 11.52 4.34 -19.09
N MET B 408 11.39 4.88 -17.88
CA MET B 408 12.13 4.39 -16.73
C MET B 408 11.35 3.34 -15.95
N MET B 409 10.17 3.68 -15.45
CA MET B 409 9.37 2.72 -14.69
C MET B 409 7.89 3.01 -14.95
N GLY B 410 7.33 2.33 -15.95
CA GLY B 410 5.90 2.26 -16.15
C GLY B 410 5.11 3.51 -15.83
N MET B 411 5.59 4.69 -16.24
CA MET B 411 4.78 5.89 -16.10
C MET B 411 3.62 5.88 -17.09
N PHE B 412 3.89 5.48 -18.34
CA PHE B 412 2.84 5.28 -19.33
C PHE B 412 2.48 3.79 -19.40
N ASN B 413 1.84 3.32 -18.32
CA ASN B 413 1.34 1.95 -18.32
C ASN B 413 0.24 1.77 -19.36
N MET B 414 -0.70 2.70 -19.40
CA MET B 414 -1.89 2.52 -20.21
C MET B 414 -1.57 2.63 -21.70
N LEU B 415 -0.66 3.52 -22.08
CA LEU B 415 -0.26 3.61 -23.49
C LEU B 415 0.50 2.36 -23.92
N SER B 416 1.34 1.83 -23.04
CA SER B 416 2.02 0.58 -23.34
C SER B 416 1.00 -0.55 -23.53
N THR B 417 -0.02 -0.60 -22.68
CA THR B 417 -1.09 -1.58 -22.86
C THR B 417 -1.81 -1.36 -24.19
N VAL B 418 -2.00 -0.11 -24.59
CA VAL B 418 -2.63 0.18 -25.87
C VAL B 418 -1.78 -0.38 -27.01
N LEU B 419 -0.47 -0.17 -26.96
CA LEU B 419 0.40 -0.70 -28.00
C LEU B 419 0.34 -2.22 -28.04
N GLY B 420 0.37 -2.86 -26.87
CA GLY B 420 0.28 -4.31 -26.83
C GLY B 420 -1.04 -4.82 -27.36
N VAL B 421 -2.13 -4.12 -27.05
CA VAL B 421 -3.44 -4.51 -27.57
C VAL B 421 -3.48 -4.34 -29.08
N SER B 422 -2.83 -3.30 -29.61
CA SER B 422 -2.75 -3.14 -31.05
C SER B 422 -2.03 -4.33 -31.68
N ILE B 423 -0.92 -4.76 -31.06
CA ILE B 423 -0.22 -5.94 -31.56
C ILE B 423 -1.12 -7.16 -31.52
N LEU B 424 -1.84 -7.35 -30.41
CA LEU B 424 -2.72 -8.51 -30.28
C LEU B 424 -3.80 -8.49 -31.36
N ASN B 425 -4.40 -7.33 -31.60
CA ASN B 425 -5.47 -7.22 -32.58
C ASN B 425 -4.95 -7.33 -34.01
N LEU B 426 -3.68 -7.03 -34.24
CA LEU B 426 -3.12 -7.11 -35.58
C LEU B 426 -3.09 -8.54 -36.14
N GLY B 427 -3.56 -9.53 -35.39
CA GLY B 427 -3.61 -10.90 -35.87
C GLY B 427 -5.01 -11.48 -35.84
N GLN B 428 -6.00 -10.66 -36.21
CA GLN B 428 -7.40 -11.05 -36.17
C GLN B 428 -7.81 -11.96 -37.33
N LYS B 429 -6.85 -12.49 -38.09
CA LYS B 429 -7.03 -13.31 -39.28
C LYS B 429 -7.45 -12.47 -40.49
N ARG B 430 -7.73 -11.18 -40.32
CA ARG B 430 -7.96 -10.29 -41.45
C ARG B 430 -6.68 -9.62 -41.91
N TYR B 431 -5.71 -9.45 -41.01
CA TYR B 431 -4.41 -8.91 -41.35
C TYR B 431 -3.33 -9.97 -41.49
N THR B 432 -3.53 -11.15 -40.89
CA THR B 432 -2.55 -12.22 -41.02
C THR B 432 -2.46 -12.71 -42.45
N LYS B 433 -3.58 -12.80 -43.15
CA LYS B 433 -3.63 -13.28 -44.52
C LYS B 433 -3.09 -14.70 -44.64
N THR B 434 -3.35 -15.52 -43.61
CA THR B 434 -2.88 -16.90 -43.59
C THR B 434 -3.79 -17.71 -42.69
N THR B 435 -3.68 -19.04 -42.80
CA THR B 435 -4.55 -19.91 -42.01
C THR B 435 -4.39 -19.67 -40.51
N TYR B 436 -3.16 -19.47 -40.06
CA TYR B 436 -2.92 -19.25 -38.64
C TYR B 436 -3.45 -17.88 -38.20
N TRP B 437 -3.75 -17.77 -36.92
CA TRP B 437 -4.20 -16.52 -36.34
C TRP B 437 -3.97 -16.59 -34.83
N TRP B 438 -4.09 -15.44 -34.17
CA TRP B 438 -3.82 -15.39 -32.75
C TRP B 438 -4.67 -14.31 -32.10
N ASP B 439 -4.85 -14.44 -30.78
CA ASP B 439 -5.49 -13.45 -29.95
C ASP B 439 -4.90 -13.60 -28.55
N GLY B 440 -5.47 -12.90 -27.58
CA GLY B 440 -5.04 -13.08 -26.21
C GLY B 440 -5.29 -11.83 -25.38
N LEU B 441 -4.56 -11.74 -24.29
CA LEU B 441 -4.73 -10.64 -23.35
C LEU B 441 -3.36 -10.09 -22.97
N GLN B 442 -3.26 -8.76 -22.94
CA GLN B 442 -2.04 -8.04 -22.63
C GLN B 442 -2.26 -7.16 -21.41
N SER B 443 -1.38 -7.27 -20.42
CA SER B 443 -1.29 -6.30 -19.35
C SER B 443 0.18 -6.01 -19.14
N SER B 444 0.55 -4.72 -19.19
CA SER B 444 1.93 -4.30 -19.41
C SER B 444 2.93 -5.25 -18.74
N ASP B 445 3.89 -5.72 -19.52
CA ASP B 445 5.00 -6.59 -19.11
C ASP B 445 4.60 -8.05 -19.00
N ASP B 446 3.36 -8.40 -19.32
CA ASP B 446 2.84 -9.76 -19.18
C ASP B 446 1.74 -9.96 -20.22
N PHE B 447 1.67 -11.18 -20.77
CA PHE B 447 0.62 -11.46 -21.74
C PHE B 447 0.39 -12.95 -21.85
N ALA B 448 -0.82 -13.29 -22.26
CA ALA B 448 -1.19 -14.65 -22.64
C ALA B 448 -1.64 -14.61 -24.10
N LEU B 449 -1.05 -15.47 -24.93
CA LEU B 449 -1.31 -15.44 -26.36
C LEU B 449 -1.82 -16.81 -26.81
N ILE B 450 -3.06 -16.87 -27.26
CA ILE B 450 -3.66 -18.10 -27.78
C ILE B 450 -3.57 -18.01 -29.30
N VAL B 451 -2.84 -18.94 -29.90
CA VAL B 451 -2.59 -18.97 -31.35
C VAL B 451 -3.13 -20.28 -31.89
N ASN B 452 -3.95 -20.20 -32.93
CA ASN B 452 -4.52 -21.36 -33.57
C ASN B 452 -4.03 -21.45 -35.02
N ALA B 453 -3.81 -22.68 -35.47
CA ALA B 453 -3.34 -22.92 -36.83
C ALA B 453 -3.59 -24.39 -37.18
N PRO B 454 -3.80 -24.69 -38.46
CA PRO B 454 -4.17 -26.07 -38.83
C PRO B 454 -3.10 -27.11 -38.51
N ASN B 455 -1.84 -26.72 -38.36
CA ASN B 455 -0.78 -27.69 -38.11
C ASN B 455 0.32 -27.02 -37.29
N HIS B 456 1.19 -27.85 -36.73
CA HIS B 456 2.28 -27.33 -35.91
C HIS B 456 3.12 -26.32 -36.67
N GLU B 457 3.30 -26.54 -37.98
CA GLU B 457 4.01 -25.56 -38.80
C GLU B 457 3.27 -24.22 -38.79
N GLY B 458 1.95 -24.26 -38.88
CA GLY B 458 1.18 -23.03 -38.81
C GLY B 458 1.34 -22.30 -37.49
N ILE B 459 1.33 -23.06 -36.38
CA ILE B 459 1.52 -22.44 -35.07
C ILE B 459 2.90 -21.81 -34.99
N GLN B 460 3.92 -22.53 -35.47
CA GLN B 460 5.28 -22.00 -35.44
C GLN B 460 5.38 -20.71 -36.26
N ALA B 461 4.79 -20.71 -37.46
CA ALA B 461 4.82 -19.51 -38.29
C ALA B 461 4.09 -18.36 -37.61
N GLY B 462 2.94 -18.64 -37.00
CA GLY B 462 2.19 -17.59 -36.35
C GLY B 462 2.96 -16.97 -35.19
N VAL B 463 3.55 -17.81 -34.34
CA VAL B 463 4.30 -17.29 -33.21
C VAL B 463 5.54 -16.53 -33.70
N ASP B 464 6.19 -17.03 -34.75
CA ASP B 464 7.36 -16.34 -35.29
C ASP B 464 6.98 -14.96 -35.81
N ARG B 465 5.87 -14.87 -36.55
CA ARG B 465 5.45 -13.57 -37.07
C ARG B 465 5.02 -12.64 -35.95
N PHE B 466 4.35 -13.16 -34.92
CA PHE B 466 3.98 -12.32 -33.79
C PHE B 466 5.22 -11.76 -33.11
N TYR B 467 6.23 -12.60 -32.90
CA TYR B 467 7.47 -12.14 -32.30
C TYR B 467 8.14 -11.08 -33.17
N ARG B 468 8.18 -11.32 -34.48
CA ARG B 468 8.82 -10.37 -35.39
C ARG B 468 8.10 -9.03 -35.36
N THR B 469 6.76 -9.05 -35.40
CA THR B 469 6.02 -7.80 -35.34
C THR B 469 6.24 -7.09 -34.01
N CYS B 470 6.34 -7.85 -32.92
CA CYS B 470 6.64 -7.23 -31.64
C CYS B 470 7.99 -6.53 -31.67
N LYS B 471 8.98 -7.16 -32.28
CA LYS B 471 10.30 -6.55 -32.37
C LYS B 471 10.31 -5.29 -33.24
N LEU B 472 9.32 -5.12 -34.11
CA LEU B 472 9.23 -3.90 -34.92
C LEU B 472 8.60 -2.74 -34.16
N LEU B 473 8.03 -3.00 -32.98
CA LEU B 473 7.40 -1.97 -32.16
C LEU B 473 8.19 -1.68 -30.89
N GLY B 474 9.43 -2.17 -30.81
CA GLY B 474 10.23 -1.93 -29.62
C GLY B 474 9.85 -2.79 -28.44
N ILE B 475 9.06 -3.84 -28.66
CA ILE B 475 8.62 -4.74 -27.60
C ILE B 475 9.34 -6.06 -27.77
N ASN B 476 9.92 -6.56 -26.68
CA ASN B 476 10.69 -7.80 -26.69
C ASN B 476 10.00 -8.85 -25.85
N MET B 477 10.07 -10.10 -26.29
CA MET B 477 9.49 -11.22 -25.57
C MET B 477 10.61 -11.97 -24.82
N SER B 478 10.42 -12.17 -23.53
CA SER B 478 11.42 -12.83 -22.70
C SER B 478 11.34 -14.33 -22.98
N LYS B 479 12.32 -14.84 -23.73
CA LYS B 479 12.34 -16.27 -24.04
C LYS B 479 12.63 -17.12 -22.82
N LYS B 480 13.34 -16.58 -21.82
CA LYS B 480 13.69 -17.36 -20.65
C LYS B 480 12.50 -17.54 -19.71
N LYS B 481 11.61 -16.55 -19.62
CA LYS B 481 10.46 -16.60 -18.72
C LYS B 481 9.16 -16.92 -19.45
N SER B 482 9.24 -17.49 -20.66
CA SER B 482 8.06 -17.77 -21.46
C SER B 482 8.08 -19.22 -21.92
N TYR B 483 6.89 -19.80 -22.06
CA TYR B 483 6.76 -21.16 -22.57
C TYR B 483 5.39 -21.31 -23.23
N ILE B 484 5.31 -22.27 -24.14
CA ILE B 484 4.11 -22.52 -24.94
C ILE B 484 3.68 -23.97 -24.73
N ASN B 485 2.39 -24.16 -24.50
CA ASN B 485 1.82 -25.50 -24.36
C ASN B 485 0.49 -25.53 -25.10
N ARG B 486 -0.25 -26.63 -24.99
CA ARG B 486 -1.61 -26.67 -25.52
C ARG B 486 -2.54 -25.86 -24.64
N THR B 487 -3.56 -25.29 -25.27
CA THR B 487 -4.52 -24.45 -24.54
C THR B 487 -5.27 -25.28 -23.51
N GLY B 488 -5.57 -24.64 -22.38
CA GLY B 488 -6.21 -25.31 -21.27
C GLY B 488 -5.43 -25.14 -19.99
N THR B 489 -4.15 -24.80 -20.12
CA THR B 489 -3.28 -24.60 -18.97
C THR B 489 -2.35 -23.44 -19.28
N PHE B 490 -2.33 -22.43 -18.42
CA PHE B 490 -1.44 -21.28 -18.60
C PHE B 490 -1.41 -20.46 -17.31
N GLU B 491 -0.67 -19.36 -17.36
CA GLU B 491 -0.52 -18.46 -16.22
C GLU B 491 -0.63 -17.03 -16.70
N PHE B 492 -1.08 -16.15 -15.80
CA PHE B 492 -1.18 -14.73 -16.12
C PHE B 492 -1.19 -13.96 -14.79
N THR B 493 -0.13 -13.21 -14.52
CA THR B 493 -0.04 -12.37 -13.34
C THR B 493 -0.41 -13.16 -12.08
N SER B 494 0.32 -14.25 -11.86
CA SER B 494 0.17 -15.10 -10.69
C SER B 494 -1.22 -15.73 -10.61
N PHE B 495 -1.97 -15.72 -11.71
CA PHE B 495 -3.25 -16.42 -11.81
C PHE B 495 -3.03 -17.64 -12.69
N PHE B 496 -3.17 -18.82 -12.11
CA PHE B 496 -2.90 -20.09 -12.81
C PHE B 496 -4.22 -20.66 -13.30
N TYR B 497 -4.38 -20.75 -14.61
CA TYR B 497 -5.58 -21.30 -15.23
C TYR B 497 -5.30 -22.74 -15.64
N ARG B 498 -6.11 -23.66 -15.14
CA ARG B 498 -6.04 -25.09 -15.50
C ARG B 498 -7.49 -25.56 -15.67
N TYR B 499 -8.00 -25.44 -16.88
CA TYR B 499 -9.41 -25.74 -17.16
C TYR B 499 -10.31 -24.96 -16.20
N GLY B 500 -9.91 -23.75 -15.87
CA GLY B 500 -10.59 -22.95 -14.86
C GLY B 500 -9.60 -22.43 -13.84
N PHE B 501 -9.75 -21.17 -13.43
CA PHE B 501 -8.79 -20.57 -12.53
C PHE B 501 -8.80 -21.28 -11.18
N VAL B 502 -7.62 -21.42 -10.60
CA VAL B 502 -7.43 -22.09 -9.32
C VAL B 502 -6.98 -21.06 -8.29
N ALA B 503 -7.57 -21.12 -7.11
CA ALA B 503 -7.22 -20.21 -6.04
C ALA B 503 -5.80 -20.46 -5.55
N ASN B 504 -5.14 -19.39 -5.11
CA ASN B 504 -3.77 -19.47 -4.62
C ASN B 504 -3.71 -19.22 -3.12
N PHE B 505 -4.21 -18.07 -2.65
CA PHE B 505 -4.30 -17.75 -1.23
C PHE B 505 -2.94 -17.46 -0.61
N SER B 506 -1.85 -17.71 -1.36
CA SER B 506 -0.53 -17.38 -0.87
C SER B 506 -0.12 -15.96 -1.21
N MET B 507 -0.79 -15.33 -2.17
CA MET B 507 -0.54 -13.94 -2.48
C MET B 507 -1.16 -13.00 -1.45
N GLU B 508 -2.23 -13.42 -0.80
CA GLU B 508 -2.94 -12.60 0.18
C GLU B 508 -2.56 -12.93 1.61
N LEU B 509 -1.66 -13.88 1.82
CA LEU B 509 -1.26 -14.29 3.16
C LEU B 509 -0.67 -13.11 3.94
N PRO B 510 0.18 -12.28 3.33
CA PRO B 510 0.76 -11.14 4.07
C PRO B 510 -0.28 -10.16 4.58
N SER B 511 -1.52 -10.20 4.08
CA SER B 511 -2.55 -9.25 4.46
C SER B 511 -3.44 -9.79 5.58
N PHE B 512 -3.04 -10.87 6.25
CA PHE B 512 -3.85 -11.49 7.28
C PHE B 512 -3.51 -11.01 8.69
N GLY B 513 -2.56 -10.09 8.82
CA GLY B 513 -2.18 -9.55 10.11
C GLY B 513 -2.88 -8.23 10.41
N VAL B 514 -2.44 -7.61 11.51
CA VAL B 514 -2.97 -6.30 11.86
C VAL B 514 -2.46 -5.29 10.84
N SER B 515 -3.38 -4.57 10.20
CA SER B 515 -3.00 -3.66 9.13
C SER B 515 -2.07 -2.57 9.65
N GLY B 516 -2.41 -1.98 10.79
CA GLY B 516 -1.58 -0.94 11.39
C GLY B 516 -2.16 0.44 11.27
N ILE B 517 -3.49 0.53 11.13
CA ILE B 517 -4.16 1.82 11.03
C ILE B 517 -4.54 2.28 12.43
N ASN B 518 -5.37 1.50 13.10
CA ASN B 518 -5.75 1.73 14.48
C ASN B 518 -6.52 0.49 14.95
N GLU B 519 -7.03 0.53 16.17
CA GLU B 519 -7.65 -0.67 16.76
C GLU B 519 -8.91 -1.07 15.99
N SER B 520 -9.90 -0.17 15.95
CA SER B 520 -11.13 -0.48 15.24
C SER B 520 -10.88 -0.73 13.77
N ALA B 521 -10.05 0.11 13.14
CA ALA B 521 -9.73 -0.06 11.74
C ALA B 521 -9.05 -1.40 11.49
N ASP B 522 -8.11 -1.78 12.35
CA ASP B 522 -7.41 -3.05 12.16
C ASP B 522 -8.39 -4.22 12.31
N MET B 523 -9.26 -4.17 13.31
CA MET B 523 -10.22 -5.26 13.49
C MET B 523 -11.11 -5.40 12.26
N SER B 524 -11.70 -4.28 11.81
CA SER B 524 -12.59 -4.33 10.66
C SER B 524 -11.86 -4.79 9.41
N ILE B 525 -10.64 -4.29 9.20
CA ILE B 525 -9.89 -4.66 8.01
C ILE B 525 -9.56 -6.15 8.03
N GLY B 526 -9.16 -6.68 9.19
CA GLY B 526 -8.85 -8.09 9.27
C GLY B 526 -10.05 -8.97 8.97
N VAL B 527 -11.19 -8.66 9.59
CA VAL B 527 -12.37 -9.48 9.35
C VAL B 527 -12.82 -9.35 7.89
N THR B 528 -12.76 -8.14 7.33
CA THR B 528 -13.15 -7.95 5.94
C THR B 528 -12.21 -8.66 4.99
N VAL B 529 -10.91 -8.68 5.28
CA VAL B 529 -9.97 -9.40 4.44
C VAL B 529 -10.25 -10.89 4.48
N ILE B 530 -10.52 -11.43 5.68
CA ILE B 530 -10.89 -12.84 5.77
C ILE B 530 -12.13 -13.11 4.92
N LYS B 531 -13.14 -12.25 5.04
CA LYS B 531 -14.37 -12.42 4.27
C LYS B 531 -14.08 -12.41 2.77
N ASN B 532 -13.33 -11.41 2.30
CA ASN B 532 -13.07 -11.28 0.87
C ASN B 532 -12.29 -12.47 0.34
N ASN B 533 -11.24 -12.87 1.05
CA ASN B 533 -10.47 -14.03 0.61
C ASN B 533 -11.29 -15.31 0.67
N MET B 534 -12.31 -15.36 1.52
CA MET B 534 -13.26 -16.46 1.45
C MET B 534 -14.13 -16.37 0.19
N ILE B 535 -14.51 -15.16 -0.22
CA ILE B 535 -15.37 -15.01 -1.39
C ILE B 535 -14.58 -15.25 -2.67
N ASN B 536 -13.40 -14.65 -2.79
CA ASN B 536 -12.65 -14.67 -4.04
C ASN B 536 -11.64 -15.81 -4.09
N ASN B 537 -10.72 -15.86 -3.13
CA ASN B 537 -9.62 -16.81 -3.17
C ASN B 537 -9.97 -18.17 -2.59
N ASP B 538 -11.26 -18.49 -2.49
CA ASP B 538 -11.71 -19.84 -2.13
C ASP B 538 -11.08 -20.31 -0.83
N LEU B 539 -11.07 -19.42 0.17
CA LEU B 539 -10.60 -19.79 1.49
C LEU B 539 -11.63 -20.65 2.18
N GLY B 540 -11.17 -21.74 2.79
CA GLY B 540 -12.05 -22.72 3.39
C GLY B 540 -12.69 -22.22 4.67
N PRO B 541 -13.82 -22.82 5.06
CA PRO B 541 -14.46 -22.42 6.33
C PRO B 541 -13.57 -22.63 7.54
N ALA B 542 -13.05 -23.85 7.73
CA ALA B 542 -12.20 -24.12 8.88
C ALA B 542 -10.94 -23.27 8.83
N THR B 543 -10.37 -23.10 7.63
CA THR B 543 -9.20 -22.24 7.50
C THR B 543 -9.55 -20.80 7.87
N ALA B 544 -10.74 -20.34 7.50
CA ALA B 544 -11.16 -19.00 7.86
C ALA B 544 -11.31 -18.85 9.36
N GLN B 545 -11.87 -19.87 10.02
CA GLN B 545 -11.98 -19.83 11.48
C GLN B 545 -10.61 -19.79 12.14
N MET B 546 -9.67 -20.59 11.64
CA MET B 546 -8.31 -20.56 12.16
C MET B 546 -7.68 -19.20 11.95
N ALA B 547 -7.91 -18.59 10.77
CA ALA B 547 -7.39 -17.26 10.51
C ALA B 547 -7.97 -16.24 11.48
N LEU B 548 -9.27 -16.34 11.75
CA LEU B 548 -9.89 -15.44 12.72
C LEU B 548 -9.26 -15.60 14.10
N GLN B 549 -9.06 -16.84 14.53
CA GLN B 549 -8.46 -17.08 15.84
C GLN B 549 -7.05 -16.49 15.91
N LEU B 550 -6.22 -16.77 14.90
CA LEU B 550 -4.86 -16.28 14.91
C LEU B 550 -4.81 -14.76 14.83
N PHE B 551 -5.70 -14.16 14.02
CA PHE B 551 -5.74 -12.72 13.92
C PHE B 551 -6.14 -12.09 15.25
N ILE B 552 -7.12 -12.69 15.94
CA ILE B 552 -7.51 -12.16 17.24
C ILE B 552 -6.36 -12.27 18.23
N LYS B 553 -5.66 -13.40 18.23
CA LYS B 553 -4.51 -13.54 19.13
C LYS B 553 -3.47 -12.48 18.86
N ASP B 554 -3.09 -12.29 17.60
CA ASP B 554 -2.08 -11.29 17.26
C ASP B 554 -2.57 -9.88 17.57
N TYR B 555 -3.85 -9.61 17.34
CA TYR B 555 -4.42 -8.31 17.64
C TYR B 555 -4.35 -8.01 19.13
N ARG B 556 -4.72 -8.97 19.97
CA ARG B 556 -4.64 -8.76 21.40
C ARG B 556 -3.20 -8.61 21.87
N TYR B 557 -2.28 -9.38 21.29
CA TYR B 557 -0.88 -9.30 21.68
C TYR B 557 -0.20 -8.04 21.15
N THR B 558 -0.77 -7.40 20.13
CA THR B 558 -0.17 -6.19 19.56
C THR B 558 -0.64 -4.93 20.26
N TYR B 559 -1.94 -4.84 20.56
CA TYR B 559 -2.52 -3.69 21.20
C TYR B 559 -2.61 -3.82 22.72
N ARG B 560 -2.01 -4.87 23.29
CA ARG B 560 -1.96 -5.05 24.73
C ARG B 560 -3.36 -5.10 25.33
N CYS B 561 -4.31 -5.63 24.57
CA CYS B 561 -5.71 -5.74 24.99
C CYS B 561 -6.05 -7.23 25.10
N HIS B 562 -5.78 -7.81 26.26
CA HIS B 562 -6.04 -9.21 26.50
C HIS B 562 -7.43 -9.40 27.10
N ARG B 563 -7.87 -10.66 27.16
CA ARG B 563 -9.26 -10.98 27.47
C ARG B 563 -9.75 -10.30 28.75
N GLY B 564 -8.84 -9.91 29.64
CA GLY B 564 -9.22 -9.24 30.88
C GLY B 564 -9.38 -10.18 32.06
N ASP B 565 -9.87 -11.39 31.81
CA ASP B 565 -9.99 -12.41 32.84
C ASP B 565 -8.68 -13.17 33.04
N THR B 566 -7.64 -12.85 32.29
CA THR B 566 -6.35 -13.48 32.41
C THR B 566 -5.45 -12.66 33.34
N GLN B 567 -4.31 -13.25 33.69
CA GLN B 567 -3.31 -12.60 34.54
C GLN B 567 -2.06 -12.25 33.73
N ILE B 568 -2.25 -11.81 32.50
CA ILE B 568 -1.14 -11.39 31.64
C ILE B 568 -0.86 -9.93 31.96
N GLN B 569 0.20 -9.67 32.71
CA GLN B 569 0.55 -8.31 33.07
C GLN B 569 1.16 -7.58 31.89
N THR B 570 0.58 -6.44 31.53
CA THR B 570 1.07 -5.58 30.47
C THR B 570 1.00 -4.14 30.95
N ARG B 571 1.38 -3.21 30.07
CA ARG B 571 1.26 -1.79 30.36
C ARG B 571 -0.19 -1.32 30.36
N ARG B 572 -1.12 -2.16 29.91
CA ARG B 572 -2.53 -1.79 29.79
C ARG B 572 -3.45 -2.79 30.49
N SER B 573 -2.90 -3.73 31.26
CA SER B 573 -3.70 -4.78 31.87
C SER B 573 -4.42 -4.34 33.13
N PHE B 574 -4.08 -3.19 33.69
CA PHE B 574 -4.72 -2.75 34.93
C PHE B 574 -6.05 -2.05 34.63
N GLU B 575 -6.02 -1.03 33.78
CA GLU B 575 -7.24 -0.33 33.42
C GLU B 575 -8.23 -1.28 32.77
N ILE B 576 -7.73 -2.18 31.92
CA ILE B 576 -8.60 -3.17 31.29
C ILE B 576 -9.26 -4.04 32.34
N LYS B 577 -8.51 -4.48 33.34
CA LYS B 577 -9.08 -5.34 34.38
C LYS B 577 -10.11 -4.60 35.22
N LYS B 578 -9.87 -3.34 35.56
CA LYS B 578 -10.89 -2.60 36.31
C LYS B 578 -12.13 -2.36 35.47
N LEU B 579 -11.97 -2.08 34.18
CA LEU B 579 -13.13 -1.96 33.32
C LEU B 579 -13.89 -3.28 33.26
N TRP B 580 -13.16 -4.40 33.22
CA TRP B 580 -13.79 -5.71 33.22
C TRP B 580 -14.60 -5.94 34.48
N GLU B 581 -14.00 -5.69 35.65
CA GLU B 581 -14.69 -5.89 36.91
C GLU B 581 -15.83 -4.89 37.12
N GLN B 582 -15.76 -3.72 36.49
CA GLN B 582 -16.82 -2.72 36.61
C GLN B 582 -18.03 -3.10 35.78
N THR B 583 -17.80 -3.67 34.60
CA THR B 583 -18.90 -3.99 33.69
C THR B 583 -19.71 -5.17 34.22
N ARG B 584 -21.03 -5.11 34.02
CA ARG B 584 -21.91 -6.18 34.43
C ARG B 584 -22.10 -7.20 33.31
N SER B 585 -22.48 -6.74 32.12
CA SER B 585 -22.60 -7.61 30.94
C SER B 585 -21.27 -7.55 30.20
N LYS B 586 -20.33 -8.41 30.63
CA LYS B 586 -18.98 -8.39 30.08
C LYS B 586 -18.91 -8.92 28.65
N ALA B 587 -19.98 -9.54 28.14
CA ALA B 587 -19.98 -10.04 26.77
C ALA B 587 -20.06 -8.92 25.74
N GLY B 588 -20.36 -7.69 26.16
CA GLY B 588 -20.48 -6.58 25.23
C GLY B 588 -19.21 -5.78 25.07
N LEU B 589 -18.20 -6.07 25.89
CA LEU B 589 -16.93 -5.36 25.80
C LEU B 589 -16.23 -5.70 24.48
N LEU B 590 -15.65 -4.68 23.85
CA LEU B 590 -14.90 -4.89 22.63
C LEU B 590 -13.58 -5.57 22.91
N VAL B 591 -13.07 -6.30 21.91
CA VAL B 591 -11.78 -6.95 22.06
C VAL B 591 -10.69 -5.92 22.34
N SER B 592 -10.86 -4.71 21.84
CA SER B 592 -9.91 -3.64 22.14
C SER B 592 -9.89 -3.29 23.62
N ASP B 593 -11.00 -3.49 24.33
CA ASP B 593 -11.11 -3.19 25.75
C ASP B 593 -11.03 -4.44 26.61
N GLY B 594 -10.59 -5.55 26.05
CA GLY B 594 -10.44 -6.78 26.80
C GLY B 594 -11.74 -7.52 26.99
N GLY B 595 -12.46 -7.76 25.90
CA GLY B 595 -13.70 -8.50 25.95
C GLY B 595 -13.65 -9.74 25.08
N PRO B 596 -14.63 -10.62 25.23
CA PRO B 596 -14.66 -11.85 24.43
C PRO B 596 -14.93 -11.54 22.96
N ASN B 597 -14.49 -12.46 22.11
CA ASN B 597 -14.64 -12.35 20.67
C ASN B 597 -15.85 -13.16 20.24
N LEU B 598 -16.84 -12.50 19.66
CA LEU B 598 -18.06 -13.14 19.18
C LEU B 598 -18.06 -13.36 17.68
N TYR B 599 -16.95 -13.10 17.00
CA TYR B 599 -16.89 -13.21 15.55
C TYR B 599 -16.92 -14.69 15.13
N ASN B 600 -17.46 -14.92 13.94
CA ASN B 600 -17.50 -16.24 13.34
C ASN B 600 -17.74 -16.07 11.85
N ILE B 601 -17.81 -17.20 11.13
CA ILE B 601 -17.96 -17.14 9.68
C ILE B 601 -19.21 -16.37 9.30
N ARG B 602 -20.25 -16.41 10.14
CA ARG B 602 -21.48 -15.70 9.85
C ARG B 602 -21.40 -14.21 10.18
N ASN B 603 -20.43 -13.79 11.00
CA ASN B 603 -20.36 -12.44 11.49
C ASN B 603 -19.19 -11.65 10.91
N LEU B 604 -18.58 -12.14 9.82
CA LEU B 604 -17.41 -11.48 9.27
C LEU B 604 -17.73 -10.20 8.53
N HIS B 605 -19.00 -9.91 8.27
CA HIS B 605 -19.40 -8.72 7.52
C HIS B 605 -20.07 -7.68 8.41
N ILE B 606 -19.90 -7.77 9.72
CA ILE B 606 -20.53 -6.87 10.68
C ILE B 606 -19.43 -6.17 11.47
N PRO B 607 -19.49 -4.86 11.65
CA PRO B 607 -18.51 -4.20 12.52
C PRO B 607 -18.64 -4.68 13.96
N GLU B 608 -17.52 -4.64 14.68
CA GLU B 608 -17.50 -5.14 16.05
C GLU B 608 -18.46 -4.36 16.94
N VAL B 609 -18.51 -3.04 16.77
CA VAL B 609 -19.34 -2.21 17.64
C VAL B 609 -20.80 -2.61 17.52
N CYS B 610 -21.28 -2.80 16.28
CA CYS B 610 -22.68 -3.14 16.06
C CYS B 610 -23.00 -4.57 16.44
N LEU B 611 -22.04 -5.47 16.34
CA LEU B 611 -22.27 -6.86 16.75
C LEU B 611 -22.44 -6.98 18.26
N LYS B 612 -21.80 -6.10 19.03
CA LYS B 612 -21.85 -6.12 20.48
C LYS B 612 -22.71 -4.99 21.04
N TRP B 613 -23.49 -4.32 20.19
CA TRP B 613 -24.23 -3.14 20.65
C TRP B 613 -25.26 -3.51 21.71
N GLU B 614 -26.02 -4.58 21.49
CA GLU B 614 -27.09 -4.94 22.40
C GLU B 614 -26.58 -5.55 23.71
N LEU B 615 -25.30 -5.94 23.76
CA LEU B 615 -24.74 -6.52 24.97
C LEU B 615 -24.00 -5.51 25.84
N MET B 616 -23.69 -4.34 25.31
CA MET B 616 -22.94 -3.35 26.07
C MET B 616 -23.83 -2.70 27.14
N ASP B 617 -23.22 -2.38 28.27
CA ASP B 617 -23.89 -1.58 29.28
C ASP B 617 -23.97 -0.13 28.81
N GLU B 618 -25.09 0.52 29.15
CA GLU B 618 -25.31 1.88 28.64
C GLU B 618 -24.20 2.83 29.05
N ASP B 619 -23.65 2.67 30.26
CA ASP B 619 -22.56 3.54 30.69
C ASP B 619 -21.33 3.34 29.81
N TYR B 620 -20.91 2.09 29.61
CA TYR B 620 -19.76 1.82 28.77
C TYR B 620 -20.05 2.19 27.32
N GLN B 621 -21.27 1.93 26.87
CA GLN B 621 -21.64 2.29 25.49
C GLN B 621 -21.53 3.79 25.28
N GLY B 622 -22.04 4.58 26.21
CA GLY B 622 -21.94 6.03 26.09
C GLY B 622 -20.53 6.54 26.18
N ARG B 623 -19.73 5.98 27.10
CA ARG B 623 -18.34 6.40 27.21
C ARG B 623 -17.57 6.07 25.94
N LEU B 624 -17.84 4.91 25.35
CA LEU B 624 -17.12 4.49 24.14
C LEU B 624 -17.44 5.42 22.97
N CYS B 625 -18.72 5.50 22.59
CA CYS B 625 -19.14 6.24 21.41
C CYS B 625 -19.60 7.63 21.81
N ASN B 626 -18.65 8.43 22.28
CA ASN B 626 -18.91 9.80 22.69
C ASN B 626 -18.33 10.76 21.67
N PRO B 627 -19.14 11.60 21.01
CA PRO B 627 -18.58 12.52 20.00
C PRO B 627 -17.49 13.43 20.56
N LEU B 628 -17.63 13.86 21.81
CA LEU B 628 -16.65 14.76 22.42
C LEU B 628 -15.34 14.08 22.76
N ASN B 629 -15.12 12.82 22.39
CA ASN B 629 -13.86 12.16 22.73
C ASN B 629 -12.69 12.92 22.10
N PRO B 630 -11.57 13.07 22.79
CA PRO B 630 -10.43 13.79 22.22
C PRO B 630 -9.56 12.96 21.29
N PHE B 631 -9.94 11.72 21.00
CA PHE B 631 -9.12 10.82 20.19
C PHE B 631 -9.54 10.80 18.73
N VAL B 632 -10.84 10.78 18.45
CA VAL B 632 -11.31 10.69 17.07
C VAL B 632 -10.98 11.98 16.34
N SER B 633 -10.40 11.86 15.16
CA SER B 633 -10.09 13.00 14.31
C SER B 633 -10.40 12.63 12.86
N HIS B 634 -11.25 13.43 12.22
CA HIS B 634 -11.63 13.24 10.83
C HIS B 634 -11.22 14.47 10.03
N LYS B 635 -10.51 14.25 8.92
CA LYS B 635 -9.97 15.34 8.12
C LYS B 635 -10.81 15.63 6.89
N GLU B 636 -11.06 14.63 6.06
CA GLU B 636 -11.78 14.82 4.81
C GLU B 636 -12.65 13.61 4.54
N ILE B 637 -13.59 13.78 3.59
CA ILE B 637 -14.47 12.69 3.19
C ILE B 637 -13.67 11.54 2.61
N GLU B 638 -12.53 11.85 1.98
CA GLU B 638 -11.74 10.80 1.34
C GLU B 638 -11.08 9.89 2.36
N SER B 639 -10.68 10.42 3.51
CA SER B 639 -9.93 9.68 4.51
C SER B 639 -10.79 9.27 5.70
N VAL B 640 -12.08 9.03 5.50
CA VAL B 640 -12.97 8.65 6.60
C VAL B 640 -12.75 7.19 6.96
N ASN B 641 -13.03 6.29 6.01
CA ASN B 641 -12.91 4.85 6.23
C ASN B 641 -12.22 4.20 5.04
N ASN B 642 -11.15 4.85 4.56
CA ASN B 642 -10.32 4.33 3.49
C ASN B 642 -8.92 4.07 4.03
N ALA B 643 -8.43 2.85 3.82
CA ALA B 643 -7.12 2.47 4.29
C ALA B 643 -6.26 2.03 3.10
N VAL B 644 -5.05 2.57 3.01
CA VAL B 644 -4.15 2.28 1.90
C VAL B 644 -3.26 1.11 2.33
N MET B 645 -3.55 -0.08 1.79
CA MET B 645 -2.74 -1.27 2.06
C MET B 645 -2.02 -1.65 0.77
N MET B 646 -0.71 -1.55 0.78
CA MET B 646 0.08 -1.95 -0.37
C MET B 646 0.08 -3.47 -0.48
N PRO B 647 -0.65 -4.06 -1.42
CA PRO B 647 -0.69 -5.53 -1.49
C PRO B 647 0.62 -6.11 -1.97
N ALA B 648 0.89 -7.32 -1.52
CA ALA B 648 2.09 -8.03 -1.98
C ALA B 648 1.96 -8.36 -3.46
N HIS B 649 3.03 -8.12 -4.20
CA HIS B 649 3.07 -8.39 -5.64
C HIS B 649 2.01 -7.59 -6.39
N GLY B 650 1.95 -6.29 -6.11
CA GLY B 650 1.04 -5.41 -6.79
C GLY B 650 1.22 -3.96 -6.39
N PRO B 651 0.55 -3.05 -7.11
CA PRO B 651 0.63 -1.63 -6.77
C PRO B 651 -0.22 -1.28 -5.57
N ALA B 652 0.11 -0.14 -4.97
CA ALA B 652 -0.61 0.33 -3.78
C ALA B 652 -2.11 0.43 -4.07
N LYS B 653 -2.91 -0.06 -3.13
CA LYS B 653 -4.36 -0.11 -3.29
C LYS B 653 -5.03 0.41 -2.04
N ASN B 654 -6.26 0.89 -2.21
CA ASN B 654 -7.07 1.44 -1.14
C ASN B 654 -8.29 0.54 -0.92
N MET B 655 -8.71 0.41 0.34
CA MET B 655 -9.84 -0.42 0.69
C MET B 655 -10.82 0.37 1.58
N GLU B 656 -12.11 0.20 1.28
CA GLU B 656 -13.19 0.66 2.15
C GLU B 656 -13.39 -0.36 3.25
N TYR B 657 -13.26 0.06 4.50
CA TYR B 657 -13.48 -0.81 5.65
C TYR B 657 -14.64 -0.26 6.49
N ASP B 658 -15.56 -1.13 6.86
CA ASP B 658 -16.71 -0.73 7.66
C ASP B 658 -16.30 -0.62 9.12
N ALA B 659 -16.49 0.56 9.71
CA ALA B 659 -16.14 0.77 11.10
C ALA B 659 -17.00 1.89 11.67
N VAL B 660 -17.26 1.80 12.98
CA VAL B 660 -18.01 2.83 13.70
C VAL B 660 -17.02 3.72 14.43
N ALA B 661 -17.23 5.02 14.34
CA ALA B 661 -16.33 5.99 14.97
C ALA B 661 -16.43 5.86 16.48
N THR B 662 -15.46 5.20 17.09
CA THR B 662 -15.38 5.02 18.53
C THR B 662 -14.16 5.73 19.07
N THR B 663 -14.00 5.66 20.40
CA THR B 663 -12.82 6.22 21.03
C THR B 663 -11.55 5.49 20.62
N HIS B 664 -11.66 4.32 20.01
CA HIS B 664 -10.51 3.55 19.54
C HIS B 664 -10.05 3.94 18.14
N SER B 665 -10.71 4.91 17.51
CA SER B 665 -10.37 5.33 16.15
C SER B 665 -9.27 6.39 16.12
N TRP B 666 -8.46 6.47 17.18
CA TRP B 666 -7.37 7.41 17.21
C TRP B 666 -6.44 7.23 16.01
N ILE B 667 -5.64 8.26 15.74
CA ILE B 667 -4.62 8.19 14.70
C ILE B 667 -3.25 8.14 15.40
N PRO B 668 -2.30 7.37 14.91
CA PRO B 668 -1.05 7.15 15.63
C PRO B 668 -0.12 8.37 15.55
N LYS B 669 0.97 8.27 16.30
CA LYS B 669 1.97 9.33 16.35
C LYS B 669 2.67 9.47 15.00
N ARG B 670 3.14 10.70 14.72
CA ARG B 670 3.86 10.97 13.49
C ARG B 670 5.36 10.77 13.72
N ASN B 671 6.16 10.99 12.66
CA ASN B 671 7.56 10.62 12.70
C ASN B 671 8.32 11.40 13.77
N ARG B 672 8.21 12.73 13.76
CA ARG B 672 8.81 13.63 14.74
C ARG B 672 10.30 13.83 14.53
N SER B 673 10.89 13.31 13.45
CA SER B 673 12.31 13.50 13.22
C SER B 673 12.63 14.79 12.48
N ILE B 674 11.61 15.53 12.04
CA ILE B 674 11.85 16.81 11.37
C ILE B 674 12.52 17.82 12.29
N LEU B 675 12.44 17.63 13.60
CA LEU B 675 12.94 18.61 14.55
C LEU B 675 14.46 18.77 14.48
N ASN B 676 15.18 17.77 13.97
CA ASN B 676 16.63 17.79 13.92
C ASN B 676 17.15 18.21 12.54
N THR B 677 16.28 18.63 11.64
CA THR B 677 16.66 18.98 10.28
C THR B 677 16.49 20.48 10.06
N SER B 678 17.25 21.01 9.09
CA SER B 678 17.10 22.41 8.72
C SER B 678 15.72 22.71 8.19
N GLN B 679 14.99 21.70 7.70
CA GLN B 679 13.61 21.88 7.27
C GLN B 679 12.68 21.79 8.47
N ARG B 680 12.97 22.58 9.50
CA ARG B 680 12.17 22.57 10.72
C ARG B 680 11.00 23.55 10.65
N GLY B 681 11.12 24.61 9.86
CA GLY B 681 10.03 25.56 9.70
C GLY B 681 8.81 25.00 9.01
N ILE B 682 8.94 23.85 8.35
CA ILE B 682 7.77 23.25 7.70
C ILE B 682 6.73 22.87 8.74
N LEU B 683 7.14 22.52 9.96
CA LEU B 683 6.18 22.16 10.99
C LEU B 683 5.40 23.38 11.47
N GLU B 684 6.05 24.52 11.61
CA GLU B 684 5.34 25.74 11.98
C GLU B 684 4.33 26.12 10.91
N ASP B 685 4.74 26.02 9.64
CA ASP B 685 3.80 26.30 8.55
C ASP B 685 2.64 25.31 8.57
N GLU B 686 2.93 24.03 8.85
CA GLU B 686 1.86 23.05 8.98
C GLU B 686 0.88 23.46 10.06
N GLN B 687 1.39 23.83 11.24
CA GLN B 687 0.51 24.19 12.35
C GLN B 687 -0.34 25.41 11.99
N MET B 688 0.27 26.43 11.39
CA MET B 688 -0.49 27.64 11.05
C MET B 688 -1.53 27.35 9.99
N TYR B 689 -1.16 26.57 8.96
CA TYR B 689 -2.12 26.22 7.93
C TYR B 689 -3.28 25.42 8.51
N GLN B 690 -2.99 24.50 9.43
CA GLN B 690 -4.05 23.71 10.04
C GLN B 690 -4.95 24.57 10.91
N LYS B 691 -4.37 25.53 11.64
CA LYS B 691 -5.20 26.43 12.43
C LYS B 691 -6.14 27.24 11.54
N CYS B 692 -5.60 27.79 10.44
CA CYS B 692 -6.45 28.54 9.52
C CYS B 692 -7.51 27.65 8.90
N CYS B 693 -7.16 26.42 8.54
CA CYS B 693 -8.13 25.51 7.93
C CYS B 693 -9.22 25.14 8.92
N ASN B 694 -8.87 24.91 10.18
CA ASN B 694 -9.88 24.62 11.20
C ASN B 694 -10.80 25.81 11.40
N LEU B 695 -10.24 27.03 11.42
CA LEU B 695 -11.07 28.22 11.54
C LEU B 695 -12.03 28.33 10.35
N PHE B 696 -11.52 28.09 9.14
CA PHE B 696 -12.38 28.16 7.96
C PHE B 696 -13.47 27.11 8.02
N GLU B 697 -13.14 25.89 8.45
CA GLU B 697 -14.13 24.83 8.55
C GLU B 697 -15.21 25.20 9.56
N LYS B 698 -14.82 25.76 10.71
CA LYS B 698 -15.82 26.24 11.65
C LYS B 698 -16.64 27.37 11.04
N PHE B 699 -16.05 28.14 10.13
CA PHE B 699 -16.81 29.15 9.41
C PHE B 699 -17.58 28.55 8.24
N PHE B 700 -16.99 27.57 7.56
CA PHE B 700 -17.61 26.89 6.42
C PHE B 700 -17.65 25.40 6.71
N PRO B 701 -18.74 24.91 7.32
CA PRO B 701 -18.77 23.50 7.72
C PRO B 701 -18.59 22.53 6.58
N SER B 702 -18.97 22.89 5.35
CA SER B 702 -18.85 21.99 4.21
C SER B 702 -17.46 21.96 3.62
N SER B 703 -16.47 22.56 4.29
CA SER B 703 -15.13 22.64 3.72
C SER B 703 -14.57 21.25 3.46
N SER B 704 -14.83 20.30 4.35
CA SER B 704 -14.25 18.96 4.21
C SER B 704 -15.00 18.15 3.16
N TYR B 705 -16.32 18.06 3.28
CA TYR B 705 -17.08 17.16 2.40
C TYR B 705 -16.97 17.59 0.94
N ARG B 706 -17.27 18.87 0.66
CA ARG B 706 -17.06 19.45 -0.66
C ARG B 706 -16.02 20.56 -0.53
N ARG B 707 -14.92 20.39 -1.26
CA ARG B 707 -13.84 21.38 -1.22
C ARG B 707 -14.35 22.71 -1.75
N PRO B 708 -14.20 23.81 -1.00
CA PRO B 708 -14.74 25.09 -1.48
C PRO B 708 -14.04 25.54 -2.75
N VAL B 709 -14.78 26.31 -3.56
CA VAL B 709 -14.27 26.86 -4.80
C VAL B 709 -14.57 28.35 -4.82
N GLY B 710 -13.79 29.08 -5.60
CA GLY B 710 -13.94 30.52 -5.71
C GLY B 710 -12.60 31.17 -5.99
N ILE B 711 -12.63 32.50 -6.04
CA ILE B 711 -11.45 33.30 -6.29
C ILE B 711 -11.23 34.37 -5.22
N SER B 712 -12.07 34.42 -4.19
CA SER B 712 -11.86 35.36 -3.09
C SER B 712 -10.84 34.80 -2.11
N SER B 713 -10.46 35.62 -1.14
CA SER B 713 -9.50 35.25 -0.10
C SER B 713 -10.23 34.84 1.18
N MET B 714 -9.46 34.24 2.08
CA MET B 714 -10.04 33.68 3.30
C MET B 714 -10.83 34.72 4.08
N VAL B 715 -10.14 35.78 4.52
CA VAL B 715 -10.70 36.68 5.52
C VAL B 715 -11.98 37.33 4.99
N GLU B 716 -12.06 37.58 3.69
CA GLU B 716 -13.29 38.15 3.13
C GLU B 716 -14.48 37.25 3.42
N ALA B 717 -14.37 35.98 3.05
CA ALA B 717 -15.47 35.05 3.28
C ALA B 717 -15.76 34.90 4.77
N MET B 718 -14.71 34.74 5.58
CA MET B 718 -14.93 34.51 7.00
C MET B 718 -15.61 35.71 7.66
N VAL B 719 -15.14 36.92 7.39
CA VAL B 719 -15.73 38.11 8.02
C VAL B 719 -17.16 38.32 7.53
N SER B 720 -17.39 38.14 6.22
CA SER B 720 -18.73 38.39 5.69
C SER B 720 -19.72 37.38 6.24
N ARG B 721 -19.32 36.12 6.32
CA ARG B 721 -20.19 35.12 6.91
C ARG B 721 -20.39 35.37 8.41
N ALA B 722 -19.39 35.93 9.09
CA ALA B 722 -19.60 36.34 10.47
C ALA B 722 -20.71 37.38 10.56
N ARG B 723 -20.63 38.42 9.70
CA ARG B 723 -21.70 39.41 9.61
C ARG B 723 -23.04 38.70 9.55
N ILE B 724 -23.22 37.90 8.49
CA ILE B 724 -24.55 37.37 8.18
C ILE B 724 -25.02 36.41 9.26
N ASP B 725 -24.13 35.54 9.75
CA ASP B 725 -24.54 34.54 10.71
C ASP B 725 -24.91 35.17 12.04
N ALA B 726 -24.15 36.19 12.48
CA ALA B 726 -24.57 36.93 13.67
C ALA B 726 -25.95 37.53 13.47
N ARG B 727 -26.15 38.21 12.34
CA ARG B 727 -27.47 38.75 12.02
C ARG B 727 -28.56 37.71 12.23
N ILE B 728 -28.49 36.63 11.45
CA ILE B 728 -29.62 35.71 11.36
C ILE B 728 -29.79 34.92 12.66
N ASP B 729 -28.67 34.58 13.31
CA ASP B 729 -28.76 33.85 14.56
C ASP B 729 -29.31 34.71 15.67
N PHE B 730 -29.20 36.04 15.56
CA PHE B 730 -30.12 36.88 16.33
C PHE B 730 -31.55 36.80 15.87
N GLU B 731 -31.81 36.95 14.57
CA GLU B 731 -33.21 36.95 14.16
C GLU B 731 -33.94 35.72 14.71
N SER B 732 -33.19 34.69 15.09
CA SER B 732 -33.68 33.67 16.03
C SER B 732 -32.48 32.90 16.57
N GLY B 733 -32.18 33.07 17.85
CA GLY B 733 -31.11 32.31 18.47
C GLY B 733 -30.49 33.04 19.66
N ARG B 734 -29.34 32.51 20.09
CA ARG B 734 -28.71 32.94 21.32
C ARG B 734 -28.21 34.38 21.26
N ILE B 735 -27.76 34.84 20.08
CA ILE B 735 -27.13 36.15 19.98
C ILE B 735 -28.04 37.21 20.62
N LYS B 736 -27.45 38.33 21.03
CA LYS B 736 -28.23 39.49 21.48
C LYS B 736 -27.69 40.75 20.80
N LYS B 737 -28.52 41.81 20.78
CA LYS B 737 -28.11 43.07 20.18
C LYS B 737 -26.70 43.47 20.61
N GLU B 738 -26.43 43.38 21.92
CA GLU B 738 -25.09 43.69 22.42
C GLU B 738 -24.04 42.86 21.68
N GLU B 739 -24.24 41.54 21.67
CA GLU B 739 -23.30 40.65 21.00
C GLU B 739 -23.29 40.86 19.48
N PHE B 740 -24.45 41.09 18.87
CA PHE B 740 -24.48 41.27 17.42
C PHE B 740 -23.68 42.51 17.00
N ALA B 741 -23.89 43.63 17.71
CA ALA B 741 -23.13 44.83 17.42
C ALA B 741 -21.65 44.64 17.73
N GLU B 742 -21.35 43.92 18.80
CA GLU B 742 -19.95 43.61 19.11
C GLU B 742 -19.30 42.87 17.96
N ILE B 743 -19.99 41.86 17.41
CA ILE B 743 -19.47 41.13 16.25
C ILE B 743 -19.34 42.02 15.04
N MET B 744 -20.31 42.90 14.80
CA MET B 744 -20.23 43.77 13.62
C MET B 744 -19.00 44.67 13.70
N LYS B 745 -18.78 45.29 14.87
CA LYS B 745 -17.64 46.19 14.99
C LYS B 745 -16.32 45.42 15.10
N ILE B 746 -16.34 44.17 15.58
CA ILE B 746 -15.14 43.35 15.54
C ILE B 746 -14.79 42.98 14.11
N CYS B 747 -15.83 42.73 13.29
CA CYS B 747 -15.60 42.51 11.87
C CYS B 747 -14.97 43.74 11.23
N SER B 748 -15.48 44.93 11.58
CA SER B 748 -14.87 46.16 11.10
C SER B 748 -13.42 46.27 11.57
N THR B 749 -13.15 45.86 12.81
CA THR B 749 -11.79 45.93 13.34
C THR B 749 -10.84 45.03 12.54
N ILE B 750 -11.26 43.80 12.27
CA ILE B 750 -10.39 42.91 11.49
C ILE B 750 -10.28 43.42 10.05
N GLU B 751 -11.32 44.08 9.55
CA GLU B 751 -11.23 44.70 8.23
C GLU B 751 -10.13 45.75 8.20
N GLU B 752 -10.14 46.68 9.15
CA GLU B 752 -9.10 47.72 9.17
C GLU B 752 -7.74 47.13 9.49
N LEU B 753 -7.69 46.01 10.21
CA LEU B 753 -6.42 45.33 10.44
C LEU B 753 -5.86 44.76 9.15
N ARG B 754 -6.72 44.13 8.33
CA ARG B 754 -6.27 43.62 7.05
C ARG B 754 -5.88 44.76 6.11
N ARG B 755 -6.54 45.90 6.22
CA ARG B 755 -6.08 47.10 5.52
C ARG B 755 -4.61 47.39 5.86
N GLN B 756 -4.23 47.26 7.11
CA GLN B 756 -2.85 47.51 7.54
C GLN B 756 -2.31 46.34 8.36
N MET C 1 -19.59 34.25 18.64
CA MET C 1 -18.65 35.11 19.41
C MET C 1 -17.22 34.59 19.32
N GLU C 2 -17.01 33.39 19.86
CA GLU C 2 -15.67 32.82 19.90
C GLU C 2 -15.02 32.80 18.52
N ARG C 3 -15.73 32.27 17.52
CA ARG C 3 -15.12 31.98 16.23
C ARG C 3 -14.41 33.21 15.66
N ILE C 4 -15.13 34.33 15.58
CA ILE C 4 -14.51 35.54 15.08
C ILE C 4 -13.40 35.99 16.02
N LYS C 5 -13.46 35.59 17.29
CA LYS C 5 -12.42 36.02 18.22
C LYS C 5 -11.10 35.32 17.95
N GLU C 6 -11.09 33.99 17.73
CA GLU C 6 -9.82 33.40 17.33
C GLU C 6 -9.44 33.83 15.92
N LEU C 7 -10.42 34.20 15.10
CA LEU C 7 -10.08 34.80 13.81
C LEU C 7 -9.26 36.07 14.00
N ARG C 8 -9.71 36.97 14.88
CA ARG C 8 -8.98 38.20 15.14
C ARG C 8 -7.63 37.91 15.78
N ASP C 9 -7.58 36.94 16.69
CA ASP C 9 -6.30 36.57 17.29
C ASP C 9 -5.32 36.06 16.25
N LEU C 10 -5.79 35.25 15.30
CA LEU C 10 -4.94 34.78 14.22
C LEU C 10 -4.45 35.96 13.38
N MET C 11 -5.35 36.84 12.98
CA MET C 11 -4.96 38.00 12.19
C MET C 11 -4.05 38.95 12.95
N SER C 12 -4.00 38.84 14.28
CA SER C 12 -3.10 39.69 15.06
C SER C 12 -1.65 39.41 14.71
N GLN C 13 -1.28 38.13 14.59
CA GLN C 13 0.09 37.77 14.29
C GLN C 13 0.33 37.84 12.77
N SER C 14 1.50 38.35 12.40
CA SER C 14 1.72 38.73 11.01
C SER C 14 1.69 37.54 10.06
N ARG C 15 2.31 36.43 10.45
CA ARG C 15 2.42 35.29 9.53
C ARG C 15 1.04 34.72 9.19
N THR C 16 0.23 34.45 10.22
CA THR C 16 -1.11 33.94 9.96
C THR C 16 -1.95 34.97 9.22
N ARG C 17 -1.75 36.26 9.49
CA ARG C 17 -2.46 37.29 8.75
C ARG C 17 -2.13 37.22 7.27
N GLU C 18 -0.85 37.07 6.94
CA GLU C 18 -0.46 36.93 5.54
C GLU C 18 -1.04 35.68 4.92
N ILE C 19 -1.01 34.56 5.65
CA ILE C 19 -1.59 33.32 5.13
C ILE C 19 -3.07 33.51 4.84
N LEU C 20 -3.78 34.19 5.73
CA LEU C 20 -5.21 34.41 5.53
C LEU C 20 -5.48 35.36 4.37
N THR C 21 -4.60 36.35 4.18
CA THR C 21 -4.85 37.37 3.17
C THR C 21 -4.53 36.87 1.77
N LYS C 22 -3.32 36.34 1.56
CA LYS C 22 -2.89 36.01 0.22
C LYS C 22 -3.49 34.72 -0.29
N THR C 23 -3.85 33.80 0.61
CA THR C 23 -4.38 32.50 0.20
C THR C 23 -5.83 32.64 -0.23
N THR C 24 -6.15 32.16 -1.43
CA THR C 24 -7.50 32.19 -1.94
C THR C 24 -8.27 30.93 -1.54
N VAL C 25 -9.60 31.01 -1.67
CA VAL C 25 -10.45 29.92 -1.22
C VAL C 25 -10.15 28.63 -1.98
N ASP C 26 -9.86 28.74 -3.28
CA ASP C 26 -9.64 27.54 -4.08
C ASP C 26 -8.46 26.73 -3.54
N HIS C 27 -7.39 27.42 -3.13
CA HIS C 27 -6.22 26.73 -2.60
C HIS C 27 -6.48 26.10 -1.23
N MET C 28 -7.66 26.32 -0.64
CA MET C 28 -8.01 25.71 0.64
C MET C 28 -7.53 24.28 0.76
N ALA C 29 -7.90 23.42 -0.19
CA ALA C 29 -7.56 22.01 -0.08
C ALA C 29 -6.05 21.83 -0.03
N ILE C 30 -5.34 22.50 -0.93
CA ILE C 30 -3.90 22.28 -1.05
C ILE C 30 -3.22 22.50 0.30
N ILE C 31 -3.33 23.72 0.84
CA ILE C 31 -2.69 24.03 2.10
C ILE C 31 -3.20 23.14 3.23
N LYS C 32 -4.44 22.66 3.13
CA LYS C 32 -4.95 21.78 4.18
C LYS C 32 -4.25 20.42 4.14
N LYS C 33 -3.89 19.95 2.94
CA LYS C 33 -3.13 18.73 2.79
C LYS C 33 -1.63 18.97 2.84
N TYR C 34 -1.20 20.22 2.91
CA TYR C 34 0.22 20.54 3.02
C TYR C 34 0.77 19.96 4.31
N THR C 35 1.61 18.93 4.20
CA THR C 35 2.18 18.28 5.37
C THR C 35 3.52 17.68 5.02
N SER C 36 4.38 17.57 6.03
CA SER C 36 5.67 16.90 5.89
C SER C 36 5.57 15.41 6.17
N GLY C 37 4.42 14.93 6.65
CA GLY C 37 4.28 13.53 7.00
C GLY C 37 4.09 12.68 5.76
N ARG C 38 5.06 11.79 5.50
CA ARG C 38 4.91 10.84 4.41
C ARG C 38 3.89 9.78 4.75
N GLN C 39 3.22 9.26 3.73
CA GLN C 39 2.28 8.16 3.92
C GLN C 39 3.07 6.88 4.16
N GLU C 40 2.71 6.16 5.21
CA GLU C 40 3.51 5.00 5.62
C GLU C 40 3.47 3.90 4.56
N LYS C 41 4.64 3.30 4.33
CA LYS C 41 4.73 2.21 3.37
C LYS C 41 4.43 0.87 4.02
N ASN C 42 4.81 0.69 5.29
CA ASN C 42 4.60 -0.56 6.02
C ASN C 42 3.89 -0.22 7.33
N PRO C 43 2.57 -0.04 7.29
CA PRO C 43 1.86 0.37 8.53
C PRO C 43 1.94 -0.68 9.63
N ALA C 44 1.86 -1.96 9.30
CA ALA C 44 1.83 -3.00 10.32
C ALA C 44 3.11 -3.01 11.14
N LEU C 45 4.26 -2.89 10.46
CA LEU C 45 5.53 -2.96 11.16
C LEU C 45 5.64 -1.87 12.21
N ARG C 46 5.27 -0.64 11.86
CA ARG C 46 5.38 0.47 12.79
C ARG C 46 4.28 0.47 13.84
N MET C 47 3.07 0.00 13.51
CA MET C 47 2.06 -0.14 14.54
C MET C 47 2.48 -1.17 15.59
N LYS C 48 3.15 -2.23 15.16
CA LYS C 48 3.69 -3.19 16.12
C LYS C 48 4.92 -2.65 16.84
N TRP C 49 5.57 -1.63 16.27
CA TRP C 49 6.76 -1.03 16.86
C TRP C 49 6.42 0.18 17.73
N MET C 50 5.43 0.98 17.32
CA MET C 50 5.07 2.16 18.10
C MET C 50 4.32 1.80 19.38
N MET C 51 3.47 0.77 19.33
CA MET C 51 2.68 0.42 20.50
C MET C 51 3.53 -0.05 21.66
N ALA C 52 4.80 -0.37 21.43
CA ALA C 52 5.73 -0.70 22.51
C ALA C 52 6.31 0.54 23.18
N MET C 53 6.00 1.74 22.67
CA MET C 53 6.45 2.98 23.27
C MET C 53 5.41 3.49 24.27
N LYS C 54 5.84 4.42 25.11
CA LYS C 54 4.92 5.17 25.96
C LYS C 54 4.46 6.41 25.21
N TYR C 55 3.16 6.69 25.30
CA TYR C 55 2.54 7.77 24.55
C TYR C 55 2.64 7.50 23.05
N PRO C 56 2.03 6.42 22.55
CA PRO C 56 2.09 6.12 21.12
C PRO C 56 0.98 6.71 20.28
N ILE C 57 -0.12 7.20 20.88
CA ILE C 57 -1.23 7.71 20.09
C ILE C 57 -1.30 9.21 20.26
N THR C 58 -2.21 9.87 19.55
CA THR C 58 -2.36 11.31 19.60
C THR C 58 -3.80 11.68 19.92
N ALA C 59 -3.97 12.79 20.64
CA ALA C 59 -5.30 13.24 21.02
C ALA C 59 -5.30 14.75 21.12
N ASP C 60 -6.49 15.33 21.03
CA ASP C 60 -6.64 16.77 21.10
C ASP C 60 -6.15 17.30 22.44
N LYS C 61 -5.82 18.60 22.48
CA LYS C 61 -5.34 19.20 23.71
C LYS C 61 -6.35 19.09 24.83
N ARG C 62 -7.64 19.04 24.50
CA ARG C 62 -8.69 19.04 25.53
C ARG C 62 -8.53 17.87 26.48
N ILE C 63 -7.87 16.80 26.04
CA ILE C 63 -7.68 15.63 26.90
C ILE C 63 -6.96 16.02 28.17
N MET C 64 -6.11 17.04 28.12
CA MET C 64 -5.37 17.47 29.31
C MET C 64 -6.29 18.02 30.40
N GLU C 65 -7.56 18.32 30.07
CA GLU C 65 -8.49 18.88 31.05
C GLU C 65 -9.71 17.99 31.25
N MET C 66 -9.66 16.73 30.83
CA MET C 66 -10.75 15.80 31.12
C MET C 66 -10.23 14.54 31.80
N ILE C 67 -9.00 14.15 31.49
CA ILE C 67 -8.39 12.93 31.98
C ILE C 67 -7.19 13.31 32.83
N PRO C 68 -7.03 12.77 34.04
CA PRO C 68 -5.87 13.12 34.85
C PRO C 68 -4.57 12.64 34.22
N GLU C 69 -3.49 13.34 34.54
CA GLU C 69 -2.19 13.01 33.96
C GLU C 69 -1.74 11.61 34.33
N ARG C 70 -2.22 11.06 35.44
CA ARG C 70 -1.82 9.72 35.87
C ARG C 70 -3.00 9.02 36.51
N ASN C 71 -2.94 7.69 36.48
CA ASN C 71 -3.99 6.85 37.04
C ASN C 71 -3.63 6.50 38.49
N GLU C 72 -4.33 5.51 39.06
CA GLU C 72 -4.21 5.26 40.49
C GLU C 72 -2.79 4.93 40.90
N GLN C 73 -2.11 4.03 40.17
CA GLN C 73 -0.76 3.65 40.53
C GLN C 73 0.29 4.62 40.03
N GLY C 74 -0.10 5.61 39.23
CA GLY C 74 0.85 6.56 38.68
C GLY C 74 1.25 6.31 37.24
N GLN C 75 0.63 5.37 36.54
CA GLN C 75 0.90 5.20 35.12
C GLN C 75 0.39 6.43 34.38
N THR C 76 1.27 7.09 33.64
CA THR C 76 0.90 8.31 32.94
C THR C 76 -0.09 7.99 31.81
N LEU C 77 -1.10 8.84 31.68
CA LEU C 77 -2.12 8.67 30.66
C LEU C 77 -1.91 9.57 29.45
N TRP C 78 -1.40 10.79 29.66
CA TRP C 78 -1.15 11.70 28.55
C TRP C 78 0.09 12.53 28.87
N SER C 79 0.69 13.06 27.81
CA SER C 79 1.84 13.95 27.91
C SER C 79 1.49 15.30 27.30
N LYS C 80 2.17 16.34 27.76
CA LYS C 80 1.92 17.69 27.29
C LYS C 80 2.76 18.05 26.06
N THR C 81 3.63 17.16 25.60
CA THR C 81 4.44 17.42 24.42
C THR C 81 3.58 17.23 23.18
N ASN C 82 3.49 18.26 22.35
CA ASN C 82 2.61 18.22 21.19
C ASN C 82 3.21 17.36 20.08
N ASP C 83 2.36 16.99 19.13
CA ASP C 83 2.79 16.22 17.98
C ASP C 83 3.73 17.05 17.11
N ALA C 84 4.25 16.41 16.06
CA ALA C 84 5.21 17.08 15.18
C ALA C 84 4.63 18.32 14.53
N GLY C 85 3.60 18.15 13.70
CA GLY C 85 3.04 19.25 12.95
C GLY C 85 1.60 19.55 13.30
N SER C 86 1.26 19.46 14.58
CA SER C 86 -0.09 19.73 15.03
C SER C 86 -0.06 20.16 16.50
N ASP C 87 -1.16 20.77 16.94
CA ASP C 87 -1.30 21.16 18.33
C ASP C 87 -1.74 20.01 19.22
N ARG C 88 -2.04 18.84 18.66
CA ARG C 88 -2.45 17.70 19.46
C ARG C 88 -1.27 17.17 20.27
N VAL C 89 -1.59 16.52 21.38
CA VAL C 89 -0.60 15.99 22.31
C VAL C 89 -0.57 14.47 22.21
N MET C 90 0.62 13.91 22.38
CA MET C 90 0.80 12.47 22.37
C MET C 90 0.37 11.90 23.71
N VAL C 91 -0.42 10.83 23.67
CA VAL C 91 -0.97 10.20 24.87
C VAL C 91 -0.84 8.68 24.76
N SER C 92 -0.94 8.04 25.93
CA SER C 92 -0.79 6.60 26.07
C SER C 92 -2.11 5.91 25.75
N PRO C 93 -2.06 4.62 25.36
CA PRO C 93 -3.33 3.94 25.05
C PRO C 93 -4.22 3.75 26.26
N LEU C 94 -3.68 3.79 27.47
CA LEU C 94 -4.52 3.67 28.66
C LEU C 94 -5.54 4.79 28.72
N ALA C 95 -5.17 5.99 28.26
CA ALA C 95 -6.12 7.09 28.24
C ALA C 95 -7.36 6.75 27.44
N VAL C 96 -7.26 5.82 26.50
CA VAL C 96 -8.44 5.30 25.81
C VAL C 96 -9.28 4.48 26.78
N THR C 97 -8.68 3.43 27.35
CA THR C 97 -9.45 2.56 28.24
C THR C 97 -9.98 3.32 29.44
N TRP C 98 -9.17 4.24 29.99
CA TRP C 98 -9.66 5.09 31.07
C TRP C 98 -10.95 5.80 30.66
N TRP C 99 -10.95 6.39 29.46
CA TRP C 99 -12.14 7.08 28.98
C TRP C 99 -13.34 6.15 28.90
N ASN C 100 -13.12 4.86 28.78
CA ASN C 100 -14.21 3.90 28.68
C ASN C 100 -14.67 3.36 30.03
N ARG C 101 -14.02 3.76 31.13
CA ARG C 101 -14.41 3.30 32.45
C ARG C 101 -14.75 4.42 33.42
N ASN C 102 -14.21 5.62 33.23
CA ASN C 102 -14.60 6.77 34.04
C ASN C 102 -14.77 8.06 33.24
N GLY C 103 -14.66 8.01 31.92
CA GLY C 103 -14.82 9.19 31.11
C GLY C 103 -16.28 9.64 31.07
N PRO C 104 -16.52 10.83 30.53
CA PRO C 104 -17.90 11.33 30.44
C PRO C 104 -18.77 10.40 29.61
N THR C 105 -20.04 10.29 30.02
CA THR C 105 -21.02 9.46 29.34
C THR C 105 -22.07 10.33 28.68
N THR C 106 -22.67 9.80 27.62
CA THR C 106 -23.67 10.52 26.85
C THR C 106 -24.80 9.55 26.51
N SER C 107 -25.71 9.99 25.65
CA SER C 107 -26.83 9.17 25.20
C SER C 107 -26.53 8.73 23.77
N ALA C 108 -26.14 7.46 23.61
CA ALA C 108 -25.81 6.89 22.31
C ALA C 108 -27.03 6.27 21.62
N VAL C 109 -28.23 6.72 21.96
CA VAL C 109 -29.44 6.13 21.38
C VAL C 109 -29.53 6.43 19.89
N HIS C 110 -28.93 7.53 19.43
CA HIS C 110 -29.06 7.95 18.05
C HIS C 110 -28.01 7.36 17.11
N TYR C 111 -26.97 6.73 17.64
CA TYR C 111 -26.01 6.04 16.79
C TYR C 111 -26.67 4.97 15.92
N PRO C 112 -27.58 4.14 16.44
CA PRO C 112 -28.32 3.24 15.56
C PRO C 112 -29.01 3.96 14.41
N LYS C 113 -29.56 5.14 14.67
CA LYS C 113 -30.21 5.91 13.61
C LYS C 113 -29.18 6.42 12.59
N ILE C 114 -27.98 6.78 13.03
CA ILE C 114 -26.96 7.26 12.10
C ILE C 114 -26.41 6.10 11.28
N TYR C 115 -25.77 5.14 11.94
CA TYR C 115 -25.15 4.00 11.26
C TYR C 115 -26.25 3.02 10.85
N LYS C 116 -27.08 3.48 9.91
CA LYS C 116 -28.22 2.69 9.48
C LYS C 116 -27.79 1.40 8.81
N THR C 117 -26.76 1.47 7.96
CA THR C 117 -26.36 0.31 7.18
C THR C 117 -25.94 -0.85 8.08
N TYR C 118 -25.04 -0.58 9.03
CA TYR C 118 -24.50 -1.65 9.87
C TYR C 118 -25.57 -2.26 10.76
N PHE C 119 -26.42 -1.42 11.37
CA PHE C 119 -27.48 -1.96 12.21
C PHE C 119 -28.51 -2.71 11.40
N GLU C 120 -28.78 -2.28 10.16
CA GLU C 120 -29.65 -3.06 9.30
C GLU C 120 -29.04 -4.42 8.97
N LYS C 121 -27.72 -4.46 8.74
CA LYS C 121 -27.05 -5.74 8.54
C LYS C 121 -27.24 -6.64 9.77
N VAL C 122 -27.04 -6.08 10.96
CA VAL C 122 -27.17 -6.87 12.18
C VAL C 122 -28.59 -7.40 12.33
N GLU C 123 -29.58 -6.54 12.09
CA GLU C 123 -30.97 -6.96 12.22
C GLU C 123 -31.30 -8.04 11.19
N ARG C 124 -30.82 -7.89 9.96
CA ARG C 124 -31.08 -8.88 8.93
C ARG C 124 -30.48 -10.23 9.31
N LEU C 125 -29.26 -10.24 9.84
CA LEU C 125 -28.63 -11.50 10.20
C LEU C 125 -29.26 -12.12 11.44
N LYS C 126 -29.69 -11.32 12.40
CA LYS C 126 -30.18 -11.87 13.67
C LYS C 126 -31.42 -12.72 13.44
N HIS C 127 -32.25 -12.35 12.48
CA HIS C 127 -33.49 -13.07 12.19
C HIS C 127 -33.36 -14.04 11.02
N GLY C 128 -32.14 -14.27 10.55
CA GLY C 128 -31.95 -15.23 9.48
C GLY C 128 -32.17 -16.66 9.93
N THR C 129 -32.49 -17.51 8.97
CA THR C 129 -32.74 -18.93 9.21
C THR C 129 -31.84 -19.74 8.30
N PHE C 130 -30.98 -20.57 8.90
CA PHE C 130 -30.07 -21.40 8.13
C PHE C 130 -30.77 -22.68 7.68
N GLY C 131 -30.06 -23.44 6.84
CA GLY C 131 -30.57 -24.69 6.34
C GLY C 131 -29.47 -25.73 6.19
N PRO C 132 -29.81 -26.89 5.63
CA PRO C 132 -28.79 -27.93 5.47
C PRO C 132 -27.71 -27.52 4.49
N VAL C 133 -26.51 -28.04 4.71
CA VAL C 133 -25.38 -27.82 3.82
C VAL C 133 -25.36 -28.93 2.78
N HIS C 134 -25.35 -28.55 1.51
CA HIS C 134 -25.35 -29.49 0.40
C HIS C 134 -23.98 -29.47 -0.27
N PHE C 135 -23.35 -30.63 -0.38
CA PHE C 135 -22.00 -30.75 -0.91
C PHE C 135 -22.09 -31.17 -2.37
N ARG C 136 -21.77 -30.22 -3.27
CA ARG C 136 -21.70 -30.50 -4.70
C ARG C 136 -20.91 -29.40 -5.36
N ASN C 137 -20.27 -29.72 -6.48
CA ASN C 137 -19.44 -28.75 -7.16
C ASN C 137 -20.26 -27.53 -7.54
N GLN C 138 -19.73 -26.35 -7.22
CA GLN C 138 -20.38 -25.08 -7.51
C GLN C 138 -19.70 -24.44 -8.70
N VAL C 139 -20.48 -24.09 -9.71
CA VAL C 139 -19.97 -23.44 -10.91
C VAL C 139 -20.03 -21.93 -10.63
N LYS C 140 -18.97 -21.41 -10.03
CA LYS C 140 -18.87 -20.00 -9.74
C LYS C 140 -18.57 -19.25 -11.03
N ILE C 141 -19.49 -18.39 -11.45
CA ILE C 141 -19.29 -17.55 -12.62
C ILE C 141 -19.25 -16.11 -12.17
N ARG C 142 -18.38 -15.33 -12.79
CA ARG C 142 -18.10 -13.97 -12.36
C ARG C 142 -19.09 -13.00 -12.99
N ARG C 143 -19.69 -12.16 -12.15
CA ARG C 143 -20.75 -11.26 -12.57
C ARG C 143 -20.63 -9.94 -11.82
N ARG C 144 -21.17 -8.88 -12.43
CA ARG C 144 -21.22 -7.57 -11.80
C ARG C 144 -22.50 -7.48 -10.97
N VAL C 145 -22.35 -7.21 -9.67
CA VAL C 145 -23.49 -7.17 -8.75
C VAL C 145 -23.35 -5.96 -7.83
N ASP C 146 -24.48 -5.51 -7.30
CA ASP C 146 -24.52 -4.39 -6.37
C ASP C 146 -24.36 -4.93 -4.95
N ILE C 147 -23.41 -4.37 -4.20
CA ILE C 147 -23.15 -4.85 -2.85
C ILE C 147 -24.00 -4.12 -1.83
N ASN C 148 -24.22 -2.83 -2.03
CA ASN C 148 -24.96 -2.05 -1.04
C ASN C 148 -26.43 -2.40 -1.11
N PRO C 149 -27.03 -2.92 -0.02
CA PRO C 149 -28.44 -3.34 -0.08
C PRO C 149 -29.43 -2.23 0.25
N GLY C 150 -28.98 -1.02 0.53
CA GLY C 150 -29.87 0.06 0.89
C GLY C 150 -29.78 1.25 -0.05
N HIS C 151 -29.09 1.08 -1.19
CA HIS C 151 -28.97 2.17 -2.15
C HIS C 151 -30.34 2.63 -2.59
N ALA C 152 -30.54 3.95 -2.58
CA ALA C 152 -31.82 4.55 -2.90
C ALA C 152 -31.98 4.88 -4.38
N ASP C 153 -31.25 4.19 -5.25
CA ASP C 153 -31.29 4.42 -6.69
C ASP C 153 -30.70 5.79 -7.04
N LEU C 154 -29.59 6.13 -6.39
CA LEU C 154 -28.91 7.40 -6.63
C LEU C 154 -27.43 7.14 -6.86
N SER C 155 -26.83 7.97 -7.72
CA SER C 155 -25.39 7.90 -7.95
C SER C 155 -24.66 8.73 -6.90
N ALA C 156 -23.33 8.79 -7.01
CA ALA C 156 -22.53 9.56 -6.07
C ALA C 156 -22.90 11.04 -6.13
N LYS C 157 -22.71 11.66 -7.29
CA LYS C 157 -23.05 13.07 -7.44
C LYS C 157 -24.53 13.31 -7.23
N GLU C 158 -25.37 12.39 -7.71
CA GLU C 158 -26.82 12.58 -7.61
C GLU C 158 -27.25 12.70 -6.15
N ALA C 159 -26.68 11.89 -5.27
CA ALA C 159 -27.02 11.94 -3.85
C ALA C 159 -26.16 12.91 -3.05
N GLN C 160 -25.08 13.42 -3.64
CA GLN C 160 -24.23 14.35 -2.91
C GLN C 160 -24.96 15.65 -2.60
N ASP C 161 -25.74 16.15 -3.56
CA ASP C 161 -26.54 17.34 -3.30
C ASP C 161 -27.58 17.08 -2.22
N VAL C 162 -28.21 15.91 -2.26
CA VAL C 162 -29.16 15.54 -1.22
C VAL C 162 -28.48 15.54 0.14
N ILE C 163 -27.28 14.97 0.20
CA ILE C 163 -26.56 14.89 1.47
C ILE C 163 -26.23 16.29 1.99
N MET C 164 -25.76 17.17 1.10
CA MET C 164 -25.46 18.52 1.55
C MET C 164 -26.71 19.21 2.07
N GLU C 165 -27.80 19.16 1.31
CA GLU C 165 -29.02 19.82 1.75
C GLU C 165 -29.55 19.22 3.05
N VAL C 166 -29.24 17.95 3.32
CA VAL C 166 -29.67 17.33 4.57
C VAL C 166 -28.79 17.80 5.73
N VAL C 167 -27.48 17.91 5.50
CA VAL C 167 -26.53 18.25 6.55
C VAL C 167 -26.12 19.72 6.48
N PHE C 168 -25.72 20.18 5.30
CA PHE C 168 -25.27 21.55 5.11
C PHE C 168 -26.27 22.31 4.24
N PRO C 169 -27.42 22.70 4.79
CA PRO C 169 -28.47 23.29 3.94
C PRO C 169 -28.06 24.63 3.32
N ASN C 170 -27.09 25.33 3.89
CA ASN C 170 -26.75 26.68 3.42
C ASN C 170 -25.71 26.69 2.31
N GLU C 171 -24.87 25.66 2.22
CA GLU C 171 -23.82 25.60 1.21
C GLU C 171 -24.27 24.89 -0.06
N VAL C 172 -25.57 24.62 -0.21
CA VAL C 172 -26.05 23.93 -1.40
C VAL C 172 -25.74 24.74 -2.66
N GLY C 173 -25.89 26.05 -2.60
CA GLY C 173 -25.65 26.90 -3.76
C GLY C 173 -26.81 26.96 -4.72
N ALA C 174 -26.53 26.81 -6.02
CA ALA C 174 -27.58 26.91 -7.02
C ALA C 174 -28.56 25.74 -6.91
N ARG C 175 -28.06 24.55 -6.62
CA ARG C 175 -28.87 23.35 -6.76
C ARG C 175 -30.06 23.40 -5.81
N ILE C 176 -31.25 23.13 -6.37
CA ILE C 176 -32.44 22.81 -5.60
C ILE C 176 -33.02 21.54 -6.21
N LEU C 177 -33.11 20.49 -5.40
CA LEU C 177 -33.29 19.15 -5.95
C LEU C 177 -34.67 19.03 -6.58
N THR C 178 -34.71 18.49 -7.81
CA THR C 178 -35.97 18.43 -8.55
C THR C 178 -36.72 17.13 -8.28
N SER C 179 -36.03 15.99 -8.37
CA SER C 179 -36.68 14.70 -8.20
C SER C 179 -37.36 14.61 -6.84
N GLU C 180 -38.61 14.15 -6.84
CA GLU C 180 -39.39 14.08 -5.61
C GLU C 180 -38.92 12.96 -4.68
N SER C 181 -38.32 11.90 -5.22
CA SER C 181 -37.68 10.91 -4.36
C SER C 181 -36.64 11.57 -3.48
N GLN C 182 -35.83 12.44 -4.07
CA GLN C 182 -34.86 13.19 -3.29
C GLN C 182 -35.55 14.08 -2.27
N LEU C 183 -36.70 14.65 -2.63
CA LEU C 183 -37.46 15.47 -1.68
C LEU C 183 -37.82 14.66 -0.44
N THR C 184 -38.41 13.48 -0.64
CA THR C 184 -38.83 12.67 0.50
C THR C 184 -37.63 12.19 1.31
N ILE C 185 -36.54 11.83 0.63
CA ILE C 185 -35.34 11.41 1.36
C ILE C 185 -34.81 12.55 2.21
N THR C 186 -34.75 13.76 1.65
CA THR C 186 -34.32 14.91 2.42
C THR C 186 -35.21 15.13 3.63
N LYS C 187 -36.52 15.08 3.43
CA LYS C 187 -37.44 15.30 4.54
C LYS C 187 -37.21 14.28 5.65
N GLU C 188 -37.14 13.00 5.29
CA GLU C 188 -37.01 11.94 6.28
C GLU C 188 -35.69 12.06 7.03
N LYS C 189 -34.58 12.16 6.29
CA LYS C 189 -33.27 12.22 6.95
C LYS C 189 -33.01 13.55 7.61
N LYS C 190 -33.84 14.56 7.33
CA LYS C 190 -33.73 15.84 8.04
C LYS C 190 -34.44 15.75 9.38
N GLU C 191 -35.69 15.30 9.37
CA GLU C 191 -36.43 15.19 10.63
C GLU C 191 -35.86 14.11 11.52
N GLU C 192 -35.20 13.10 10.95
CA GLU C 192 -34.68 12.01 11.76
C GLU C 192 -33.39 12.42 12.49
N LEU C 193 -32.53 13.18 11.82
CA LEU C 193 -31.22 13.55 12.36
C LEU C 193 -31.16 15.03 12.73
N GLN C 194 -32.25 15.56 13.28
CA GLN C 194 -32.38 17.01 13.41
C GLN C 194 -31.41 17.58 14.46
N ASP C 195 -31.15 16.82 15.53
CA ASP C 195 -30.26 17.28 16.58
C ASP C 195 -29.08 16.35 16.83
N CYS C 196 -28.86 15.36 15.98
CA CYS C 196 -27.73 14.45 16.18
C CYS C 196 -26.42 15.22 16.13
N LYS C 197 -25.55 14.95 17.09
CA LYS C 197 -24.33 15.72 17.30
C LYS C 197 -23.09 14.85 17.19
N ILE C 198 -23.10 13.87 16.29
CA ILE C 198 -21.95 12.99 16.13
C ILE C 198 -20.86 13.75 15.41
N SER C 199 -21.10 14.08 14.15
CA SER C 199 -20.25 14.98 13.39
C SER C 199 -20.91 15.22 12.03
N PRO C 200 -20.85 16.43 11.47
CA PRO C 200 -21.39 16.62 10.13
C PRO C 200 -20.71 15.75 9.09
N LEU C 201 -19.39 15.57 9.20
CA LEU C 201 -18.65 14.83 8.18
C LEU C 201 -19.02 13.35 8.20
N MET C 202 -19.07 12.74 9.38
CA MET C 202 -19.43 11.32 9.45
C MET C 202 -20.88 11.11 9.04
N VAL C 203 -21.77 12.01 9.42
CA VAL C 203 -23.17 11.90 8.99
C VAL C 203 -23.24 11.93 7.47
N ALA C 204 -22.53 12.87 6.85
CA ALA C 204 -22.53 12.96 5.40
C ALA C 204 -21.95 11.70 4.77
N TYR C 205 -20.85 11.19 5.33
CA TYR C 205 -20.22 9.99 4.78
C TYR C 205 -21.16 8.80 4.83
N MET C 206 -21.83 8.60 5.97
CA MET C 206 -22.72 7.46 6.09
C MET C 206 -23.97 7.62 5.24
N LEU C 207 -24.48 8.85 5.08
CA LEU C 207 -25.58 9.06 4.15
C LEU C 207 -25.15 8.74 2.73
N GLU C 208 -23.94 9.14 2.35
CA GLU C 208 -23.42 8.79 1.03
C GLU C 208 -23.36 7.28 0.86
N ARG C 209 -22.85 6.59 1.88
CA ARG C 209 -22.74 5.13 1.79
C ARG C 209 -24.12 4.49 1.65
N GLU C 210 -25.09 4.97 2.42
CA GLU C 210 -26.42 4.35 2.43
C GLU C 210 -27.17 4.61 1.13
N LEU C 211 -27.20 5.86 0.67
CA LEU C 211 -28.03 6.20 -0.47
C LEU C 211 -27.36 5.90 -1.81
N VAL C 212 -26.06 6.11 -1.92
CA VAL C 212 -25.38 5.94 -3.20
C VAL C 212 -25.28 4.47 -3.54
N ARG C 213 -25.60 4.14 -4.79
CA ARG C 213 -25.44 2.79 -5.30
C ARG C 213 -23.99 2.52 -5.66
N LYS C 214 -23.52 1.33 -5.29
CA LYS C 214 -22.15 0.92 -5.58
C LYS C 214 -22.20 -0.51 -6.10
N THR C 215 -21.30 -0.82 -7.03
CA THR C 215 -21.33 -2.09 -7.74
C THR C 215 -19.90 -2.62 -7.85
N ARG C 216 -19.77 -3.95 -7.79
CA ARG C 216 -18.47 -4.59 -7.90
C ARG C 216 -18.64 -5.94 -8.58
N PHE C 217 -17.55 -6.42 -9.14
CA PHE C 217 -17.54 -7.65 -9.91
C PHE C 217 -17.06 -8.77 -8.99
N LEU C 218 -17.85 -9.84 -8.90
CA LEU C 218 -17.58 -10.90 -7.93
C LEU C 218 -17.93 -12.25 -8.53
N PRO C 219 -17.26 -13.33 -8.09
CA PRO C 219 -17.66 -14.68 -8.51
C PRO C 219 -18.85 -15.18 -7.70
N VAL C 220 -19.99 -15.35 -8.36
CA VAL C 220 -21.22 -15.73 -7.71
C VAL C 220 -21.73 -17.04 -8.32
N ALA C 221 -22.56 -17.73 -7.54
CA ALA C 221 -23.28 -18.92 -8.00
C ALA C 221 -24.65 -18.90 -7.36
N GLY C 222 -25.67 -18.52 -8.14
CA GLY C 222 -26.98 -18.30 -7.58
C GLY C 222 -27.10 -16.93 -6.94
N GLY C 223 -28.07 -16.81 -6.04
CA GLY C 223 -28.26 -15.56 -5.32
C GLY C 223 -28.53 -14.39 -6.24
N THR C 224 -27.54 -13.51 -6.39
CA THR C 224 -27.55 -12.33 -7.25
C THR C 224 -28.34 -11.18 -6.61
N SER C 225 -29.00 -11.40 -5.48
CA SER C 225 -29.74 -10.35 -4.82
C SER C 225 -28.81 -9.56 -3.88
N SER C 226 -29.19 -8.30 -3.63
CA SER C 226 -28.35 -7.45 -2.80
C SER C 226 -28.20 -8.02 -1.40
N VAL C 227 -29.31 -8.47 -0.81
CA VAL C 227 -29.26 -9.05 0.53
C VAL C 227 -28.50 -10.37 0.54
N TYR C 228 -28.52 -11.12 -0.57
CA TYR C 228 -27.84 -12.41 -0.63
C TYR C 228 -26.38 -12.29 -1.01
N ILE C 229 -25.91 -11.09 -1.37
CA ILE C 229 -24.51 -10.92 -1.74
C ILE C 229 -23.64 -10.53 -0.54
N GLU C 230 -24.21 -9.83 0.44
CA GLU C 230 -23.44 -9.47 1.63
C GLU C 230 -23.02 -10.71 2.40
N VAL C 231 -23.80 -11.78 2.34
CA VAL C 231 -23.46 -13.03 2.99
C VAL C 231 -22.94 -14.05 1.99
N LEU C 232 -22.43 -13.59 0.85
CA LEU C 232 -21.92 -14.50 -0.17
C LEU C 232 -20.79 -15.36 0.37
N HIS C 233 -20.05 -14.90 1.37
CA HIS C 233 -18.99 -15.69 1.97
C HIS C 233 -19.55 -16.86 2.78
N LEU C 234 -20.77 -16.75 3.29
CA LEU C 234 -21.35 -17.76 4.16
C LEU C 234 -22.26 -18.74 3.43
N THR C 235 -22.81 -18.36 2.29
CA THR C 235 -23.76 -19.20 1.58
C THR C 235 -23.13 -20.02 0.45
N GLN C 236 -22.05 -19.54 -0.16
CA GLN C 236 -21.43 -20.19 -1.30
C GLN C 236 -19.97 -20.49 -1.01
N GLY C 237 -19.53 -21.69 -1.39
CA GLY C 237 -18.15 -22.08 -1.22
C GLY C 237 -17.60 -22.82 -2.42
N THR C 238 -16.47 -23.50 -2.24
CA THR C 238 -15.86 -24.22 -3.36
C THR C 238 -16.61 -25.50 -3.68
N CYS C 239 -17.06 -26.23 -2.65
CA CYS C 239 -17.76 -27.49 -2.85
C CYS C 239 -18.96 -27.65 -1.94
N TRP C 240 -19.47 -26.56 -1.36
CA TRP C 240 -20.58 -26.63 -0.44
C TRP C 240 -21.46 -25.42 -0.61
N GLU C 241 -22.77 -25.63 -0.46
CA GLU C 241 -23.76 -24.56 -0.50
C GLU C 241 -24.57 -24.59 0.78
N GLN C 242 -24.72 -23.42 1.40
CA GLN C 242 -25.42 -23.26 2.67
C GLN C 242 -26.66 -22.41 2.42
N MET C 243 -27.83 -23.05 2.38
CA MET C 243 -29.07 -22.31 2.16
C MET C 243 -29.29 -21.32 3.31
N TYR C 244 -29.65 -20.10 2.95
CA TYR C 244 -29.81 -19.03 3.92
C TYR C 244 -30.91 -18.09 3.45
N THR C 245 -31.65 -17.54 4.41
CA THR C 245 -32.72 -16.59 4.13
C THR C 245 -32.63 -15.44 5.13
N PRO C 246 -32.11 -14.29 4.72
CA PRO C 246 -31.97 -13.17 5.66
C PRO C 246 -33.27 -12.81 6.36
N GLY C 247 -33.19 -12.05 7.45
CA GLY C 247 -34.38 -11.72 8.21
C GLY C 247 -35.36 -10.84 7.46
N GLY C 248 -34.87 -10.09 6.47
CA GLY C 248 -35.76 -9.22 5.72
C GLY C 248 -36.87 -9.97 5.01
N GLU C 249 -36.54 -11.12 4.42
CA GLU C 249 -37.51 -11.93 3.71
C GLU C 249 -38.21 -12.90 4.66
N GLN F 1 15.87 -49.77 23.12
CA GLN F 1 14.98 -49.57 21.93
C GLN F 1 15.52 -50.09 20.62
N VAL F 2 16.76 -49.75 20.19
CA VAL F 2 17.44 -50.49 19.12
C VAL F 2 18.76 -50.98 19.69
N GLN F 3 19.21 -52.18 19.27
CA GLN F 3 20.52 -52.71 19.59
C GLN F 3 21.24 -52.91 18.26
N LEU F 4 22.54 -52.59 18.22
CA LEU F 4 23.29 -52.52 16.98
C LEU F 4 24.44 -53.49 17.04
N GLN F 5 24.52 -54.39 16.05
CA GLN F 5 25.58 -55.38 15.98
C GLN F 5 26.38 -55.22 14.71
N GLU F 6 27.70 -54.93 14.84
CA GLU F 6 28.60 -54.73 13.73
C GLU F 6 29.30 -56.02 13.32
N SER F 7 29.79 -56.08 12.07
CA SER F 7 30.57 -57.21 11.61
C SER F 7 31.46 -56.82 10.45
N GLY F 8 32.42 -57.70 10.05
CA GLY F 8 33.23 -57.54 8.84
C GLY F 8 34.51 -56.76 8.96
N GLY F 9 34.92 -56.38 10.20
CA GLY F 9 36.21 -55.70 10.39
C GLY F 9 37.43 -56.57 10.19
N GLY F 10 38.65 -56.03 10.41
CA GLY F 10 39.88 -56.82 10.34
C GLY F 10 41.02 -56.15 9.64
N LEU F 11 41.87 -56.98 9.01
CA LEU F 11 43.19 -56.60 8.55
C LEU F 11 43.24 -56.74 7.04
N VAL F 12 43.69 -55.68 6.36
CA VAL F 12 43.60 -55.55 4.93
C VAL F 12 44.85 -54.82 4.46
N GLN F 13 45.27 -55.04 3.21
CA GLN F 13 46.46 -54.45 2.64
C GLN F 13 46.14 -53.10 1.98
N PRO F 14 47.06 -52.15 1.83
CA PRO F 14 46.88 -50.95 1.03
C PRO F 14 46.36 -51.19 -0.38
N GLY F 15 45.30 -50.49 -0.78
CA GLY F 15 44.63 -50.65 -2.07
C GLY F 15 43.54 -51.68 -2.04
N GLY F 16 43.45 -52.46 -0.96
CA GLY F 16 42.44 -53.49 -0.78
C GLY F 16 41.06 -52.98 -0.49
N SER F 17 40.13 -53.95 -0.27
CA SER F 17 38.73 -53.68 -0.05
C SER F 17 38.27 -54.44 1.16
N LEU F 18 37.25 -53.92 1.87
CA LEU F 18 36.71 -54.53 3.07
C LEU F 18 35.24 -54.17 3.15
N ARG F 19 34.38 -55.02 3.74
CA ARG F 19 32.96 -54.76 3.80
C ARG F 19 32.47 -54.90 5.21
N LEU F 20 32.03 -53.78 5.81
CA LEU F 20 31.45 -53.77 7.14
C LEU F 20 29.95 -53.94 7.01
N SER F 21 29.30 -54.48 8.05
CA SER F 21 27.85 -54.47 8.13
C SER F 21 27.44 -54.11 9.53
N CYS F 22 26.18 -53.66 9.68
CA CYS F 22 25.57 -53.31 10.92
C CYS F 22 24.16 -53.83 10.84
N THR F 23 23.79 -54.71 11.78
CA THR F 23 22.45 -55.24 11.93
C THR F 23 21.82 -54.50 13.07
N ALA F 24 20.64 -53.87 12.83
CA ALA F 24 19.89 -53.17 13.85
C ALA F 24 18.66 -53.97 14.22
N SER F 25 18.37 -54.10 15.53
CA SER F 25 17.20 -54.86 15.97
C SER F 25 16.46 -54.23 17.13
N VAL F 34 20.83 -43.89 9.86
CA VAL F 34 21.79 -44.85 10.33
C VAL F 34 23.08 -44.51 9.63
N GLY F 35 24.23 -44.61 10.32
CA GLY F 35 25.50 -44.32 9.67
C GLY F 35 26.66 -45.03 10.27
N TRP F 36 27.83 -44.74 9.70
CA TRP F 36 29.11 -45.25 10.13
C TRP F 36 30.03 -44.10 10.46
N TYR F 37 30.73 -44.25 11.58
CA TYR F 37 31.65 -43.26 12.09
C TYR F 37 32.94 -44.00 12.36
N ARG F 38 34.08 -43.29 12.45
CA ARG F 38 35.33 -43.96 12.80
C ARG F 38 36.12 -43.11 13.76
N GLN F 39 36.96 -43.74 14.59
CA GLN F 39 37.87 -43.04 15.46
C GLN F 39 39.26 -43.63 15.35
N ILE F 40 40.23 -42.80 14.91
CA ILE F 40 41.64 -43.16 14.81
C ILE F 40 42.29 -42.85 16.16
N SER F 41 43.32 -43.63 16.58
CA SER F 41 44.15 -43.35 17.76
C SER F 41 44.55 -41.90 17.93
N GLY F 42 44.13 -41.28 19.05
CA GLY F 42 44.47 -39.90 19.38
C GLY F 42 43.69 -38.86 18.63
N LYS F 43 42.69 -39.28 17.82
CA LYS F 43 41.86 -38.37 17.05
C LYS F 43 40.43 -38.45 17.53
N GLU F 44 39.64 -37.41 17.22
CA GLU F 44 38.21 -37.37 17.41
C GLU F 44 37.44 -38.33 16.52
N ARG F 45 36.22 -38.71 16.94
CA ARG F 45 35.33 -39.52 16.14
C ARG F 45 34.74 -38.77 14.95
N GLU F 46 34.97 -39.23 13.70
CA GLU F 46 34.52 -38.55 12.50
C GLU F 46 33.40 -39.33 11.81
N LEU F 47 32.44 -38.65 11.12
CA LEU F 47 31.48 -39.28 10.22
C LEU F 47 32.16 -39.87 9.00
N VAL F 48 31.83 -41.12 8.63
CA VAL F 48 32.32 -41.72 7.40
C VAL F 48 31.23 -41.62 6.35
N ALA F 49 30.04 -42.17 6.66
CA ALA F 49 28.92 -42.16 5.76
C ALA F 49 27.64 -42.31 6.56
N ARG F 50 26.50 -41.84 6.02
CA ARG F 50 25.21 -42.03 6.65
C ARG F 50 24.13 -42.12 5.60
N ILE F 51 23.01 -42.77 5.96
CA ILE F 51 21.95 -43.07 5.03
C ILE F 51 20.59 -43.02 5.75
N THR F 58 21.96 -40.28 0.89
CA THR F 58 23.22 -40.66 1.47
C THR F 58 24.08 -39.43 1.65
N ASP F 59 25.07 -39.51 2.54
CA ASP F 59 25.98 -38.44 2.84
C ASP F 59 27.30 -39.13 3.18
N TYR F 60 28.44 -38.50 2.84
CA TYR F 60 29.74 -39.12 2.83
C TYR F 60 30.77 -38.08 3.16
N SER F 61 31.77 -38.42 4.00
CA SER F 61 32.93 -37.57 4.18
C SER F 61 33.79 -37.44 2.93
N ASP F 62 34.43 -36.26 2.71
CA ASP F 62 35.25 -35.97 1.55
C ASP F 62 36.46 -36.90 1.38
N SER F 63 37.03 -37.38 2.50
CA SER F 63 38.12 -38.33 2.55
C SER F 63 37.79 -39.70 1.95
N VAL F 64 36.51 -40.11 1.98
CA VAL F 64 36.08 -41.41 1.48
C VAL F 64 35.24 -41.36 0.21
N LYS F 65 34.92 -40.15 -0.34
CA LYS F 65 34.12 -40.05 -1.56
C LYS F 65 34.72 -40.75 -2.77
N GLY F 66 33.90 -41.58 -3.46
CA GLY F 66 34.31 -42.35 -4.62
C GLY F 66 35.09 -43.61 -4.29
N ARG F 67 35.27 -43.88 -2.98
CA ARG F 67 36.00 -45.02 -2.49
C ARG F 67 35.12 -45.90 -1.63
N PHE F 68 34.26 -45.30 -0.80
CA PHE F 68 33.40 -46.01 0.11
C PHE F 68 31.95 -45.77 -0.28
N THR F 69 31.12 -46.84 -0.24
CA THR F 69 29.70 -46.78 -0.60
C THR F 69 28.87 -47.41 0.49
N ILE F 70 27.85 -46.68 1.01
CA ILE F 70 26.94 -47.14 2.04
C ILE F 70 25.61 -47.53 1.40
N THR F 71 24.98 -48.64 1.88
CA THR F 71 23.67 -49.06 1.39
C THR F 71 22.82 -49.42 2.58
N ARG F 72 21.47 -49.46 2.40
CA ARG F 72 20.56 -49.76 3.48
C ARG F 72 19.44 -50.63 2.96
N ASP F 73 19.20 -51.77 3.63
CA ASP F 73 18.05 -52.61 3.41
C ASP F 73 17.15 -52.40 4.62
N ASN F 74 16.00 -51.73 4.42
CA ASN F 74 15.00 -51.46 5.44
C ASN F 74 14.29 -52.73 5.87
N THR F 75 14.14 -53.72 4.95
CA THR F 75 13.44 -54.98 5.18
C THR F 75 14.11 -55.77 6.29
N LYS F 76 15.46 -55.71 6.33
CA LYS F 76 16.25 -56.48 7.27
C LYS F 76 17.01 -55.59 8.24
N ASN F 77 16.72 -54.27 8.25
CA ASN F 77 17.37 -53.23 9.05
C ASN F 77 18.88 -53.32 9.10
N THR F 78 19.50 -53.34 7.92
CA THR F 78 20.93 -53.61 7.80
C THR F 78 21.60 -52.57 6.94
N VAL F 79 22.76 -52.06 7.42
CA VAL F 79 23.46 -50.96 6.78
C VAL F 79 24.90 -51.37 6.52
N TYR F 80 25.13 -51.83 5.27
CA TYR F 80 26.41 -52.24 4.77
C TYR F 80 27.25 -51.05 4.39
N LEU F 81 28.57 -51.12 4.67
CA LEU F 81 29.53 -50.15 4.20
C LEU F 81 30.57 -50.89 3.41
N GLN F 82 30.64 -50.61 2.10
CA GLN F 82 31.66 -51.16 1.25
C GLN F 82 32.81 -50.18 1.19
N MET F 83 34.01 -50.61 1.58
CA MET F 83 35.18 -49.75 1.59
C MET F 83 36.17 -50.27 0.57
N ASN F 84 36.49 -49.48 -0.46
CA ASN F 84 37.42 -49.85 -1.50
C ASN F 84 38.58 -48.86 -1.53
N SER F 85 39.74 -49.27 -2.09
CA SER F 85 40.93 -48.44 -2.23
C SER F 85 41.44 -47.96 -0.89
N LEU F 86 41.51 -48.87 0.10
CA LEU F 86 41.90 -48.59 1.46
C LEU F 86 43.32 -48.11 1.64
N LYS F 87 43.53 -47.18 2.59
CA LYS F 87 44.82 -46.57 2.82
C LYS F 87 45.15 -46.67 4.30
N ARG F 88 46.43 -46.45 4.68
CA ARG F 88 46.87 -46.50 6.06
C ARG F 88 46.19 -45.46 6.97
N GLY F 89 45.68 -44.37 6.38
CA GLY F 89 44.92 -43.34 7.07
C GLY F 89 43.48 -43.68 7.30
N ASP F 90 43.02 -44.86 6.83
CA ASP F 90 41.69 -45.35 7.10
C ASP F 90 41.72 -46.35 8.27
N THR F 91 42.90 -46.62 8.89
CA THR F 91 43.05 -47.46 10.10
C THR F 91 42.37 -46.88 11.31
N ALA F 92 41.25 -47.49 11.76
CA ALA F 92 40.47 -46.95 12.84
C ALA F 92 39.57 -48.00 13.50
N VAL F 93 38.93 -47.64 14.63
CA VAL F 93 37.76 -48.36 15.10
C VAL F 93 36.54 -47.74 14.45
N TYR F 94 35.73 -48.56 13.75
CA TYR F 94 34.56 -48.13 13.01
C TYR F 94 33.33 -48.49 13.81
N TYR F 95 32.43 -47.50 14.02
CA TYR F 95 31.23 -47.66 14.81
C TYR F 95 30.01 -47.39 13.96
N CYS F 96 29.02 -48.29 14.05
CA CYS F 96 27.66 -48.07 13.60
C CYS F 96 26.91 -47.16 14.54
N ASN F 97 25.95 -46.39 13.99
CA ASN F 97 25.11 -45.51 14.75
C ASN F 97 23.71 -45.53 14.15
N ALA F 98 22.67 -45.43 14.99
CA ALA F 98 21.29 -45.31 14.58
C ALA F 98 20.60 -44.26 15.42
N GLU F 99 19.78 -43.39 14.79
CA GLU F 99 18.95 -42.43 15.48
C GLU F 99 17.51 -42.93 15.63
N HIS F 108 20.57 -41.02 19.93
CA HIS F 108 21.64 -41.73 19.24
C HIS F 108 22.02 -43.03 19.93
N ILE F 109 22.06 -44.13 19.18
CA ILE F 109 22.51 -45.44 19.68
C ILE F 109 23.75 -45.83 18.91
N TRP F 110 24.77 -46.38 19.59
CA TRP F 110 26.05 -46.74 19.04
C TRP F 110 26.28 -48.23 19.16
N GLY F 111 26.94 -48.85 18.16
CA GLY F 111 27.52 -50.19 18.31
C GLY F 111 28.75 -50.22 19.19
N GLN F 112 29.39 -51.40 19.31
CA GLN F 112 30.54 -51.58 20.17
C GLN F 112 31.83 -51.15 19.50
N GLY F 113 31.87 -51.16 18.15
CA GLY F 113 33.03 -50.75 17.40
C GLY F 113 33.85 -51.90 16.88
N THR F 114 34.18 -51.86 15.59
CA THR F 114 34.92 -52.92 14.93
C THR F 114 36.21 -52.36 14.33
N GLN F 115 37.36 -52.98 14.67
CA GLN F 115 38.68 -52.56 14.22
C GLN F 115 38.91 -52.78 12.73
N VAL F 116 39.50 -51.78 12.05
CA VAL F 116 39.90 -51.87 10.66
C VAL F 116 41.34 -51.43 10.59
N THR F 117 42.24 -52.33 10.17
CA THR F 117 43.68 -52.05 10.15
C THR F 117 44.21 -52.25 8.75
N VAL F 118 44.65 -51.15 8.11
CA VAL F 118 45.17 -51.20 6.77
C VAL F 118 46.69 -51.24 6.82
#